data_9K9V
#
_entry.id   9K9V
#
_cell.length_a   1.00
_cell.length_b   1.00
_cell.length_c   1.00
_cell.angle_alpha   90.00
_cell.angle_beta   90.00
_cell.angle_gamma   90.00
#
_symmetry.space_group_name_H-M   'P 1'
#
loop_
_entity.id
_entity.type
_entity.pdbx_description
1 polymer 'DNA polymerase'
2 polymer 'Uracil-DNA glycosylase'
3 polymer 'DNA polymerase processivity factor'
4 polymer 'DNA (25-MER)'
5 polymer 'DNA (38-MER)'
#
loop_
_entity_poly.entity_id
_entity_poly.type
_entity_poly.pdbx_seq_one_letter_code
_entity_poly.pdbx_strand_id
1 'polypeptide(L)'
;MWSHPQFEKGSGSWSHPQFEKGSGSMDVRCINWFESHGENRFLYLKSRCRNGETVFIRFPHYFYYVVTDEIYQSLSPPPF
NARPMGKMRTIDIDETISYNLDIKDRKCSVADMWLIEEPKKRSIQNATMDEFFNISWFYISNGISPDGCYSLDEQYLTKI
NNGCYHCDDPRNCFAKEIPRFDIPRSYLFLAIACHFDKKFPSVFINPISHTSYCYIDLSGKRLLFTLINEEMLTEQEIQE
AVDRGCLRIQSLMEMDYERELVLCSEIVLLRIAKQLLELTFDYVVTFNGHNFDLRYITNRLELLTGEKIIFRSPDKKEAV
HLCIYERNQSSHKGVCGMANTTFHVNNNNGTIFFDLYSFIQKSEKLDSYKLDSISKNAFSCMGKVLNRGVREMTFIGDDT
TDAKGKADTFAKVLTTGNYVTVDEDIICKVIRKDILENGFKVVLSCPTLPNDIYKLSFGKDDIDLAQMYKDYNLNIALDM
ARYCIHDACLCQYLWEYYGVETKTDAGAATYVLPQSMVFEYRASTIIKGPLLKLLLETKTILVRSETKQKFPYEGGKVFA
PKQKMFSNNVLIFDYNSLYPNVCIFGNLSPETLVGVVVSTNRLEEEINNQLLLQKYPPPRYITVHCEPRLPNLISEIAIF
DRSIEGTIPRLLRTFLAERARYKKMLKQATSSTEKAIYDSMQYTYKIVANSVYGLMGFRNSALYSYASAKSCTSIGRRMI
LYLESVLNGAELSNGMLRFANTLSNPFYMDDRDINPIVKTSLPIDYRFRFRSVYGDTDSVFTEIDSQDVDKSIEIAKELE
RLINSRVLFNNFKIEFEAVYKNLIMQSKKKYTTMKYSASSNSKSVPERINKGTSETRRDVSKFHKNMIKTYKTRLSEMLS
EGRMNSNQVCIDILRSLETDLRSEFDSRSSPLELFMLSRMHHSNYKSADNPNMYLVTEYNKNNPETIELGERYYFAYICP
ANVPWTKKLVNIKTYETIIDRSFKLGSNQRIFYEVYFKRLTSEIVNLLDNKVLCISFFQRMFGSRPTFYEA
;
A
2 'polypeptide(L)'
;MNSVTISHAPYTITYHDDWEPVMSQLVEFYNEVASWLLRDETSPIPDKFFIQLKQPLRNKRVCVCGIDPYPKDGTGVPFE
SPNFTKKSIKEIASSISRLTGVIDYKGYNLNIIDGVIPWNYYLSCKLGETKSHAIYWDKISKLLLQHITKHVSVLYCLGK
TDFSNIRAKLESPVTTIVGYHPAARDHQFEKDRSFEIINVLLELDNKTPINWAQGFIY
;
B
3 'polypeptide(L)'
;MTSSADLTNLKELLSLYKSLRFSDSVAIEKYNSLVEWGTSTYWKIGVQKVTNVETSISDYYDEVKNKPFNIDPGYYIFLP
VYFGSVFIYSKGKNMVELGSGNSFQIPDEIRSACNKVLDSDNGIDFLRFVLLNNRWIMEDAISKYQSPVNIFKLASEYGL
NIPNYLEIEIEEDTLFDDELYSIMERSFDDTFPKISISYIKLGELKRQVVDFFKFSFMYIESIKVDRIGDNIFIPSVITK
SGKKILVKDVDHLIRSKVREHTFVKVKKKNTFSILYDYDGNGTETRGEVIKRIIDTIGRDYYVNGKYFSKVGIAGLKQLT
NKLDINECATVDELVDEINKSGTVKRKIKNQSVFDLSRECLGYPEADFITLVNNMRFKIENCKVVNFNIENTNCLNNPSI
ETIYGNFNQFVSIFNTVTDVKKRLFE
;
C
4 'polydeoxyribonucleotide'
;(DA)(DG)(DC)(DT)(DA)(DT)(DG)(DA)(DC)(DC)(DA)(DT)(DG)(DA)(DT)(DT)(DA)(DC)(DG)(DA)
(DA)(DT)(DT)(DG)(DT)
;
P
5 'polydeoxyribonucleotide'
;(DC)(DT)(DG)(DC)(DA)(DC)(DG)(DA)(DA)(DT)(DT)(DA)(DA)(DG)(DC)(DA)(DA)(DT)(DT)(DC)
(DG)(DT)(DA)(DA)(DT)(DC)(DA)(DT)(DG)(DG)(DT)(DC)(DA)(DT)(DA)(DG)(DC)(DT)
;
E
#
# COMPACT_ATOMS: atom_id res chain seq x y z
N MET A 26 41.03 6.31 30.52
CA MET A 26 39.58 6.20 30.55
C MET A 26 39.07 6.19 29.09
N ASP A 27 39.66 5.31 28.28
CA ASP A 27 39.26 5.16 26.90
C ASP A 27 38.12 4.16 26.81
N VAL A 28 37.04 4.55 26.15
CA VAL A 28 35.85 3.70 26.04
C VAL A 28 35.41 3.61 24.59
N ARG A 29 34.88 2.45 24.22
CA ARG A 29 34.25 2.22 22.93
C ARG A 29 32.78 1.92 23.17
N CYS A 30 31.90 2.59 22.42
CA CYS A 30 30.47 2.46 22.62
C CYS A 30 29.94 1.17 22.02
N ILE A 31 28.86 0.67 22.61
CA ILE A 31 28.20 -0.56 22.16
C ILE A 31 26.73 -0.32 21.85
N ASN A 32 26.02 0.39 22.73
CA ASN A 32 24.58 0.58 22.54
C ASN A 32 24.15 1.89 23.18
N TRP A 33 23.03 2.42 22.67
CA TRP A 33 22.33 3.55 23.26
C TRP A 33 20.86 3.22 23.34
N PHE A 34 20.28 3.34 24.53
CA PHE A 34 18.89 2.95 24.73
C PHE A 34 18.23 3.91 25.71
N GLU A 35 16.91 4.05 25.58
CA GLU A 35 16.13 5.06 26.28
C GLU A 35 15.29 4.42 27.38
N SER A 36 14.98 5.21 28.40
CA SER A 36 14.17 4.79 29.53
C SER A 36 12.77 5.37 29.40
N HIS A 37 11.77 4.52 29.50
CA HIS A 37 10.37 4.90 29.25
C HIS A 37 9.56 4.99 30.54
N GLY A 38 10.17 5.44 31.63
CA GLY A 38 9.46 5.64 32.88
C GLY A 38 8.88 7.04 32.98
N GLU A 39 8.51 7.41 34.21
CA GLU A 39 8.02 8.75 34.46
C GLU A 39 9.10 9.79 34.16
N ASN A 40 10.34 9.52 34.59
CA ASN A 40 11.48 10.36 34.28
C ASN A 40 12.30 9.66 33.21
N ARG A 41 12.52 10.34 32.08
CA ARG A 41 13.19 9.73 30.96
C ARG A 41 14.63 10.22 30.85
N PHE A 42 15.53 9.26 30.57
CA PHE A 42 16.94 9.54 30.38
C PHE A 42 17.41 8.81 29.14
N LEU A 43 18.71 8.91 28.85
CA LEU A 43 19.34 8.16 27.78
C LEU A 43 20.60 7.49 28.33
N TYR A 44 20.92 6.33 27.77
CA TYR A 44 21.95 5.47 28.32
C TYR A 44 23.02 5.16 27.28
N LEU A 45 24.27 5.21 27.71
CA LEU A 45 25.42 4.80 26.92
C LEU A 45 26.08 3.60 27.59
N LYS A 46 26.18 2.50 26.87
CA LYS A 46 26.88 1.31 27.34
C LYS A 46 28.20 1.23 26.60
N SER A 47 29.29 1.12 27.34
CA SER A 47 30.61 1.18 26.74
C SER A 47 31.54 0.18 27.40
N ARG A 48 32.60 -0.18 26.68
CA ARG A 48 33.62 -1.07 27.22
C ARG A 48 34.99 -0.42 27.11
N CYS A 49 35.80 -0.62 28.13
CA CYS A 49 37.16 -0.09 28.16
C CYS A 49 38.10 -1.08 27.50
N ARG A 50 39.42 -0.83 27.62
CA ARG A 50 40.39 -1.74 27.02
C ARG A 50 40.45 -3.06 27.78
N ASN A 51 40.42 -3.02 29.12
CA ASN A 51 40.52 -4.24 29.91
C ASN A 51 39.32 -5.15 29.70
N GLY A 52 38.12 -4.58 29.64
CA GLY A 52 36.92 -5.37 29.47
C GLY A 52 35.80 -4.98 30.40
N GLU A 53 36.01 -3.92 31.18
CA GLU A 53 34.98 -3.45 32.11
C GLU A 53 33.83 -2.79 31.35
N THR A 54 32.64 -2.88 31.95
CA THR A 54 31.43 -2.30 31.38
C THR A 54 31.08 -1.02 32.13
N VAL A 55 30.84 0.05 31.38
CA VAL A 55 30.53 1.36 31.94
C VAL A 55 29.20 1.84 31.37
N PHE A 56 28.29 2.25 32.25
CA PHE A 56 27.04 2.86 31.86
C PHE A 56 27.07 4.34 32.19
N ILE A 57 26.64 5.18 31.24
CA ILE A 57 26.58 6.61 31.41
C ILE A 57 25.17 7.09 31.14
N ARG A 58 24.64 7.94 32.01
CA ARG A 58 23.27 8.42 31.89
C ARG A 58 23.26 9.91 31.58
N PHE A 59 22.52 10.29 30.52
CA PHE A 59 22.32 11.63 30.03
C PHE A 59 20.87 12.05 30.17
N PRO A 60 20.58 13.33 30.36
CA PRO A 60 19.20 13.81 30.27
C PRO A 60 18.83 14.10 28.83
N HIS A 61 17.63 13.67 28.44
CA HIS A 61 17.16 13.80 27.07
C HIS A 61 16.14 14.92 26.97
N TYR A 62 16.38 15.86 26.06
CA TYR A 62 15.58 17.05 25.90
C TYR A 62 14.74 16.99 24.63
N PHE A 63 13.89 17.99 24.47
CA PHE A 63 13.10 18.17 23.25
C PHE A 63 13.69 19.33 22.46
N TYR A 64 14.01 19.09 21.19
CA TYR A 64 14.77 20.04 20.38
C TYR A 64 13.86 20.76 19.41
N TYR A 65 13.99 22.09 19.34
CA TYR A 65 13.15 22.91 18.47
C TYR A 65 14.01 23.93 17.74
N VAL A 66 13.60 24.27 16.53
CA VAL A 66 14.30 25.24 15.68
C VAL A 66 13.36 26.40 15.41
N VAL A 67 13.81 27.61 15.73
CA VAL A 67 12.98 28.81 15.60
C VAL A 67 13.81 29.90 14.92
N THR A 68 13.11 30.96 14.51
CA THR A 68 13.77 32.13 13.95
C THR A 68 14.07 33.13 15.06
N ASP A 69 14.97 34.07 14.77
CA ASP A 69 15.44 35.00 15.80
C ASP A 69 14.29 35.79 16.40
N GLU A 70 13.38 36.30 15.57
CA GLU A 70 12.25 37.05 16.09
C GLU A 70 11.34 36.16 16.94
N ILE A 71 11.15 34.90 16.53
CA ILE A 71 10.33 34.00 17.31
C ILE A 71 10.99 33.67 18.64
N TYR A 72 12.32 33.52 18.63
CA TYR A 72 13.04 33.28 19.88
C TYR A 72 12.90 34.46 20.84
N GLN A 73 13.01 35.69 20.32
CA GLN A 73 12.93 36.87 21.16
C GLN A 73 11.52 37.13 21.69
N SER A 74 10.51 36.42 21.20
CA SER A 74 9.12 36.67 21.56
C SER A 74 8.44 35.44 22.16
N LEU A 75 9.13 34.76 23.09
CA LEU A 75 8.57 33.67 23.85
C LEU A 75 8.44 34.10 25.30
N SER A 76 7.22 34.05 25.83
CA SER A 76 6.99 34.57 27.19
C SER A 76 7.76 33.80 28.25
N PRO A 77 7.70 32.47 28.33
CA PRO A 77 8.64 31.76 29.21
C PRO A 77 9.92 31.42 28.46
N PRO A 78 11.04 31.99 28.87
CA PRO A 78 12.30 31.80 28.13
C PRO A 78 12.70 30.32 28.11
N PRO A 79 13.23 29.84 26.99
CA PRO A 79 13.62 28.44 26.89
C PRO A 79 14.71 28.08 27.89
N PHE A 80 14.80 26.78 28.18
CA PHE A 80 15.77 26.28 29.14
C PHE A 80 17.20 26.56 28.68
N ASN A 81 17.48 26.34 27.40
CA ASN A 81 18.78 26.67 26.84
C ASN A 81 18.64 26.86 25.33
N ALA A 82 19.35 27.85 24.79
CA ALA A 82 19.29 28.19 23.38
C ALA A 82 20.70 28.31 22.82
N ARG A 83 20.88 27.84 21.58
CA ARG A 83 22.18 27.85 20.93
C ARG A 83 22.04 28.37 19.50
N PRO A 84 22.76 29.42 19.13
CA PRO A 84 22.63 29.95 17.77
C PRO A 84 23.18 28.99 16.72
N MET A 85 22.61 29.07 15.52
CA MET A 85 23.09 28.31 14.38
C MET A 85 23.55 29.17 13.21
N GLY A 86 23.26 30.46 13.22
CA GLY A 86 23.69 31.35 12.16
C GLY A 86 22.59 31.66 11.17
N LYS A 87 23.03 32.18 10.02
CA LYS A 87 22.10 32.59 8.97
C LYS A 87 21.69 31.39 8.11
N MET A 88 20.39 31.07 8.15
CA MET A 88 19.85 30.01 7.32
C MET A 88 18.89 30.60 6.31
N ARG A 89 18.82 29.96 5.15
CA ARG A 89 17.93 30.35 4.06
C ARG A 89 16.81 29.33 3.95
N THR A 90 15.57 29.80 4.07
CA THR A 90 14.39 28.96 3.96
C THR A 90 13.79 29.10 2.57
N ILE A 91 13.49 27.97 1.94
CA ILE A 91 12.93 27.92 0.60
C ILE A 91 11.65 27.11 0.65
N ASP A 92 10.60 27.63 -0.01
CA ASP A 92 9.35 26.90 -0.13
C ASP A 92 9.43 26.01 -1.36
N ILE A 93 9.30 24.70 -1.15
CA ILE A 93 9.49 23.73 -2.22
C ILE A 93 8.16 23.19 -2.74
N ASP A 94 7.06 23.91 -2.49
CA ASP A 94 5.77 23.51 -3.04
C ASP A 94 5.74 23.79 -4.54
N GLU A 95 5.05 22.92 -5.27
CA GLU A 95 4.98 22.97 -6.72
C GLU A 95 3.61 23.45 -7.16
N THR A 96 3.58 24.37 -8.12
CA THR A 96 2.34 24.90 -8.69
C THR A 96 2.37 24.71 -10.20
N ILE A 97 1.33 24.24 -10.87
CA ILE A 97 1.47 24.14 -12.36
C ILE A 97 1.48 25.52 -13.02
N SER A 98 1.56 25.56 -14.35
CA SER A 98 1.65 26.85 -15.09
C SER A 98 1.22 26.63 -16.54
N TYR A 99 0.15 27.28 -16.99
CA TYR A 99 -0.36 27.06 -18.36
C TYR A 99 0.29 28.10 -19.25
N ASN A 100 1.38 28.66 -18.79
CA ASN A 100 2.10 29.69 -19.60
C ASN A 100 3.60 29.69 -19.30
N LEU A 101 4.40 30.68 -19.79
CA LEU A 101 5.86 30.75 -19.49
C LEU A 101 6.20 32.00 -18.69
N ASP A 102 5.22 32.60 -18.03
CA ASP A 102 5.51 33.73 -17.12
C ASP A 102 5.49 33.09 -15.73
N ILE A 103 6.63 32.54 -15.29
CA ILE A 103 6.65 31.78 -14.02
C ILE A 103 7.16 32.69 -12.90
N LYS A 104 6.56 32.59 -11.72
CA LYS A 104 6.96 33.41 -10.55
C LYS A 104 8.16 32.75 -9.88
N ASP A 105 9.17 33.50 -9.46
CA ASP A 105 10.39 32.94 -8.93
C ASP A 105 10.16 32.33 -7.55
N ARG A 106 11.06 31.43 -7.17
CA ARG A 106 11.04 30.85 -5.82
C ARG A 106 11.30 31.94 -4.79
N LYS A 107 10.61 31.84 -3.66
CA LYS A 107 10.76 32.81 -2.58
C LYS A 107 11.70 32.22 -1.53
N CYS A 108 12.70 33.01 -1.13
CA CYS A 108 13.69 32.58 -0.16
C CYS A 108 13.79 33.62 0.94
N SER A 109 13.92 33.14 2.18
CA SER A 109 13.96 34.00 3.36
C SER A 109 15.23 33.69 4.15
N VAL A 110 16.12 34.67 4.25
CA VAL A 110 17.41 34.50 4.92
C VAL A 110 17.33 35.18 6.28
N ALA A 111 17.59 34.41 7.34
CA ALA A 111 17.49 34.98 8.68
C ALA A 111 18.31 34.14 9.66
N ASP A 112 18.63 34.75 10.80
CA ASP A 112 19.29 34.03 11.88
C ASP A 112 18.34 33.00 12.47
N MET A 113 18.90 31.86 12.87
CA MET A 113 18.09 30.76 13.38
C MET A 113 18.66 30.26 14.69
N TRP A 114 17.80 29.74 15.55
CA TRP A 114 18.15 29.34 16.91
C TRP A 114 17.62 27.95 17.20
N LEU A 115 18.37 27.21 18.03
CA LEU A 115 18.00 25.87 18.46
C LEU A 115 17.80 25.89 19.98
N ILE A 116 16.66 25.38 20.43
CA ILE A 116 16.29 25.45 21.84
C ILE A 116 15.96 24.05 22.35
N GLU A 117 16.15 23.87 23.66
CA GLU A 117 15.96 22.59 24.33
C GLU A 117 14.96 22.74 25.47
N GLU A 118 13.89 21.96 25.42
CA GLU A 118 12.81 22.00 26.41
C GLU A 118 12.74 20.68 27.15
N PRO A 119 12.86 20.68 28.48
CA PRO A 119 12.73 19.41 29.22
C PRO A 119 11.39 18.73 29.00
N LYS A 120 10.32 19.48 28.84
CA LYS A 120 8.99 18.94 28.57
C LYS A 120 8.55 19.38 27.18
N LYS A 121 7.58 18.64 26.64
CA LYS A 121 7.07 18.95 25.31
C LYS A 121 6.40 20.32 25.31
N ARG A 122 6.76 21.13 24.32
CA ARG A 122 6.22 22.48 24.20
C ARG A 122 5.88 22.75 22.74
N SER A 123 4.73 23.39 22.53
CA SER A 123 4.25 23.68 21.18
C SER A 123 4.61 25.11 20.79
N ILE A 124 5.18 25.26 19.60
CA ILE A 124 5.53 26.56 19.04
C ILE A 124 4.84 26.68 17.69
N GLN A 125 4.15 27.81 17.48
CA GLN A 125 3.31 27.95 16.30
C GLN A 125 4.12 27.94 15.01
N ASN A 126 5.28 28.58 15.01
CA ASN A 126 6.07 28.76 13.79
C ASN A 126 7.42 28.07 13.92
N ALA A 127 7.43 26.90 14.56
CA ALA A 127 8.65 26.11 14.62
C ALA A 127 8.90 25.44 13.27
N THR A 128 10.19 25.33 12.91
CA THR A 128 10.59 24.76 11.64
C THR A 128 11.49 23.54 11.87
N MET A 129 11.69 22.77 10.81
CA MET A 129 12.49 21.55 10.83
C MET A 129 11.96 20.56 11.86
N ASP A 130 10.73 20.10 11.62
CA ASP A 130 9.99 19.28 12.57
C ASP A 130 9.88 17.83 12.13
N GLU A 131 10.71 17.37 11.20
CA GLU A 131 10.65 16.01 10.70
C GLU A 131 11.92 15.22 11.02
N PHE A 132 12.60 15.59 12.11
CA PHE A 132 13.83 14.92 12.52
C PHE A 132 13.70 14.46 13.97
N PHE A 133 14.33 13.33 14.28
CA PHE A 133 14.22 12.74 15.59
C PHE A 133 15.04 13.51 16.63
N ASN A 134 14.63 13.39 17.89
CA ASN A 134 15.34 14.03 18.98
C ASN A 134 16.73 13.44 19.19
N ILE A 135 16.87 12.12 19.00
CA ILE A 135 18.16 11.47 19.21
C ILE A 135 19.18 11.94 18.19
N SER A 136 18.76 12.13 16.94
CA SER A 136 19.66 12.65 15.92
C SER A 136 20.11 14.06 16.24
N TRP A 137 19.19 14.89 16.74
CA TRP A 137 19.57 16.23 17.18
C TRP A 137 20.58 16.17 18.32
N PHE A 138 20.35 15.27 19.28
CA PHE A 138 21.29 15.10 20.37
C PHE A 138 22.68 14.78 19.84
N TYR A 139 22.77 13.79 18.94
CA TYR A 139 24.07 13.40 18.40
C TYR A 139 24.74 14.55 17.65
N ILE A 140 24.01 15.17 16.73
CA ILE A 140 24.63 16.15 15.84
C ILE A 140 25.01 17.42 16.60
N SER A 141 24.16 17.86 17.53
CA SER A 141 24.47 19.03 18.34
C SER A 141 25.65 18.76 19.26
N ASN A 142 25.69 17.57 19.87
CA ASN A 142 26.77 17.26 20.80
C ASN A 142 28.06 16.82 20.10
N GLY A 143 28.00 16.55 18.80
CA GLY A 143 29.18 16.11 18.06
C GLY A 143 29.69 14.75 18.48
N ILE A 144 28.77 13.80 18.67
CA ILE A 144 29.10 12.44 19.09
C ILE A 144 28.61 11.46 18.04
N SER A 145 29.50 10.59 17.59
CA SER A 145 29.10 9.45 16.76
C SER A 145 28.60 8.32 17.66
N PRO A 146 27.60 7.56 17.21
CA PRO A 146 27.02 6.53 18.09
C PRO A 146 27.98 5.41 18.45
N ASP A 147 29.08 5.22 17.71
CA ASP A 147 29.96 4.08 17.93
C ASP A 147 31.44 4.42 17.87
N GLY A 148 31.83 5.66 18.16
CA GLY A 148 33.23 6.00 18.17
C GLY A 148 33.91 5.64 19.46
N CYS A 149 35.25 5.79 19.46
CA CYS A 149 36.06 5.55 20.64
C CYS A 149 36.54 6.87 21.20
N TYR A 150 36.34 7.07 22.50
CA TYR A 150 36.55 8.37 23.11
C TYR A 150 37.35 8.26 24.40
N SER A 151 38.15 9.28 24.66
CA SER A 151 38.86 9.45 25.92
C SER A 151 38.02 10.41 26.77
N LEU A 152 37.15 9.84 27.61
CA LEU A 152 36.23 10.66 28.38
C LEU A 152 36.95 11.44 29.47
N ASP A 153 36.27 12.42 30.02
CA ASP A 153 36.79 13.26 31.09
C ASP A 153 36.05 12.93 32.38
N GLU A 154 36.81 12.71 33.45
CA GLU A 154 36.24 12.33 34.73
C GLU A 154 35.62 13.49 35.49
N GLN A 155 35.86 14.72 35.04
CA GLN A 155 35.34 15.89 35.77
C GLN A 155 33.81 15.93 35.76
N TYR A 156 33.21 15.62 34.63
CA TYR A 156 31.77 15.81 34.44
C TYR A 156 30.95 14.58 34.75
N LEU A 157 31.56 13.51 35.23
CA LEU A 157 30.86 12.26 35.53
C LEU A 157 30.74 12.10 37.04
N THR A 158 29.52 11.81 37.51
CA THR A 158 29.26 11.61 38.93
C THR A 158 28.79 10.19 39.15
N LYS A 159 29.39 9.51 40.13
CA LYS A 159 29.06 8.11 40.39
C LYS A 159 27.78 8.03 41.22
N ILE A 160 26.85 7.18 40.79
CA ILE A 160 25.57 7.04 41.49
C ILE A 160 25.35 5.59 41.89
N ASN A 161 26.02 4.67 41.21
CA ASN A 161 25.95 3.25 41.54
C ASN A 161 27.23 2.58 41.04
N ASN A 162 27.24 1.25 41.06
CA ASN A 162 28.38 0.49 40.58
C ASN A 162 28.23 0.27 39.09
N GLY A 163 29.04 0.97 38.30
CA GLY A 163 28.99 0.87 36.86
C GLY A 163 28.05 1.85 36.18
N CYS A 164 27.30 2.64 36.93
CA CYS A 164 26.39 3.64 36.37
C CYS A 164 26.82 5.02 36.84
N TYR A 165 27.13 5.89 35.89
CA TYR A 165 27.51 7.27 36.15
C TYR A 165 26.49 8.20 35.52
N HIS A 166 26.53 9.46 35.94
CA HIS A 166 25.65 10.49 35.40
C HIS A 166 26.50 11.62 34.81
N CYS A 167 26.09 12.10 33.63
CA CYS A 167 26.73 13.21 32.97
C CYS A 167 25.71 14.30 32.68
N ASP A 168 26.15 15.56 32.79
CA ASP A 168 25.27 16.70 32.55
C ASP A 168 25.67 17.55 31.36
N ASP A 169 26.93 17.53 30.94
CA ASP A 169 27.41 18.34 29.82
C ASP A 169 28.11 17.41 28.84
N PRO A 170 27.33 16.76 27.96
CA PRO A 170 27.94 15.84 26.99
C PRO A 170 28.87 16.52 26.00
N ARG A 171 28.74 17.83 25.80
CA ARG A 171 29.57 18.50 24.80
C ARG A 171 31.04 18.49 25.17
N ASN A 172 31.35 18.75 26.44
CA ASN A 172 32.74 18.81 26.87
C ASN A 172 33.29 17.47 27.32
N CYS A 173 32.42 16.53 27.72
CA CYS A 173 32.90 15.23 28.17
C CYS A 173 33.42 14.39 27.02
N PHE A 174 32.84 14.54 25.82
CA PHE A 174 33.22 13.77 24.65
C PHE A 174 34.09 14.59 23.69
N ALA A 175 34.98 15.42 24.24
CA ALA A 175 35.77 16.30 23.41
C ALA A 175 36.83 15.55 22.61
N LYS A 176 37.51 14.60 23.24
CA LYS A 176 38.64 13.92 22.63
C LYS A 176 38.18 12.67 21.87
N GLU A 177 38.73 12.49 20.67
CA GLU A 177 38.48 11.32 19.85
C GLU A 177 39.77 10.55 19.65
N ILE A 178 39.68 9.22 19.73
CA ILE A 178 40.86 8.36 19.63
C ILE A 178 40.60 7.31 18.56
N PRO A 179 41.66 6.75 17.99
CA PRO A 179 41.48 5.63 17.05
C PRO A 179 40.87 4.43 17.75
N ARG A 180 40.15 3.62 16.98
CA ARG A 180 39.40 2.51 17.55
C ARG A 180 40.35 1.45 18.12
N PHE A 181 39.87 0.75 19.15
CA PHE A 181 40.64 -0.30 19.80
C PHE A 181 39.73 -1.50 20.05
N ASP A 182 40.32 -2.69 19.98
CA ASP A 182 39.54 -3.92 20.04
C ASP A 182 39.05 -4.20 21.45
N ILE A 183 37.83 -4.73 21.54
CA ILE A 183 37.21 -5.06 22.82
C ILE A 183 36.59 -6.45 22.73
N PRO A 184 36.46 -7.16 23.85
CA PRO A 184 35.74 -8.43 23.84
C PRO A 184 34.24 -8.21 23.88
N ARG A 185 33.50 -9.32 23.76
CA ARG A 185 32.05 -9.28 23.77
C ARG A 185 31.53 -10.60 24.34
N SER A 186 30.23 -10.61 24.66
CA SER A 186 29.57 -11.78 25.21
C SER A 186 28.31 -12.09 24.42
N TYR A 187 28.01 -13.36 24.23
CA TYR A 187 26.89 -13.77 23.41
C TYR A 187 26.14 -14.93 24.06
N LEU A 188 24.84 -14.98 23.81
CA LEU A 188 24.02 -16.15 24.14
C LEU A 188 23.21 -16.56 22.92
N PHE A 189 23.19 -17.86 22.66
CA PHE A 189 22.34 -18.47 21.65
C PHE A 189 21.59 -19.63 22.30
N LEU A 190 20.31 -19.76 21.98
CA LEU A 190 19.50 -20.78 22.64
C LEU A 190 18.48 -21.36 21.67
N ALA A 191 18.05 -22.58 21.97
CA ALA A 191 17.06 -23.27 21.17
C ALA A 191 16.20 -24.13 22.08
N ILE A 192 14.97 -24.38 21.64
CA ILE A 192 13.98 -25.09 22.44
C ILE A 192 13.41 -26.23 21.60
N ALA A 193 13.11 -27.36 22.25
CA ALA A 193 12.43 -28.48 21.62
C ALA A 193 11.28 -28.91 22.51
N CYS A 194 10.06 -28.77 22.02
CA CYS A 194 8.85 -29.06 22.78
C CYS A 194 8.27 -30.40 22.33
N HIS A 195 7.21 -30.82 23.02
CA HIS A 195 6.54 -32.09 22.74
C HIS A 195 5.31 -31.84 21.87
N PHE A 196 5.08 -32.72 20.91
CA PHE A 196 3.91 -32.60 20.06
C PHE A 196 3.58 -33.97 19.47
N ASP A 197 2.28 -34.21 19.28
CA ASP A 197 1.79 -35.47 18.75
C ASP A 197 1.05 -35.31 17.43
N LYS A 198 0.14 -34.36 17.35
CA LYS A 198 -0.72 -34.22 16.19
C LYS A 198 -0.72 -32.83 15.59
N LYS A 199 -0.62 -31.80 16.41
CA LYS A 199 -0.75 -30.42 15.98
C LYS A 199 0.41 -29.57 16.50
N PHE A 200 0.44 -28.31 16.08
CA PHE A 200 1.43 -27.37 16.58
C PHE A 200 1.23 -27.19 18.08
N PRO A 201 2.31 -27.23 18.87
CA PRO A 201 2.14 -27.28 20.33
C PRO A 201 1.52 -26.00 20.88
N SER A 202 0.78 -26.16 21.96
CA SER A 202 0.26 -25.05 22.74
C SER A 202 0.77 -25.18 24.17
N VAL A 203 0.84 -24.03 24.85
CA VAL A 203 1.50 -24.00 26.16
C VAL A 203 0.71 -24.83 27.17
N PHE A 204 -0.60 -24.97 26.97
CA PHE A 204 -1.45 -25.57 27.98
C PHE A 204 -1.44 -27.10 27.97
N ILE A 205 -0.91 -27.73 26.92
CA ILE A 205 -1.00 -29.18 26.82
C ILE A 205 0.36 -29.84 26.66
N ASN A 206 1.35 -29.08 26.16
CA ASN A 206 2.63 -29.67 25.77
C ASN A 206 3.78 -29.09 26.57
N PRO A 207 4.59 -29.92 27.24
CA PRO A 207 5.74 -29.40 28.00
C PRO A 207 7.00 -29.26 27.16
N ILE A 208 8.08 -28.85 27.78
CA ILE A 208 9.38 -28.72 27.13
C ILE A 208 10.13 -30.03 27.29
N SER A 209 10.65 -30.56 26.20
CA SER A 209 11.47 -31.78 26.23
C SER A 209 12.95 -31.46 26.31
N HIS A 210 13.43 -30.42 25.64
CA HIS A 210 14.84 -30.11 25.59
C HIS A 210 15.06 -28.61 25.48
N THR A 211 16.19 -28.14 26.02
CA THR A 211 16.65 -26.78 25.79
C THR A 211 18.16 -26.78 25.61
N SER A 212 18.66 -26.00 24.67
CA SER A 212 20.09 -25.98 24.36
C SER A 212 20.63 -24.56 24.41
N TYR A 213 21.86 -24.41 24.90
CA TYR A 213 22.50 -23.12 25.10
C TYR A 213 23.93 -23.14 24.60
N CYS A 214 24.31 -22.09 23.86
CA CYS A 214 25.69 -21.76 23.54
C CYS A 214 26.03 -20.42 24.18
N TYR A 215 27.15 -20.39 24.89
CA TYR A 215 27.47 -19.30 25.81
C TYR A 215 28.89 -18.82 25.56
N ILE A 216 29.05 -17.51 25.37
CA ILE A 216 30.37 -16.91 25.21
C ILE A 216 30.49 -15.76 26.20
N ASP A 217 31.44 -15.85 27.12
CA ASP A 217 31.64 -14.83 28.13
C ASP A 217 32.75 -13.88 27.68
N LEU A 218 33.09 -12.92 28.54
CA LEU A 218 34.11 -11.94 28.19
C LEU A 218 35.51 -12.52 28.25
N SER A 219 35.68 -13.71 28.80
CA SER A 219 36.98 -14.36 28.87
C SER A 219 37.38 -15.03 27.56
N GLY A 220 36.49 -15.07 26.57
CA GLY A 220 36.79 -15.68 25.30
C GLY A 220 36.63 -17.17 25.25
N LYS A 221 36.08 -17.79 26.29
CA LYS A 221 35.89 -19.24 26.34
C LYS A 221 34.46 -19.59 25.99
N ARG A 222 34.30 -20.56 25.11
CA ARG A 222 33.01 -20.91 24.52
C ARG A 222 32.50 -22.20 25.16
N LEU A 223 31.27 -22.16 25.66
CA LEU A 223 30.66 -23.31 26.31
C LEU A 223 29.37 -23.71 25.62
N LEU A 224 29.09 -25.01 25.66
CA LEU A 224 27.88 -25.57 25.07
C LEU A 224 27.25 -26.49 26.10
N PHE A 225 25.93 -26.41 26.28
CA PHE A 225 25.28 -27.31 27.20
C PHE A 225 23.79 -27.46 26.86
N THR A 226 23.18 -28.50 27.42
CA THR A 226 21.84 -28.91 27.04
C THR A 226 21.12 -29.52 28.25
N LEU A 227 19.89 -29.06 28.48
CA LEU A 227 19.06 -29.52 29.59
C LEU A 227 17.93 -30.40 29.02
N ILE A 228 17.75 -31.55 29.65
CA ILE A 228 16.79 -32.56 29.20
C ILE A 228 15.77 -32.78 30.31
N ASN A 229 14.50 -32.84 29.93
CA ASN A 229 13.41 -33.06 30.86
C ASN A 229 13.42 -34.51 31.34
N GLU A 230 12.85 -34.73 32.53
CA GLU A 230 12.87 -36.05 33.15
C GLU A 230 11.51 -36.71 33.31
N GLU A 231 10.41 -36.01 33.01
CA GLU A 231 9.10 -36.63 33.16
C GLU A 231 8.81 -37.67 32.08
N MET A 232 9.59 -37.71 31.01
CA MET A 232 9.47 -38.73 29.97
C MET A 232 10.58 -39.77 30.07
N LEU A 233 11.16 -39.92 31.27
CA LEU A 233 12.39 -40.65 31.51
C LEU A 233 12.24 -41.57 32.72
N THR A 234 11.24 -42.46 32.66
CA THR A 234 10.91 -43.37 33.76
C THR A 234 12.15 -43.87 34.48
N GLU A 235 12.06 -43.92 35.82
CA GLU A 235 13.21 -43.94 36.72
C GLU A 235 14.40 -44.74 36.23
N GLN A 236 14.15 -45.95 35.71
CA GLN A 236 15.24 -46.78 35.22
C GLN A 236 16.03 -46.08 34.13
N GLU A 237 15.35 -45.33 33.25
CA GLU A 237 16.05 -44.62 32.20
C GLU A 237 16.94 -43.50 32.76
N ILE A 238 16.44 -42.80 33.78
CA ILE A 238 17.28 -41.79 34.44
C ILE A 238 18.52 -42.43 35.06
N GLN A 239 18.34 -43.57 35.74
CA GLN A 239 19.48 -44.22 36.35
C GLN A 239 20.49 -44.68 35.31
N GLU A 240 20.00 -45.24 34.20
CA GLU A 240 20.89 -45.72 33.15
C GLU A 240 21.62 -44.56 32.47
N ALA A 241 20.93 -43.42 32.31
CA ALA A 241 21.59 -42.24 31.77
C ALA A 241 22.66 -41.72 32.70
N VAL A 242 22.37 -41.66 34.00
CA VAL A 242 23.35 -41.19 34.97
C VAL A 242 24.58 -42.09 34.96
N ASP A 243 24.37 -43.41 34.89
CA ASP A 243 25.50 -44.32 34.75
C ASP A 243 26.22 -44.13 33.43
N ARG A 244 25.49 -43.70 32.38
CA ARG A 244 26.08 -43.56 31.06
C ARG A 244 27.07 -42.39 30.99
N GLY A 245 26.81 -41.31 31.73
CA GLY A 245 27.70 -40.16 31.69
C GLY A 245 27.02 -38.82 31.83
N CYS A 246 25.70 -38.81 31.82
CA CYS A 246 24.96 -37.56 32.01
C CYS A 246 24.91 -37.20 33.49
N LEU A 247 24.36 -36.02 33.78
CA LEU A 247 24.30 -35.48 35.13
C LEU A 247 22.85 -35.29 35.55
N ARG A 248 22.58 -35.47 36.84
CA ARG A 248 21.25 -35.30 37.40
C ARG A 248 21.30 -34.25 38.50
N ILE A 249 20.36 -33.30 38.45
CA ILE A 249 20.29 -32.22 39.42
C ILE A 249 18.85 -32.14 39.95
N GLN A 250 18.73 -31.59 41.15
CA GLN A 250 17.42 -31.43 41.81
C GLN A 250 17.09 -30.00 42.20
N SER A 251 18.07 -29.11 42.28
CA SER A 251 17.85 -27.73 42.67
C SER A 251 18.56 -26.80 41.69
N LEU A 252 18.26 -25.50 41.83
CA LEU A 252 18.85 -24.50 40.94
C LEU A 252 20.33 -24.28 41.22
N MET A 253 20.73 -24.34 42.49
CA MET A 253 22.09 -23.96 42.86
C MET A 253 23.13 -24.97 42.39
N GLU A 254 22.72 -26.19 42.08
CA GLU A 254 23.65 -27.29 41.80
C GLU A 254 23.79 -27.58 40.32
N MET A 255 23.75 -26.57 39.46
CA MET A 255 24.05 -26.74 38.05
C MET A 255 25.42 -26.14 37.74
N ASP A 256 26.26 -26.91 37.08
CA ASP A 256 27.52 -26.44 36.52
C ASP A 256 27.46 -26.43 35.01
N TYR A 257 28.00 -25.37 34.41
CA TYR A 257 27.89 -25.17 32.96
C TYR A 257 28.83 -26.05 32.17
N GLU A 258 29.98 -26.44 32.73
CA GLU A 258 30.95 -27.23 31.97
C GLU A 258 30.45 -28.63 31.63
N ARG A 259 29.43 -29.14 32.33
CA ARG A 259 28.82 -30.41 31.99
C ARG A 259 27.93 -30.23 30.77
N GLU A 260 28.14 -31.07 29.75
CA GLU A 260 27.48 -30.87 28.47
C GLU A 260 25.99 -31.17 28.55
N LEU A 261 25.62 -32.28 29.19
CA LEU A 261 24.23 -32.72 29.24
C LEU A 261 23.79 -32.84 30.69
N VAL A 262 22.64 -32.23 31.02
CA VAL A 262 22.10 -32.26 32.37
C VAL A 262 20.64 -32.68 32.31
N LEU A 263 20.25 -33.62 33.17
CA LEU A 263 18.88 -34.11 33.28
C LEU A 263 18.22 -33.36 34.43
N CYS A 264 17.01 -32.85 34.19
CA CYS A 264 16.31 -32.06 35.21
C CYS A 264 14.82 -32.06 34.91
N SER A 265 14.02 -31.59 35.85
CA SER A 265 12.58 -31.45 35.68
C SER A 265 12.22 -30.14 35.00
N GLU A 266 10.93 -29.96 34.70
CA GLU A 266 10.47 -28.74 34.02
C GLU A 266 10.67 -27.49 34.86
N ILE A 267 10.37 -27.58 36.15
CA ILE A 267 10.46 -26.41 37.02
C ILE A 267 11.87 -25.87 37.06
N VAL A 268 12.85 -26.74 37.31
CA VAL A 268 14.23 -26.31 37.40
C VAL A 268 14.76 -25.87 36.04
N LEU A 269 14.33 -26.55 34.97
CA LEU A 269 14.75 -26.15 33.63
C LEU A 269 14.30 -24.72 33.32
N LEU A 270 13.02 -24.43 33.60
CA LEU A 270 12.52 -23.08 33.36
C LEU A 270 13.17 -22.06 34.28
N ARG A 271 13.46 -22.45 35.52
CA ARG A 271 14.17 -21.54 36.42
C ARG A 271 15.54 -21.18 35.88
N ILE A 272 16.26 -22.18 35.35
CA ILE A 272 17.57 -21.93 34.76
C ILE A 272 17.44 -21.06 33.52
N ALA A 273 16.39 -21.27 32.72
CA ALA A 273 16.16 -20.40 31.57
C ALA A 273 15.94 -18.95 31.99
N LYS A 274 15.10 -18.73 33.00
CA LYS A 274 14.86 -17.38 33.49
C LYS A 274 16.14 -16.76 34.04
N GLN A 275 16.94 -17.55 34.76
CA GLN A 275 18.19 -17.05 35.28
C GLN A 275 19.13 -16.63 34.15
N LEU A 276 19.21 -17.45 33.10
CA LEU A 276 20.13 -17.13 32.00
C LEU A 276 19.67 -15.90 31.23
N LEU A 277 18.35 -15.73 31.07
CA LEU A 277 17.86 -14.59 30.28
C LEU A 277 18.01 -13.26 31.01
N GLU A 278 18.38 -13.27 32.29
CA GLU A 278 18.41 -12.05 33.09
C GLU A 278 19.79 -11.39 33.16
N LEU A 279 20.84 -12.04 32.67
CA LEU A 279 22.17 -11.44 32.75
C LEU A 279 22.31 -10.29 31.76
N THR A 280 23.34 -9.48 31.97
CA THR A 280 23.63 -8.34 31.10
C THR A 280 24.54 -8.79 29.96
N PHE A 281 23.95 -9.50 29.02
CA PHE A 281 24.66 -9.96 27.84
C PHE A 281 24.84 -8.80 26.87
N ASP A 282 25.46 -9.06 25.73
CA ASP A 282 25.54 -8.10 24.64
C ASP A 282 24.65 -8.45 23.48
N TYR A 283 24.53 -9.72 23.14
CA TYR A 283 23.62 -10.16 22.09
C TYR A 283 23.01 -11.50 22.49
N VAL A 284 21.69 -11.54 22.52
CA VAL A 284 20.93 -12.78 22.69
C VAL A 284 20.28 -13.07 21.35
N VAL A 285 20.83 -14.00 20.60
CA VAL A 285 20.44 -14.23 19.20
C VAL A 285 19.60 -15.48 19.12
N THR A 286 18.46 -15.39 18.43
CA THR A 286 17.60 -16.55 18.27
C THR A 286 16.86 -16.46 16.94
N PHE A 287 16.67 -17.61 16.30
CA PHE A 287 15.94 -17.70 15.05
C PHE A 287 14.46 -17.89 15.36
N ASN A 288 13.66 -16.86 15.09
CA ASN A 288 12.22 -16.86 15.38
C ASN A 288 11.95 -17.15 16.85
N GLY A 289 12.75 -16.53 17.73
CA GLY A 289 12.60 -16.77 19.15
C GLY A 289 11.66 -15.80 19.83
N HIS A 290 11.40 -14.66 19.19
CA HIS A 290 10.51 -13.67 19.77
C HIS A 290 9.04 -14.08 19.68
N ASN A 291 8.69 -14.94 18.74
CA ASN A 291 7.31 -15.39 18.56
C ASN A 291 7.03 -16.70 19.28
N PHE A 292 7.98 -17.65 19.25
CA PHE A 292 7.75 -18.97 19.82
C PHE A 292 8.59 -19.21 21.07
N ASP A 293 9.91 -19.12 20.98
CA ASP A 293 10.78 -19.63 22.04
C ASP A 293 10.61 -18.84 23.33
N LEU A 294 10.90 -17.53 23.28
CA LEU A 294 10.83 -16.71 24.49
C LEU A 294 9.42 -16.68 25.05
N ARG A 295 8.42 -16.51 24.18
CA ARG A 295 7.04 -16.51 24.63
C ARG A 295 6.68 -17.84 25.27
N TYR A 296 7.17 -18.92 24.72
CA TYR A 296 6.81 -20.28 25.20
C TYR A 296 7.35 -20.44 26.59
N ILE A 297 8.61 -20.10 26.75
CA ILE A 297 9.24 -20.21 28.06
C ILE A 297 8.51 -19.35 29.09
N THR A 298 8.22 -18.09 28.73
CA THR A 298 7.60 -17.19 29.69
C THR A 298 6.23 -17.69 30.12
N ASN A 299 5.39 -18.05 29.15
CA ASN A 299 4.03 -18.49 29.47
C ASN A 299 4.05 -19.80 30.26
N ARG A 300 4.91 -20.75 29.86
CA ARG A 300 4.97 -22.01 30.58
C ARG A 300 5.47 -21.82 32.00
N LEU A 301 6.48 -20.96 32.19
CA LEU A 301 6.94 -20.66 33.52
C LEU A 301 5.83 -20.04 34.36
N GLU A 302 5.08 -19.11 33.77
CA GLU A 302 3.98 -18.47 34.49
C GLU A 302 2.93 -19.50 34.91
N LEU A 303 2.58 -20.42 34.01
CA LEU A 303 1.58 -21.43 34.36
C LEU A 303 2.09 -22.36 35.46
N LEU A 304 3.36 -22.77 35.38
CA LEU A 304 3.87 -23.70 36.39
C LEU A 304 4.08 -23.01 37.72
N THR A 305 4.56 -21.76 37.71
CA THR A 305 4.80 -20.99 38.93
C THR A 305 4.57 -19.52 38.63
N GLY A 306 4.18 -18.77 39.66
CA GLY A 306 3.93 -17.35 39.45
C GLY A 306 5.17 -16.51 39.18
N GLU A 307 6.35 -17.11 39.31
CA GLU A 307 7.61 -16.37 39.14
C GLU A 307 7.77 -15.94 37.69
N LYS A 308 8.24 -14.71 37.50
CA LYS A 308 8.35 -14.10 36.17
C LYS A 308 9.68 -13.35 36.04
N ILE A 309 10.15 -13.21 34.80
CA ILE A 309 11.43 -12.61 34.49
C ILE A 309 11.34 -11.10 34.67
N ILE A 310 12.38 -10.50 35.23
CA ILE A 310 12.42 -9.08 35.52
C ILE A 310 13.70 -8.50 34.93
N PHE A 311 13.56 -7.39 34.19
CA PHE A 311 14.69 -6.62 33.69
C PHE A 311 14.79 -5.32 34.49
N ARG A 312 16.01 -4.92 34.80
CA ARG A 312 16.24 -3.73 35.62
C ARG A 312 17.15 -2.75 34.90
N SER A 313 16.91 -1.46 35.12
CA SER A 313 17.71 -0.43 34.49
C SER A 313 19.07 -0.33 35.17
N PRO A 314 20.06 0.24 34.48
CA PRO A 314 21.40 0.36 35.09
C PRO A 314 21.42 1.16 36.38
N ASP A 315 20.50 2.10 36.57
CA ASP A 315 20.42 2.89 37.79
C ASP A 315 19.56 2.22 38.85
N LYS A 316 19.06 1.01 38.59
CA LYS A 316 18.23 0.26 39.54
C LYS A 316 17.00 1.06 39.96
N LYS A 317 16.40 1.77 39.00
CA LYS A 317 15.20 2.54 39.25
C LYS A 317 13.97 2.04 38.51
N GLU A 318 14.14 1.33 37.39
CA GLU A 318 13.02 0.84 36.61
C GLU A 318 13.11 -0.68 36.50
N ALA A 319 12.00 -1.35 36.80
CA ALA A 319 11.91 -2.80 36.70
C ALA A 319 10.72 -3.14 35.81
N VAL A 320 10.95 -3.97 34.80
CA VAL A 320 9.93 -4.29 33.81
C VAL A 320 9.87 -5.80 33.64
N HIS A 321 8.73 -6.28 33.17
CA HIS A 321 8.53 -7.69 32.86
C HIS A 321 8.62 -7.92 31.36
N LEU A 322 8.97 -9.14 30.99
CA LEU A 322 9.12 -9.47 29.57
C LEU A 322 7.75 -9.66 28.93
N CYS A 323 7.44 -8.84 27.93
CA CYS A 323 6.20 -8.99 27.16
C CYS A 323 6.51 -8.63 25.71
N ILE A 324 6.50 -9.63 24.85
CA ILE A 324 6.77 -9.41 23.42
C ILE A 324 5.64 -8.57 22.84
N TYR A 325 6.00 -7.53 22.10
CA TYR A 325 5.03 -6.71 21.40
C TYR A 325 5.27 -6.78 19.89
N GLU A 326 4.38 -6.16 19.14
CA GLU A 326 4.30 -6.33 17.69
C GLU A 326 4.49 -5.00 16.98
N ARG A 327 5.00 -5.07 15.76
CA ARG A 327 5.07 -3.92 14.86
C ARG A 327 4.65 -4.38 13.47
N ASN A 328 3.75 -3.62 12.85
CA ASN A 328 3.27 -3.93 11.51
C ASN A 328 4.08 -3.14 10.49
N GLN A 329 5.02 -3.81 9.84
CA GLN A 329 5.84 -3.16 8.83
C GLN A 329 5.41 -3.57 7.43
N ASN A 340 5.63 -8.64 7.11
CA ASN A 340 4.43 -8.59 7.93
C ASN A 340 4.73 -8.18 9.36
N THR A 341 3.96 -8.71 10.31
CA THR A 341 4.17 -8.42 11.71
C THR A 341 5.54 -8.91 12.17
N THR A 342 6.26 -8.05 12.88
CA THR A 342 7.56 -8.38 13.45
C THR A 342 7.49 -8.17 14.95
N PHE A 343 7.99 -9.15 15.71
CA PHE A 343 7.90 -9.13 17.16
C PHE A 343 9.17 -8.57 17.76
N HIS A 344 9.03 -7.88 18.89
CA HIS A 344 10.15 -7.24 19.56
C HIS A 344 10.00 -7.38 21.06
N VAL A 345 11.13 -7.28 21.76
CA VAL A 345 11.21 -7.46 23.20
C VAL A 345 11.25 -6.08 23.85
N ASN A 346 10.74 -6.01 25.08
CA ASN A 346 10.68 -4.77 25.85
C ASN A 346 11.80 -4.67 26.86
N ASN A 347 13.00 -5.14 26.52
CA ASN A 347 14.13 -5.06 27.43
C ASN A 347 14.64 -3.63 27.57
N ASN A 348 15.13 -3.31 28.77
CA ASN A 348 15.68 -1.99 29.06
C ASN A 348 17.00 -2.08 29.81
N ASN A 349 17.65 -3.24 29.79
CA ASN A 349 18.93 -3.42 30.46
C ASN A 349 20.12 -3.26 29.52
N GLY A 350 19.89 -2.95 28.25
CA GLY A 350 20.94 -2.70 27.30
C GLY A 350 21.25 -3.86 26.38
N THR A 351 20.84 -5.08 26.74
CA THR A 351 21.06 -6.22 25.88
C THR A 351 20.23 -6.12 24.61
N ILE A 352 20.75 -6.69 23.53
CA ILE A 352 20.06 -6.69 22.25
C ILE A 352 19.53 -8.10 22.01
N PHE A 353 18.21 -8.24 22.00
CA PHE A 353 17.54 -9.50 21.68
C PHE A 353 17.34 -9.52 20.17
N PHE A 354 18.20 -10.24 19.46
CA PHE A 354 18.23 -10.20 18.00
C PHE A 354 17.57 -11.45 17.43
N ASP A 355 16.83 -11.25 16.35
CA ASP A 355 16.08 -12.31 15.69
C ASP A 355 16.55 -12.38 14.24
N LEU A 356 17.25 -13.46 13.91
CA LEU A 356 17.85 -13.57 12.58
C LEU A 356 16.80 -13.71 11.48
N TYR A 357 15.62 -14.23 11.83
CA TYR A 357 14.58 -14.46 10.83
C TYR A 357 14.16 -13.15 10.17
N SER A 358 13.80 -12.16 10.99
CA SER A 358 13.36 -10.87 10.46
C SER A 358 14.48 -10.16 9.73
N PHE A 359 15.71 -10.26 10.25
CA PHE A 359 16.84 -9.62 9.59
C PHE A 359 17.07 -10.20 8.20
N ILE A 360 17.01 -11.52 8.07
CA ILE A 360 17.17 -12.13 6.76
C ILE A 360 16.01 -11.76 5.85
N GLN A 361 14.80 -11.68 6.40
CA GLN A 361 13.64 -11.31 5.59
C GLN A 361 13.79 -9.91 5.01
N LYS A 362 14.22 -8.95 5.84
CA LYS A 362 14.30 -7.57 5.37
C LYS A 362 15.63 -7.23 4.72
N SER A 363 16.61 -8.12 4.75
CA SER A 363 17.92 -7.79 4.20
C SER A 363 17.99 -8.10 2.72
N GLU A 364 17.75 -9.35 2.34
CA GLU A 364 17.86 -9.75 0.94
C GLU A 364 16.86 -10.88 0.67
N LYS A 365 16.53 -11.04 -0.60
CA LYS A 365 15.39 -11.85 -1.03
C LYS A 365 15.83 -13.26 -1.37
N LEU A 366 15.07 -14.23 -0.88
CA LEU A 366 15.27 -15.65 -1.16
C LEU A 366 13.98 -16.25 -1.70
N ASP A 367 14.04 -17.53 -2.03
CA ASP A 367 12.85 -18.28 -2.43
C ASP A 367 12.03 -18.71 -1.22
N SER A 368 12.69 -19.33 -0.24
CA SER A 368 12.07 -19.75 1.00
C SER A 368 12.93 -19.28 2.16
N TYR A 369 12.29 -18.90 3.27
CA TYR A 369 12.97 -18.38 4.43
C TYR A 369 13.01 -19.36 5.59
N LYS A 370 13.06 -20.66 5.30
CA LYS A 370 13.27 -21.66 6.32
C LYS A 370 14.74 -21.70 6.74
N LEU A 371 14.97 -22.17 7.96
CA LEU A 371 16.34 -22.25 8.48
C LEU A 371 17.22 -23.15 7.62
N ASP A 372 16.69 -24.32 7.28
CA ASP A 372 17.48 -25.27 6.49
C ASP A 372 17.75 -24.73 5.09
N SER A 373 16.81 -23.99 4.51
CA SER A 373 17.04 -23.40 3.19
C SER A 373 18.18 -22.38 3.25
N ILE A 374 18.20 -21.54 4.28
CA ILE A 374 19.26 -20.55 4.42
C ILE A 374 20.60 -21.25 4.62
N SER A 375 20.61 -22.34 5.40
CA SER A 375 21.85 -23.10 5.57
C SER A 375 22.31 -23.71 4.26
N LYS A 376 21.37 -24.20 3.44
CA LYS A 376 21.74 -24.73 2.14
C LYS A 376 22.40 -23.66 1.29
N ASN A 377 21.81 -22.46 1.28
CA ASN A 377 22.34 -21.38 0.45
C ASN A 377 23.65 -20.81 0.99
N ALA A 378 23.93 -20.95 2.29
CA ALA A 378 25.08 -20.32 2.91
C ALA A 378 26.30 -21.24 2.97
N PHE A 379 26.18 -22.39 3.63
CA PHE A 379 27.30 -23.29 3.85
C PHE A 379 27.25 -24.39 2.80
N SER A 380 28.08 -24.26 1.77
CA SER A 380 28.18 -25.26 0.72
C SER A 380 29.62 -25.36 0.27
N CYS A 381 29.96 -26.50 -0.29
CA CYS A 381 31.32 -26.76 -0.77
C CYS A 381 31.25 -27.84 -1.83
N MET A 382 32.40 -28.13 -2.42
CA MET A 382 32.56 -29.30 -3.28
C MET A 382 33.69 -30.18 -2.76
N GLY A 383 33.46 -31.49 -2.80
CA GLY A 383 34.43 -32.44 -2.32
C GLY A 383 34.67 -33.54 -3.35
N LYS A 384 35.70 -34.33 -3.06
CA LYS A 384 36.11 -35.44 -3.91
C LYS A 384 35.86 -36.76 -3.20
N VAL A 385 35.44 -37.77 -3.95
CA VAL A 385 35.18 -39.08 -3.38
C VAL A 385 36.50 -39.85 -3.30
N LEU A 386 36.80 -40.40 -2.14
CA LEU A 386 38.01 -41.20 -1.97
C LEU A 386 37.72 -42.69 -1.75
N ASN A 387 36.48 -43.06 -1.45
CA ASN A 387 36.17 -44.45 -1.12
C ASN A 387 34.72 -44.70 -1.49
N ARG A 388 34.39 -45.98 -1.70
CA ARG A 388 33.06 -46.38 -2.13
C ARG A 388 32.75 -47.75 -1.51
N GLY A 389 31.75 -48.42 -2.04
CA GLY A 389 31.41 -49.74 -1.55
C GLY A 389 30.40 -49.68 -0.43
N VAL A 390 29.73 -50.81 -0.20
CA VAL A 390 28.66 -51.00 0.77
C VAL A 390 27.72 -49.78 0.74
N ARG A 391 27.15 -49.41 1.88
CA ARG A 391 26.22 -48.28 1.96
C ARG A 391 26.88 -47.04 2.53
N GLU A 392 28.15 -46.79 2.23
CA GLU A 392 28.86 -45.64 2.76
C GLU A 392 29.77 -45.06 1.69
N MET A 393 30.18 -43.81 1.89
CA MET A 393 31.10 -43.13 1.01
C MET A 393 31.94 -42.12 1.79
N THR A 394 33.18 -41.93 1.35
CA THR A 394 34.12 -41.03 2.01
C THR A 394 34.39 -39.83 1.12
N PHE A 395 34.16 -38.64 1.68
CA PHE A 395 34.34 -37.38 0.97
C PHE A 395 35.49 -36.61 1.60
N ILE A 396 36.30 -35.98 0.76
CA ILE A 396 37.44 -35.17 1.18
C ILE A 396 37.23 -33.74 0.66
N GLY A 397 37.58 -32.77 1.48
CA GLY A 397 37.43 -31.38 1.11
C GLY A 397 38.62 -30.53 1.51
N ASP A 398 39.11 -29.74 0.56
CA ASP A 398 40.29 -28.90 0.77
C ASP A 398 40.14 -27.63 -0.07
N ASP A 399 40.96 -26.63 0.25
CA ASP A 399 40.90 -25.36 -0.45
C ASP A 399 41.27 -25.46 -1.92
N THR A 400 41.98 -26.52 -2.31
CA THR A 400 42.29 -26.76 -3.71
C THR A 400 41.11 -27.33 -4.49
N THR A 401 39.92 -27.38 -3.90
CA THR A 401 38.75 -27.99 -4.52
C THR A 401 37.68 -26.98 -4.87
N ASP A 402 37.32 -26.09 -3.94
CA ASP A 402 36.25 -25.13 -4.17
C ASP A 402 36.75 -23.69 -4.23
N ALA A 403 37.35 -23.21 -3.16
CA ALA A 403 37.78 -21.81 -3.05
C ALA A 403 38.57 -21.68 -1.76
N LYS A 404 38.95 -20.45 -1.42
CA LYS A 404 39.60 -20.16 -0.15
C LYS A 404 38.53 -19.82 0.89
N GLY A 405 38.58 -20.51 2.03
CA GLY A 405 37.69 -20.25 3.14
C GLY A 405 36.44 -21.09 3.15
N LYS A 406 36.03 -21.64 2.01
CA LYS A 406 34.84 -22.49 1.99
C LYS A 406 35.08 -23.78 2.77
N ALA A 407 36.25 -24.39 2.59
CA ALA A 407 36.55 -25.62 3.31
C ALA A 407 36.58 -25.39 4.81
N ASP A 408 37.18 -24.28 5.24
CA ASP A 408 37.23 -23.97 6.66
C ASP A 408 35.83 -23.79 7.23
N THR A 409 34.96 -23.07 6.51
CA THR A 409 33.60 -22.85 7.00
C THR A 409 32.83 -24.15 7.08
N PHE A 410 32.94 -25.01 6.06
CA PHE A 410 32.23 -26.28 6.08
C PHE A 410 32.74 -27.14 7.24
N ALA A 411 34.05 -27.18 7.45
CA ALA A 411 34.61 -27.96 8.55
C ALA A 411 34.15 -27.43 9.89
N LYS A 412 34.08 -26.10 10.04
CA LYS A 412 33.66 -25.52 11.30
C LYS A 412 32.20 -25.85 11.59
N VAL A 413 31.34 -25.80 10.58
CA VAL A 413 29.94 -26.19 10.79
C VAL A 413 29.83 -27.69 11.04
N LEU A 414 30.75 -28.48 10.50
CA LEU A 414 30.70 -29.92 10.63
C LEU A 414 30.89 -30.42 12.06
N THR A 415 31.34 -29.56 12.98
CA THR A 415 31.64 -30.02 14.34
C THR A 415 30.39 -30.56 15.02
N THR A 416 29.25 -29.87 14.89
CA THR A 416 28.01 -30.30 15.51
C THR A 416 27.00 -30.82 14.51
N GLY A 417 27.35 -30.89 13.23
CA GLY A 417 26.40 -31.34 12.23
C GLY A 417 26.03 -32.81 12.40
N ASN A 418 24.82 -33.13 11.95
CA ASN A 418 24.32 -34.49 12.01
C ASN A 418 24.07 -35.07 10.63
N TYR A 419 23.35 -34.31 9.80
CA TYR A 419 22.96 -34.77 8.47
C TYR A 419 23.56 -33.84 7.42
N VAL A 420 24.04 -34.44 6.32
CA VAL A 420 24.67 -33.71 5.24
C VAL A 420 23.90 -33.95 3.96
N THR A 421 23.61 -32.87 3.24
CA THR A 421 22.93 -32.94 1.95
C THR A 421 23.96 -33.05 0.84
N VAL A 422 23.78 -34.00 -0.06
CA VAL A 422 24.72 -34.28 -1.13
C VAL A 422 24.00 -34.16 -2.46
N ASP A 423 24.64 -33.47 -3.41
CA ASP A 423 24.17 -33.30 -4.77
C ASP A 423 22.82 -32.57 -4.82
N GLU A 424 22.47 -31.87 -3.75
CA GLU A 424 21.19 -31.19 -3.60
C GLU A 424 20.01 -32.12 -3.81
N ASP A 425 20.23 -33.42 -3.68
CA ASP A 425 19.22 -34.43 -3.92
C ASP A 425 19.07 -35.41 -2.77
N ILE A 426 20.17 -35.80 -2.12
CA ILE A 426 20.09 -36.86 -1.11
C ILE A 426 20.49 -36.31 0.25
N ILE A 427 19.96 -36.92 1.29
CA ILE A 427 20.26 -36.59 2.68
C ILE A 427 20.94 -37.79 3.32
N CYS A 428 22.05 -37.54 4.02
CA CYS A 428 22.88 -38.63 4.53
C CYS A 428 23.22 -38.39 5.98
N LYS A 429 23.41 -39.48 6.72
CA LYS A 429 23.71 -39.44 8.14
C LYS A 429 25.21 -39.61 8.36
N VAL A 430 25.80 -38.67 9.09
CA VAL A 430 27.24 -38.68 9.33
C VAL A 430 27.57 -39.76 10.36
N ILE A 431 28.55 -40.60 10.03
CA ILE A 431 29.00 -41.66 10.93
C ILE A 431 30.32 -41.31 11.58
N ARG A 432 31.26 -40.76 10.81
CA ARG A 432 32.53 -40.30 11.36
C ARG A 432 33.03 -39.11 10.55
N LYS A 433 33.80 -38.24 11.21
CA LYS A 433 34.30 -37.01 10.61
C LYS A 433 35.66 -36.70 11.22
N ASP A 434 36.57 -36.19 10.39
CA ASP A 434 37.90 -35.82 10.86
C ASP A 434 38.29 -34.50 10.22
N ILE A 435 38.58 -33.51 11.06
CA ILE A 435 38.95 -32.18 10.60
C ILE A 435 40.45 -32.19 10.34
N LEU A 436 40.85 -31.92 9.09
CA LEU A 436 42.25 -31.92 8.72
C LEU A 436 42.89 -30.60 9.15
N GLU A 437 44.19 -30.45 8.86
CA GLU A 437 44.87 -29.21 9.19
C GLU A 437 44.30 -28.03 8.43
N ASN A 438 44.00 -28.22 7.14
CA ASN A 438 43.44 -27.17 6.30
C ASN A 438 42.33 -27.76 5.43
N GLY A 439 41.47 -28.57 6.04
CA GLY A 439 40.40 -29.21 5.29
C GLY A 439 39.59 -30.13 6.18
N PHE A 440 38.89 -31.08 5.54
CA PHE A 440 38.06 -32.00 6.29
C PHE A 440 37.87 -33.30 5.51
N LYS A 441 37.48 -34.35 6.22
CA LYS A 441 37.06 -35.60 5.61
C LYS A 441 35.88 -36.14 6.39
N VAL A 442 34.95 -36.80 5.69
CA VAL A 442 33.71 -37.24 6.31
C VAL A 442 33.27 -38.56 5.67
N VAL A 443 32.63 -39.42 6.46
CA VAL A 443 32.07 -40.67 5.96
C VAL A 443 30.57 -40.63 6.16
N LEU A 444 29.83 -40.83 5.07
CA LEU A 444 28.37 -40.75 5.08
C LEU A 444 27.79 -42.10 4.68
N SER A 445 26.51 -42.29 5.02
CA SER A 445 25.75 -43.48 4.64
C SER A 445 24.94 -43.14 3.40
N CYS A 446 25.57 -43.27 2.22
CA CYS A 446 24.93 -42.91 0.97
C CYS A 446 25.22 -44.01 -0.05
N PRO A 447 24.35 -44.17 -1.05
CA PRO A 447 24.63 -45.11 -2.13
C PRO A 447 25.78 -44.62 -3.00
N THR A 448 26.44 -45.59 -3.65
CA THR A 448 27.53 -45.26 -4.56
C THR A 448 27.01 -44.49 -5.77
N LEU A 449 27.82 -43.56 -6.25
CA LEU A 449 27.44 -42.70 -7.37
C LEU A 449 28.54 -42.69 -8.43
N PRO A 450 28.19 -42.63 -9.71
CA PRO A 450 29.20 -42.67 -10.78
C PRO A 450 29.79 -41.31 -11.10
N ASN A 451 30.59 -40.77 -10.17
CA ASN A 451 31.26 -39.50 -10.38
C ASN A 451 32.51 -39.45 -9.51
N ASP A 452 33.21 -38.32 -9.57
CA ASP A 452 34.44 -38.11 -8.82
C ASP A 452 34.41 -36.87 -7.96
N ILE A 453 33.75 -35.80 -8.39
CA ILE A 453 33.59 -34.57 -7.62
C ILE A 453 32.11 -34.34 -7.41
N TYR A 454 31.71 -34.09 -6.16
CA TYR A 454 30.32 -33.86 -5.81
C TYR A 454 30.20 -32.61 -4.95
N LYS A 455 28.97 -32.19 -4.70
CA LYS A 455 28.68 -30.98 -3.96
C LYS A 455 28.07 -31.33 -2.60
N LEU A 456 28.61 -30.71 -1.55
CA LEU A 456 28.18 -30.95 -0.18
C LEU A 456 27.51 -29.70 0.36
N SER A 457 26.45 -29.89 1.14
CA SER A 457 25.71 -28.79 1.72
C SER A 457 25.00 -29.28 2.97
N PHE A 458 24.56 -28.32 3.79
CA PHE A 458 23.81 -28.63 5.00
C PHE A 458 22.36 -28.21 4.82
N GLY A 459 21.44 -29.16 4.99
CA GLY A 459 20.05 -28.90 4.70
C GLY A 459 19.05 -29.76 5.43
N LYS A 460 18.06 -30.25 4.68
CA LYS A 460 16.92 -30.96 5.26
C LYS A 460 17.36 -32.14 6.11
N ASP A 461 16.47 -32.55 7.00
CA ASP A 461 16.69 -33.69 7.89
C ASP A 461 15.54 -34.67 7.73
N ASP A 462 15.88 -35.93 7.44
CA ASP A 462 14.87 -36.96 7.21
C ASP A 462 14.48 -37.63 8.52
N ILE A 463 13.83 -36.85 9.38
CA ILE A 463 13.41 -37.29 10.70
C ILE A 463 12.01 -36.76 10.97
N ASP A 464 11.12 -37.64 11.45
CA ASP A 464 9.79 -37.26 11.91
C ASP A 464 9.79 -37.29 13.44
N LEU A 465 9.62 -36.13 14.06
CA LEU A 465 9.71 -36.04 15.52
C LEU A 465 8.49 -36.60 16.21
N ALA A 466 7.32 -36.57 15.55
CA ALA A 466 6.11 -37.10 16.19
C ALA A 466 6.26 -38.59 16.49
N GLN A 467 6.81 -39.35 15.55
CA GLN A 467 7.01 -40.78 15.80
C GLN A 467 8.03 -41.01 16.90
N MET A 468 9.10 -40.20 16.95
CA MET A 468 10.10 -40.34 17.99
C MET A 468 9.53 -40.02 19.37
N TYR A 469 8.60 -39.08 19.45
CA TYR A 469 7.96 -38.78 20.73
C TYR A 469 6.96 -39.86 21.14
N LYS A 470 6.47 -40.66 20.19
CA LYS A 470 5.53 -41.73 20.54
C LYS A 470 6.21 -42.82 21.36
N ASP A 471 7.37 -43.29 20.90
CA ASP A 471 8.17 -44.29 21.61
C ASP A 471 9.41 -43.62 22.20
N TYR A 472 9.26 -43.03 23.38
CA TYR A 472 10.31 -42.26 23.99
C TYR A 472 11.24 -43.16 24.80
N ASN A 473 12.53 -43.11 24.45
CA ASN A 473 13.56 -43.89 25.13
C ASN A 473 14.79 -43.00 25.23
N LEU A 474 15.78 -43.46 25.98
CA LEU A 474 16.96 -42.63 26.24
C LEU A 474 17.72 -42.31 24.96
N ASN A 475 17.80 -43.26 24.03
CA ASN A 475 18.51 -43.01 22.78
C ASN A 475 17.86 -41.86 22.01
N ILE A 476 16.53 -41.86 21.95
CA ILE A 476 15.80 -40.79 21.28
C ILE A 476 16.06 -39.46 21.95
N ALA A 477 16.08 -39.45 23.29
CA ALA A 477 16.32 -38.21 24.03
C ALA A 477 17.72 -37.66 23.74
N LEU A 478 18.74 -38.51 23.77
CA LEU A 478 20.09 -38.06 23.49
C LEU A 478 20.21 -37.55 22.06
N ASP A 479 19.55 -38.22 21.11
CA ASP A 479 19.69 -37.80 19.73
C ASP A 479 18.99 -36.46 19.49
N MET A 480 17.82 -36.24 20.13
CA MET A 480 17.22 -34.92 20.08
C MET A 480 18.08 -33.87 20.77
N ALA A 481 18.81 -34.26 21.82
CA ALA A 481 19.74 -33.33 22.43
C ALA A 481 20.79 -32.86 21.43
N ARG A 482 21.33 -33.80 20.66
CA ARG A 482 22.30 -33.44 19.63
C ARG A 482 21.68 -32.53 18.57
N TYR A 483 20.46 -32.85 18.14
CA TYR A 483 19.77 -31.98 17.19
C TYR A 483 19.60 -30.58 17.73
N CYS A 484 19.20 -30.46 19.01
CA CYS A 484 18.94 -29.15 19.59
C CYS A 484 20.22 -28.34 19.70
N ILE A 485 21.33 -28.97 20.09
CA ILE A 485 22.58 -28.22 20.19
C ILE A 485 23.06 -27.78 18.80
N HIS A 486 22.88 -28.62 17.77
CA HIS A 486 23.27 -28.18 16.43
C HIS A 486 22.41 -27.01 15.97
N ASP A 487 21.11 -27.06 16.26
CA ASP A 487 20.23 -25.95 15.90
C ASP A 487 20.66 -24.68 16.60
N ALA A 488 21.01 -24.78 17.88
CA ALA A 488 21.46 -23.61 18.63
C ALA A 488 22.73 -23.02 18.03
N CYS A 489 23.67 -23.88 17.63
CA CYS A 489 24.92 -23.37 17.07
C CYS A 489 24.76 -22.80 15.66
N LEU A 490 23.77 -23.29 14.90
CA LEU A 490 23.57 -22.80 13.55
C LEU A 490 23.30 -21.30 13.51
N CYS A 491 22.60 -20.78 14.52
CA CYS A 491 22.38 -19.34 14.62
C CYS A 491 23.70 -18.60 14.73
N GLN A 492 24.63 -19.13 15.53
CA GLN A 492 25.95 -18.53 15.64
C GLN A 492 26.67 -18.54 14.29
N TYR A 493 26.67 -19.69 13.61
CA TYR A 493 27.38 -19.78 12.35
C TYR A 493 26.82 -18.80 11.33
N LEU A 494 25.50 -18.67 11.28
CA LEU A 494 24.89 -17.67 10.42
C LEU A 494 25.27 -16.26 10.84
N TRP A 495 25.39 -16.02 12.15
CA TRP A 495 25.72 -14.69 12.65
C TRP A 495 27.08 -14.24 12.16
N GLU A 496 28.09 -15.11 12.20
CA GLU A 496 29.35 -14.70 11.58
C GLU A 496 29.28 -14.71 10.05
N TYR A 497 28.44 -15.55 9.45
CA TYR A 497 28.42 -15.56 8.00
C TYR A 497 27.88 -14.26 7.43
N TYR A 498 26.85 -13.69 8.05
CA TYR A 498 26.22 -12.48 7.52
C TYR A 498 26.91 -11.19 7.98
N GLY A 499 27.85 -11.27 8.92
CA GLY A 499 28.54 -10.08 9.37
C GLY A 499 27.66 -9.06 10.06
N VAL A 500 26.83 -9.53 11.00
CA VAL A 500 25.84 -8.66 11.62
C VAL A 500 26.50 -7.59 12.48
N GLU A 501 27.58 -7.91 13.18
CA GLU A 501 28.20 -6.94 14.09
C GLU A 501 28.80 -5.76 13.34
N THR A 502 29.61 -6.04 12.32
CA THR A 502 30.25 -4.96 11.58
C THR A 502 29.22 -4.13 10.82
N LYS A 503 28.20 -4.79 10.26
CA LYS A 503 27.14 -4.05 9.58
C LYS A 503 26.37 -3.18 10.55
N THR A 504 26.14 -3.67 11.77
CA THR A 504 25.44 -2.87 12.77
C THR A 504 26.24 -1.62 13.13
N ASP A 505 27.55 -1.78 13.37
CA ASP A 505 28.38 -0.63 13.69
C ASP A 505 28.45 0.35 12.52
N ALA A 506 28.61 -0.16 11.29
CA ALA A 506 28.67 0.72 10.13
C ALA A 506 27.38 1.48 9.93
N GLY A 507 26.24 0.80 10.06
CA GLY A 507 24.96 1.46 9.90
C GLY A 507 24.70 2.49 10.97
N ALA A 508 25.06 2.18 12.21
CA ALA A 508 24.89 3.15 13.29
C ALA A 508 25.75 4.39 13.05
N ALA A 509 26.98 4.19 12.59
CA ALA A 509 27.84 5.34 12.32
C ALA A 509 27.31 6.19 11.17
N THR A 510 26.90 5.55 10.08
CA THR A 510 26.48 6.30 8.90
C THR A 510 25.13 6.98 9.10
N TYR A 511 24.15 6.25 9.64
CA TYR A 511 22.81 6.78 9.80
C TYR A 511 22.67 7.72 11.00
N VAL A 512 23.63 7.71 11.92
CA VAL A 512 23.54 8.44 13.19
C VAL A 512 22.31 7.92 13.93
N LEU A 513 22.36 6.66 14.35
CA LEU A 513 21.27 6.01 15.06
C LEU A 513 21.85 5.06 16.09
N PRO A 514 21.10 4.76 17.14
CA PRO A 514 21.53 3.73 18.10
C PRO A 514 21.59 2.36 17.45
N GLN A 515 22.44 1.50 18.01
CA GLN A 515 22.64 0.17 17.45
C GLN A 515 21.34 -0.63 17.42
N SER A 516 20.62 -0.67 18.53
CA SER A 516 19.45 -1.54 18.65
C SER A 516 18.37 -1.24 17.63
N MET A 517 18.36 -0.04 17.05
CA MET A 517 17.34 0.34 16.08
C MET A 517 17.88 0.51 14.67
N VAL A 518 19.06 -0.05 14.38
CA VAL A 518 19.57 0.02 13.01
C VAL A 518 18.73 -0.87 12.08
N PHE A 519 18.31 -2.02 12.57
CA PHE A 519 17.57 -3.00 11.76
C PHE A 519 16.11 -3.11 12.18
N GLU A 520 15.47 -2.00 12.54
CA GLU A 520 14.07 -2.02 12.93
C GLU A 520 13.21 -0.99 12.20
N TYR A 521 13.80 -0.06 11.45
CA TYR A 521 13.06 1.02 10.82
C TYR A 521 13.18 0.94 9.31
N ARG A 522 12.28 1.61 8.62
CA ARG A 522 12.21 1.57 7.17
C ARG A 522 13.19 2.60 6.59
N ALA A 523 13.11 2.81 5.27
CA ALA A 523 14.06 3.68 4.61
C ALA A 523 13.88 5.15 5.00
N SER A 524 12.65 5.58 5.26
CA SER A 524 12.38 6.98 5.54
C SER A 524 13.02 7.47 6.83
N THR A 525 13.40 6.57 7.73
CA THR A 525 14.00 6.94 9.01
C THR A 525 15.52 6.93 8.99
N ILE A 526 16.14 6.11 8.14
CA ILE A 526 17.59 5.95 8.15
C ILE A 526 18.23 7.00 7.27
N ILE A 527 17.43 7.92 6.73
CA ILE A 527 17.93 8.97 5.85
C ILE A 527 17.91 10.34 6.51
N LYS A 528 17.34 10.47 7.72
CA LYS A 528 17.21 11.78 8.33
C LYS A 528 18.54 12.29 8.89
N GLY A 529 19.44 11.39 9.28
CA GLY A 529 20.73 11.78 9.79
C GLY A 529 21.61 12.46 8.77
N PRO A 530 21.95 11.74 7.69
CA PRO A 530 22.74 12.38 6.61
C PRO A 530 22.06 13.60 6.00
N LEU A 531 20.74 13.57 5.86
CA LEU A 531 20.02 14.73 5.33
C LEU A 531 20.15 15.92 6.26
N LEU A 532 20.02 15.70 7.56
CA LEU A 532 20.19 16.78 8.54
C LEU A 532 21.60 17.34 8.49
N LYS A 533 22.60 16.45 8.39
CA LYS A 533 23.99 16.91 8.32
C LYS A 533 24.21 17.75 7.07
N LEU A 534 23.69 17.30 5.93
CA LEU A 534 23.84 18.07 4.70
C LEU A 534 23.13 19.41 4.78
N LEU A 535 21.93 19.44 5.38
CA LEU A 535 21.21 20.69 5.51
C LEU A 535 21.98 21.69 6.38
N LEU A 536 22.55 21.21 7.48
CA LEU A 536 23.34 22.11 8.33
C LEU A 536 24.61 22.57 7.63
N GLU A 537 25.24 21.68 6.84
CA GLU A 537 26.46 22.08 6.15
C GLU A 537 26.17 23.11 5.05
N THR A 538 25.06 22.92 4.33
CA THR A 538 24.71 23.84 3.25
C THR A 538 23.97 25.08 3.76
N LYS A 539 23.51 25.05 5.01
CA LYS A 539 22.79 26.17 5.63
C LYS A 539 21.52 26.50 4.84
N THR A 540 20.62 25.52 4.79
CA THR A 540 19.36 25.68 4.08
C THR A 540 18.27 24.89 4.76
N ILE A 541 17.04 25.40 4.65
CA ILE A 541 15.85 24.76 5.17
C ILE A 541 14.81 24.72 4.06
N LEU A 542 14.13 23.59 3.92
CA LEU A 542 13.09 23.42 2.92
C LEU A 542 11.75 23.23 3.63
N VAL A 543 10.76 24.04 3.24
CA VAL A 543 9.46 24.03 3.90
C VAL A 543 8.37 23.79 2.86
N ARG A 544 7.38 22.99 3.23
CA ARG A 544 6.16 22.81 2.44
C ARG A 544 5.02 23.44 3.21
N SER A 545 4.55 24.59 2.72
CA SER A 545 3.53 25.38 3.40
C SER A 545 2.14 25.10 2.84
N GLU A 546 1.93 23.88 2.34
CA GLU A 546 0.64 23.47 1.81
C GLU A 546 0.37 22.04 2.25
N THR A 547 -0.63 21.41 1.63
CA THR A 547 -0.97 20.03 1.88
C THR A 547 -0.72 19.21 0.63
N LYS A 548 -0.39 17.93 0.81
CA LYS A 548 -0.02 17.05 -0.28
C LYS A 548 -1.22 16.21 -0.70
N GLN A 549 -1.84 16.57 -1.82
CA GLN A 549 -2.90 15.75 -2.39
C GLN A 549 -2.30 14.48 -2.99
N LYS A 550 -3.03 13.37 -2.85
CA LYS A 550 -2.54 12.05 -3.25
C LYS A 550 -2.79 11.83 -4.75
N PHE A 551 -1.76 12.13 -5.53
CA PHE A 551 -1.82 11.84 -6.96
C PHE A 551 -1.71 10.33 -7.19
N PRO A 552 -2.38 9.81 -8.23
CA PRO A 552 -2.34 8.37 -8.55
C PRO A 552 -0.94 7.91 -8.94
N LYS A 557 7.54 -0.11 -14.79
CA LYS A 557 6.78 -0.86 -15.78
C LYS A 557 7.34 -2.26 -15.95
N VAL A 558 6.47 -3.21 -16.31
CA VAL A 558 6.87 -4.58 -16.51
C VAL A 558 7.55 -4.72 -17.86
N PHE A 559 8.74 -5.31 -17.87
CA PHE A 559 9.52 -5.51 -19.09
C PHE A 559 9.34 -6.94 -19.58
N ALA A 560 9.07 -7.08 -20.87
CA ALA A 560 8.83 -8.38 -21.48
C ALA A 560 10.01 -8.76 -22.38
N PRO A 561 10.76 -9.81 -22.04
CA PRO A 561 11.83 -10.27 -22.94
C PRO A 561 11.28 -10.70 -24.28
N LYS A 562 12.11 -10.50 -25.32
CA LYS A 562 11.70 -10.82 -26.67
C LYS A 562 11.40 -12.30 -26.83
N GLN A 563 12.24 -13.16 -26.27
CA GLN A 563 12.04 -14.60 -26.37
C GLN A 563 12.53 -15.25 -25.09
N LYS A 564 12.12 -16.50 -24.89
CA LYS A 564 12.35 -17.18 -23.62
C LYS A 564 13.44 -18.24 -23.71
N MET A 565 13.34 -19.16 -24.67
CA MET A 565 14.39 -20.14 -24.90
C MET A 565 15.43 -19.54 -25.83
N PHE A 566 16.70 -19.61 -25.43
CA PHE A 566 17.74 -18.85 -26.09
C PHE A 566 18.74 -19.72 -26.85
N SER A 567 19.41 -20.64 -26.16
CA SER A 567 20.34 -21.59 -26.76
C SER A 567 21.56 -20.90 -27.38
N ASN A 568 21.75 -19.61 -27.11
CA ASN A 568 22.97 -18.90 -27.46
C ASN A 568 23.40 -18.11 -26.24
N ASN A 569 24.67 -17.76 -26.19
CA ASN A 569 25.22 -17.19 -24.96
C ASN A 569 24.65 -15.80 -24.71
N VAL A 570 24.43 -15.47 -23.44
CA VAL A 570 23.91 -14.18 -23.05
C VAL A 570 24.95 -13.48 -22.18
N LEU A 571 25.35 -12.28 -22.60
CA LEU A 571 26.22 -11.43 -21.80
C LEU A 571 25.36 -10.54 -20.91
N ILE A 572 25.77 -10.40 -19.65
CA ILE A 572 25.04 -9.61 -18.67
C ILE A 572 25.84 -8.35 -18.37
N PHE A 573 25.18 -7.20 -18.38
CA PHE A 573 25.82 -5.94 -17.99
C PHE A 573 25.00 -5.27 -16.91
N ASP A 574 25.69 -4.68 -15.94
CA ASP A 574 25.05 -4.03 -14.81
C ASP A 574 25.30 -2.53 -14.87
N TYR A 575 24.23 -1.75 -14.81
CA TYR A 575 24.36 -0.31 -14.75
C TYR A 575 24.94 0.12 -13.41
N ASN A 576 25.81 1.10 -13.44
CA ASN A 576 26.47 1.60 -12.23
C ASN A 576 25.59 2.67 -11.59
N SER A 577 24.56 2.23 -10.85
CA SER A 577 23.69 3.10 -10.08
C SER A 577 23.03 4.15 -10.98
N LEU A 578 22.13 3.66 -11.84
CA LEU A 578 21.55 4.49 -12.88
C LEU A 578 20.79 5.68 -12.30
N TYR A 579 19.89 5.43 -11.35
CA TYR A 579 19.11 6.53 -10.80
C TYR A 579 19.94 7.58 -10.06
N PRO A 580 20.85 7.24 -9.14
CA PRO A 580 21.65 8.31 -8.52
C PRO A 580 22.48 9.10 -9.53
N ASN A 581 23.08 8.41 -10.50
CA ASN A 581 23.93 9.10 -11.47
C ASN A 581 23.10 10.02 -12.35
N VAL A 582 21.91 9.59 -12.75
CA VAL A 582 21.11 10.42 -13.64
C VAL A 582 20.45 11.57 -12.87
N CYS A 583 20.18 11.35 -11.57
CA CYS A 583 19.74 12.46 -10.73
C CYS A 583 20.82 13.51 -10.59
N ILE A 584 22.07 13.08 -10.44
CA ILE A 584 23.18 14.02 -10.44
C ILE A 584 23.27 14.73 -11.78
N PHE A 585 23.09 13.99 -12.88
CA PHE A 585 23.21 14.55 -14.21
C PHE A 585 22.17 15.64 -14.47
N GLY A 586 20.93 15.40 -14.07
CA GLY A 586 19.88 16.35 -14.34
C GLY A 586 19.64 17.41 -13.29
N ASN A 587 20.36 17.36 -12.17
CA ASN A 587 20.14 18.25 -11.04
C ASN A 587 18.68 18.22 -10.61
N LEU A 588 18.15 17.01 -10.43
CA LEU A 588 16.74 16.82 -10.14
C LEU A 588 16.53 16.92 -8.63
N SER A 589 16.21 18.12 -8.16
CA SER A 589 15.99 18.41 -6.75
C SER A 589 14.74 19.27 -6.62
N PRO A 590 14.06 19.19 -5.47
CA PRO A 590 12.85 20.02 -5.28
C PRO A 590 13.11 21.51 -5.35
N GLU A 591 14.27 21.98 -4.92
CA GLU A 591 14.54 23.42 -4.86
C GLU A 591 15.20 23.97 -6.11
N THR A 592 15.45 23.14 -7.11
CA THR A 592 16.04 23.59 -8.37
C THR A 592 15.08 23.39 -9.54
N LEU A 593 13.79 23.21 -9.24
CA LEU A 593 12.75 23.06 -10.26
C LEU A 593 12.32 24.45 -10.69
N VAL A 594 12.70 24.85 -11.90
CA VAL A 594 12.35 26.18 -12.39
C VAL A 594 10.85 26.31 -12.54
N GLY A 595 10.20 25.29 -13.08
CA GLY A 595 8.75 25.33 -13.19
C GLY A 595 8.21 24.08 -13.84
N VAL A 596 6.88 23.99 -13.85
CA VAL A 596 6.14 22.92 -14.51
C VAL A 596 5.15 23.58 -15.45
N VAL A 597 5.31 23.34 -16.75
CA VAL A 597 4.49 23.96 -17.78
C VAL A 597 3.64 22.87 -18.42
N VAL A 598 2.32 23.06 -18.40
CA VAL A 598 1.40 22.09 -18.98
C VAL A 598 0.57 22.78 -20.06
N SER A 599 0.13 21.98 -21.01
CA SER A 599 -0.69 22.47 -22.10
C SER A 599 -1.74 21.43 -22.45
N THR A 600 -2.98 21.90 -22.62
CA THR A 600 -4.11 21.07 -22.96
C THR A 600 -4.46 21.10 -24.43
N ASN A 601 -3.73 21.88 -25.23
CA ASN A 601 -4.03 22.02 -26.65
C ASN A 601 -2.72 22.19 -27.41
N ARG A 602 -2.78 21.93 -28.72
CA ARG A 602 -1.58 22.06 -29.55
C ARG A 602 -1.16 23.51 -29.73
N LEU A 603 -2.11 24.44 -29.72
CA LEU A 603 -1.77 25.86 -29.78
C LEU A 603 -0.78 26.22 -28.68
N GLU A 604 -1.22 26.08 -27.43
CA GLU A 604 -0.42 26.44 -26.28
C GLU A 604 0.85 25.60 -26.19
N GLU A 605 0.76 24.31 -26.54
CA GLU A 605 1.94 23.46 -26.46
C GLU A 605 3.02 23.92 -27.42
N GLU A 606 2.65 24.23 -28.67
CA GLU A 606 3.65 24.69 -29.63
C GLU A 606 4.22 26.05 -29.25
N ILE A 607 3.36 26.98 -28.83
CA ILE A 607 3.84 28.29 -28.40
C ILE A 607 4.79 28.15 -27.21
N ASN A 608 4.43 27.29 -26.25
CA ASN A 608 5.24 27.10 -25.07
C ASN A 608 6.58 26.47 -25.40
N ASN A 609 6.59 25.48 -26.31
CA ASN A 609 7.85 24.88 -26.72
C ASN A 609 8.76 25.89 -27.40
N GLN A 610 8.18 26.73 -28.27
CA GLN A 610 9.00 27.75 -28.94
C GLN A 610 9.60 28.72 -27.92
N LEU A 611 8.76 29.23 -27.00
CA LEU A 611 9.28 30.16 -26.00
C LEU A 611 10.26 29.47 -25.06
N LEU A 612 10.10 28.16 -24.84
CA LEU A 612 11.01 27.43 -23.99
C LEU A 612 12.40 27.34 -24.63
N LEU A 613 12.44 26.94 -25.90
CA LEU A 613 13.72 26.93 -26.60
C LEU A 613 14.30 28.33 -26.75
N GLN A 614 13.47 29.37 -26.72
CA GLN A 614 13.98 30.72 -26.89
C GLN A 614 14.60 31.26 -25.60
N LYS A 615 13.90 31.15 -24.48
CA LYS A 615 14.31 31.80 -23.24
C LYS A 615 15.08 30.88 -22.30
N TYR A 616 14.85 29.57 -22.36
CA TYR A 616 15.50 28.61 -21.46
C TYR A 616 16.43 27.73 -22.29
N PRO A 617 17.67 28.16 -22.50
CA PRO A 617 18.56 27.44 -23.40
C PRO A 617 19.43 26.45 -22.67
N PRO A 618 19.94 25.43 -23.37
CA PRO A 618 20.94 24.54 -22.78
C PRO A 618 22.33 25.15 -22.89
N PRO A 619 23.31 24.65 -22.13
CA PRO A 619 23.24 23.56 -21.16
C PRO A 619 22.93 24.03 -19.73
N ARG A 620 22.65 25.32 -19.57
CA ARG A 620 22.39 25.85 -18.24
C ARG A 620 21.12 25.23 -17.64
N TYR A 621 20.07 25.09 -18.44
CA TYR A 621 18.81 24.53 -17.99
C TYR A 621 18.56 23.20 -18.68
N ILE A 622 17.65 22.41 -18.11
CA ILE A 622 17.25 21.14 -18.71
C ILE A 622 15.73 21.03 -18.64
N THR A 623 15.13 20.53 -19.71
CA THR A 623 13.68 20.35 -19.80
C THR A 623 13.40 18.86 -19.98
N VAL A 624 12.53 18.33 -19.13
CA VAL A 624 12.17 16.93 -19.15
C VAL A 624 10.67 16.81 -19.38
N HIS A 625 10.28 16.08 -20.42
CA HIS A 625 8.88 15.77 -20.63
C HIS A 625 8.44 14.72 -19.63
N CYS A 626 7.14 14.72 -19.32
CA CYS A 626 6.57 13.74 -18.41
C CYS A 626 5.17 13.38 -18.87
N GLU A 627 4.68 12.25 -18.39
CA GLU A 627 3.28 11.92 -18.56
C GLU A 627 2.41 12.89 -17.77
N PRO A 628 1.38 13.46 -18.38
CA PRO A 628 0.55 14.45 -17.68
C PRO A 628 -0.13 13.84 -16.46
N ARG A 629 -0.25 14.67 -15.42
CA ARG A 629 -0.87 14.23 -14.17
C ARG A 629 -2.38 14.35 -14.19
N LEU A 630 -2.97 14.95 -15.22
CA LEU A 630 -4.41 15.06 -15.37
C LEU A 630 -4.83 14.65 -16.76
N PRO A 631 -6.02 14.04 -16.89
CA PRO A 631 -6.47 13.57 -18.22
C PRO A 631 -6.59 14.68 -19.25
N ASN A 632 -7.00 15.88 -18.86
CA ASN A 632 -7.16 16.99 -19.80
C ASN A 632 -5.84 17.53 -20.35
N LEU A 633 -4.76 17.47 -19.57
CA LEU A 633 -3.46 17.92 -20.06
C LEU A 633 -2.95 16.98 -21.14
N ILE A 634 -2.27 17.54 -22.13
CA ILE A 634 -1.71 16.74 -23.22
C ILE A 634 -0.19 16.84 -23.20
N SER A 635 0.34 17.87 -22.54
CA SER A 635 1.78 18.03 -22.46
C SER A 635 2.18 18.55 -21.10
N GLU A 636 3.25 17.96 -20.53
CA GLU A 636 3.78 18.37 -19.25
C GLU A 636 5.31 18.39 -19.32
N ILE A 637 5.90 19.54 -19.02
CA ILE A 637 7.34 19.75 -19.08
C ILE A 637 7.80 20.31 -17.74
N ALA A 638 8.84 19.70 -17.17
CA ALA A 638 9.47 20.20 -15.96
C ALA A 638 10.85 20.73 -16.28
N ILE A 639 11.19 21.89 -15.71
CA ILE A 639 12.44 22.57 -16.02
C ILE A 639 13.30 22.59 -14.75
N PHE A 640 14.58 22.21 -14.90
CA PHE A 640 15.52 22.19 -13.79
C PHE A 640 16.74 23.03 -14.15
N ASP A 641 17.31 23.67 -13.14
CA ASP A 641 18.44 24.58 -13.30
C ASP A 641 19.72 23.90 -12.86
N ARG A 642 20.79 24.10 -13.63
CA ARG A 642 22.08 23.50 -13.35
C ARG A 642 23.13 24.53 -12.97
N SER A 643 22.72 25.74 -12.61
CA SER A 643 23.68 26.77 -12.24
C SER A 643 24.27 26.49 -10.85
N ILE A 644 23.43 26.11 -9.89
CA ILE A 644 23.85 25.82 -8.53
C ILE A 644 23.40 24.41 -8.18
N GLU A 645 24.31 23.63 -7.58
CA GLU A 645 24.01 22.24 -7.29
C GLU A 645 22.93 22.12 -6.21
N GLY A 646 22.05 21.14 -6.39
CA GLY A 646 20.96 20.90 -5.47
C GLY A 646 21.38 20.15 -4.23
N THR A 647 20.40 19.72 -3.45
CA THR A 647 20.61 18.99 -2.21
C THR A 647 20.64 17.49 -2.40
N ILE A 648 19.65 16.93 -3.10
CA ILE A 648 19.66 15.50 -3.39
C ILE A 648 20.88 15.09 -4.21
N PRO A 649 21.27 15.79 -5.29
CA PRO A 649 22.51 15.43 -5.99
C PRO A 649 23.73 15.46 -5.10
N ARG A 650 23.81 16.41 -4.16
CA ARG A 650 24.95 16.47 -3.26
C ARG A 650 25.02 15.25 -2.36
N LEU A 651 23.87 14.84 -1.80
CA LEU A 651 23.83 13.65 -0.97
C LEU A 651 24.23 12.41 -1.76
N LEU A 652 23.72 12.28 -2.98
CA LEU A 652 24.05 11.11 -3.79
C LEU A 652 25.52 11.09 -4.18
N ARG A 653 26.08 12.25 -4.53
CA ARG A 653 27.50 12.31 -4.87
C ARG A 653 28.37 11.95 -3.67
N THR A 654 28.00 12.44 -2.48
CA THR A 654 28.73 12.08 -1.27
C THR A 654 28.69 10.58 -1.02
N PHE A 655 27.50 9.98 -1.15
CA PHE A 655 27.36 8.54 -0.96
C PHE A 655 28.23 7.77 -1.93
N LEU A 656 28.19 8.14 -3.22
CA LEU A 656 28.95 7.42 -4.23
C LEU A 656 30.45 7.55 -3.99
N ALA A 657 30.92 8.74 -3.65
CA ALA A 657 32.35 8.94 -3.41
C ALA A 657 32.82 8.13 -2.21
N GLU A 658 32.04 8.13 -1.12
CA GLU A 658 32.41 7.34 0.04
C GLU A 658 32.46 5.85 -0.29
N ARG A 659 31.49 5.36 -1.06
CA ARG A 659 31.50 3.95 -1.40
C ARG A 659 32.70 3.59 -2.26
N ALA A 660 33.05 4.43 -3.23
CA ALA A 660 34.23 4.16 -4.05
C ALA A 660 35.50 4.15 -3.22
N ARG A 661 35.62 5.10 -2.30
CA ARG A 661 36.80 5.15 -1.43
C ARG A 661 36.90 3.88 -0.59
N TYR A 662 35.77 3.41 -0.05
CA TYR A 662 35.81 2.20 0.77
C TYR A 662 36.08 0.95 -0.06
N LYS A 663 35.59 0.90 -1.31
CA LYS A 663 36.00 -0.19 -2.19
C LYS A 663 37.51 -0.21 -2.39
N LYS A 664 38.10 0.96 -2.65
CA LYS A 664 39.55 1.00 -2.84
C LYS A 664 40.28 0.55 -1.58
N MET A 665 39.85 1.03 -0.41
CA MET A 665 40.52 0.66 0.83
C MET A 665 40.40 -0.84 1.11
N LEU A 666 39.24 -1.43 0.83
CA LEU A 666 39.10 -2.87 0.97
C LEU A 666 40.03 -3.61 0.01
N LYS A 667 40.09 -3.16 -1.25
CA LYS A 667 40.94 -3.81 -2.23
C LYS A 667 42.43 -3.71 -1.88
N GLN A 668 42.84 -2.68 -1.16
CA GLN A 668 44.24 -2.50 -0.79
C GLN A 668 44.49 -2.87 0.67
N ALA A 669 43.80 -3.90 1.17
CA ALA A 669 43.90 -4.30 2.57
C ALA A 669 44.28 -5.77 2.66
N THR A 670 44.85 -6.16 3.81
CA THR A 670 45.31 -7.53 4.03
C THR A 670 44.75 -8.18 5.28
N SER A 671 44.48 -7.44 6.33
CA SER A 671 43.97 -8.03 7.57
C SER A 671 42.49 -8.37 7.43
N SER A 672 42.04 -9.33 8.24
CA SER A 672 40.66 -9.77 8.18
C SER A 672 39.71 -8.74 8.78
N THR A 673 40.08 -8.16 9.92
CA THR A 673 39.20 -7.19 10.59
C THR A 673 38.98 -5.95 9.72
N GLU A 674 40.06 -5.44 9.12
CA GLU A 674 39.94 -4.29 8.24
C GLU A 674 39.06 -4.62 7.04
N LYS A 675 39.22 -5.81 6.47
CA LYS A 675 38.41 -6.19 5.33
C LYS A 675 36.93 -6.27 5.71
N ALA A 676 36.62 -6.83 6.87
CA ALA A 676 35.24 -6.90 7.31
C ALA A 676 34.66 -5.51 7.53
N ILE A 677 35.43 -4.61 8.16
CA ILE A 677 34.94 -3.26 8.41
C ILE A 677 34.68 -2.53 7.10
N TYR A 678 35.60 -2.64 6.15
CA TYR A 678 35.44 -1.94 4.88
C TYR A 678 34.28 -2.51 4.08
N ASP A 679 34.08 -3.82 4.12
CA ASP A 679 32.92 -4.42 3.47
C ASP A 679 31.63 -3.92 4.09
N SER A 680 31.58 -3.81 5.41
CA SER A 680 30.39 -3.28 6.07
C SER A 680 30.11 -1.85 5.65
N MET A 681 31.16 -1.02 5.58
CA MET A 681 30.97 0.37 5.19
C MET A 681 30.46 0.50 3.76
N GLN A 682 31.08 -0.22 2.82
CA GLN A 682 30.62 -0.14 1.44
C GLN A 682 29.19 -0.66 1.29
N TYR A 683 28.84 -1.73 2.00
CA TYR A 683 27.48 -2.24 1.93
C TYR A 683 26.47 -1.23 2.48
N THR A 684 26.81 -0.58 3.60
CA THR A 684 25.91 0.41 4.17
C THR A 684 25.69 1.58 3.22
N TYR A 685 26.77 2.07 2.60
CA TYR A 685 26.64 3.18 1.67
C TYR A 685 25.81 2.77 0.46
N LYS A 686 26.00 1.54 -0.04
CA LYS A 686 25.18 1.06 -1.15
C LYS A 686 23.71 1.00 -0.77
N ILE A 687 23.41 0.49 0.42
CA ILE A 687 22.02 0.30 0.79
C ILE A 687 21.33 1.61 1.14
N VAL A 688 22.08 2.64 1.52
CA VAL A 688 21.45 3.94 1.79
C VAL A 688 21.36 4.78 0.52
N ALA A 689 22.24 4.56 -0.46
CA ALA A 689 22.20 5.32 -1.69
C ALA A 689 21.17 4.80 -2.68
N ASN A 690 20.66 3.59 -2.49
CA ASN A 690 19.66 3.01 -3.39
C ASN A 690 18.23 3.21 -2.90
N SER A 691 18.03 3.91 -1.79
CA SER A 691 16.71 4.17 -1.25
C SER A 691 16.19 5.56 -1.58
N VAL A 692 16.98 6.36 -2.31
CA VAL A 692 16.58 7.74 -2.59
C VAL A 692 15.40 7.79 -3.55
N TYR A 693 15.45 6.99 -4.61
CA TYR A 693 14.40 7.03 -5.63
C TYR A 693 13.04 6.70 -5.03
N GLY A 694 12.98 5.69 -4.16
CA GLY A 694 11.72 5.35 -3.53
C GLY A 694 11.21 6.44 -2.61
N LEU A 695 12.10 7.10 -1.87
CA LEU A 695 11.67 8.13 -0.95
C LEU A 695 11.26 9.40 -1.69
N MET A 696 11.73 9.58 -2.93
CA MET A 696 11.29 10.72 -3.71
C MET A 696 9.85 10.56 -4.19
N GLY A 697 9.32 9.35 -4.14
CA GLY A 697 7.95 9.08 -4.50
C GLY A 697 7.04 8.74 -3.35
N PHE A 698 7.45 9.02 -2.11
CA PHE A 698 6.65 8.73 -0.94
C PHE A 698 6.08 10.03 -0.38
N ARG A 699 4.78 10.04 -0.12
CA ARG A 699 4.11 11.26 0.33
C ARG A 699 4.62 11.70 1.70
N ASN A 700 4.79 10.77 2.62
CA ASN A 700 5.16 11.07 4.00
C ASN A 700 6.67 11.10 4.19
N SER A 701 7.41 11.38 3.13
CA SER A 701 8.87 11.40 3.17
C SER A 701 9.38 12.83 3.24
N ALA A 702 10.65 12.96 3.58
CA ALA A 702 11.30 14.26 3.63
C ALA A 702 11.90 14.66 2.30
N LEU A 703 11.75 13.84 1.26
CA LEU A 703 12.28 14.12 -0.07
C LEU A 703 11.20 14.00 -1.12
N TYR A 704 9.97 14.35 -0.77
CA TYR A 704 8.86 14.27 -1.72
C TYR A 704 9.08 15.25 -2.87
N SER A 705 9.02 14.74 -4.09
CA SER A 705 9.13 15.58 -5.28
C SER A 705 8.49 14.81 -6.44
N TYR A 706 7.28 15.24 -6.84
CA TYR A 706 6.60 14.59 -7.95
C TYR A 706 7.31 14.82 -9.27
N ALA A 707 7.63 16.08 -9.57
CA ALA A 707 8.26 16.40 -10.84
C ALA A 707 9.64 15.74 -10.95
N SER A 708 10.40 15.76 -9.85
CA SER A 708 11.72 15.14 -9.85
C SER A 708 11.61 13.63 -10.06
N ALA A 709 10.63 12.99 -9.42
CA ALA A 709 10.46 11.56 -9.58
C ALA A 709 10.11 11.19 -11.02
N LYS A 710 9.15 11.91 -11.61
CA LYS A 710 8.78 11.62 -12.98
C LYS A 710 9.92 11.92 -13.94
N SER A 711 10.66 12.99 -13.69
CA SER A 711 11.81 13.31 -14.53
C SER A 711 12.86 12.21 -14.47
N CYS A 712 13.15 11.71 -13.27
CA CYS A 712 14.12 10.64 -13.12
C CYS A 712 13.67 9.40 -13.88
N THR A 713 12.39 9.02 -13.72
CA THR A 713 11.89 7.84 -14.42
C THR A 713 11.97 8.01 -15.93
N SER A 714 11.56 9.18 -16.44
CA SER A 714 11.55 9.40 -17.89
C SER A 714 12.95 9.40 -18.46
N ILE A 715 13.90 10.06 -17.79
CA ILE A 715 15.26 10.11 -18.31
C ILE A 715 15.92 8.73 -18.23
N GLY A 716 15.62 7.95 -17.19
CA GLY A 716 16.11 6.58 -17.15
C GLY A 716 15.57 5.75 -18.29
N ARG A 717 14.28 5.87 -18.58
CA ARG A 717 13.70 5.16 -19.72
C ARG A 717 14.38 5.58 -21.02
N ARG A 718 14.65 6.87 -21.18
CA ARG A 718 15.30 7.34 -22.40
C ARG A 718 16.69 6.75 -22.56
N MET A 719 17.48 6.75 -21.49
CA MET A 719 18.83 6.18 -21.59
C MET A 719 18.79 4.69 -21.88
N ILE A 720 17.87 3.98 -21.23
CA ILE A 720 17.75 2.53 -21.45
C ILE A 720 17.38 2.26 -22.91
N LEU A 721 16.41 3.01 -23.44
CA LEU A 721 16.00 2.81 -24.83
C LEU A 721 17.14 3.14 -25.79
N TYR A 722 17.90 4.19 -25.50
CA TYR A 722 19.02 4.55 -26.36
C TYR A 722 20.06 3.45 -26.42
N LEU A 723 20.43 2.90 -25.25
CA LEU A 723 21.41 1.82 -25.26
C LEU A 723 20.87 0.57 -25.95
N GLU A 724 19.60 0.24 -25.70
CA GLU A 724 19.00 -0.93 -26.33
C GLU A 724 18.97 -0.79 -27.85
N SER A 725 18.70 0.42 -28.34
CA SER A 725 18.67 0.64 -29.79
C SER A 725 20.07 0.62 -30.37
N VAL A 726 21.07 1.10 -29.63
CA VAL A 726 22.40 1.19 -30.22
C VAL A 726 23.13 -0.16 -30.18
N LEU A 727 22.82 -1.02 -29.20
CA LEU A 727 23.45 -2.33 -29.15
C LEU A 727 22.87 -3.32 -30.16
N ASN A 728 21.58 -3.25 -30.43
CA ASN A 728 20.90 -4.29 -31.22
C ASN A 728 21.32 -4.18 -32.68
N GLY A 729 21.89 -5.25 -33.22
CA GLY A 729 22.32 -5.31 -34.60
C GLY A 729 23.74 -4.86 -34.84
N ALA A 730 24.42 -4.32 -33.83
CA ALA A 730 25.81 -3.90 -34.00
C ALA A 730 26.70 -5.10 -34.21
N GLU A 731 27.50 -5.07 -35.28
CA GLU A 731 28.32 -6.23 -35.63
C GLU A 731 29.79 -5.86 -35.55
N LEU A 732 30.62 -6.89 -35.68
CA LEU A 732 32.07 -6.78 -35.56
C LEU A 732 32.68 -7.34 -36.83
N SER A 733 33.06 -6.45 -37.74
CA SER A 733 33.58 -6.84 -39.05
C SER A 733 35.03 -6.39 -39.16
N ASN A 734 35.89 -7.31 -39.60
CA ASN A 734 37.33 -7.06 -39.74
C ASN A 734 37.84 -6.62 -38.36
N GLY A 735 38.64 -5.57 -38.27
CA GLY A 735 39.09 -5.09 -36.99
C GLY A 735 38.27 -3.92 -36.48
N MET A 736 37.05 -3.77 -37.00
CA MET A 736 36.19 -2.65 -36.65
C MET A 736 34.86 -3.17 -36.14
N LEU A 737 34.16 -2.32 -35.40
CA LEU A 737 32.83 -2.65 -34.89
C LEU A 737 31.88 -1.52 -35.27
N ARG A 738 30.75 -1.89 -35.86
CA ARG A 738 29.77 -0.90 -36.29
C ARG A 738 28.49 -1.07 -35.49
N PHE A 739 27.92 0.06 -35.08
CA PHE A 739 26.67 0.09 -34.33
C PHE A 739 25.51 0.34 -35.29
N ALA A 740 24.30 0.02 -34.83
CA ALA A 740 23.13 0.10 -35.68
C ALA A 740 22.63 1.52 -35.92
N ASN A 741 23.08 2.49 -35.12
CA ASN A 741 22.59 3.85 -35.24
C ASN A 741 23.71 4.82 -34.88
N THR A 742 23.54 6.07 -35.32
CA THR A 742 24.52 7.11 -35.03
C THR A 742 24.60 7.37 -33.53
N LEU A 743 25.80 7.65 -33.04
CA LEU A 743 26.02 7.87 -31.61
C LEU A 743 25.62 9.29 -31.22
N SER A 744 24.40 9.69 -31.55
CA SER A 744 23.93 11.02 -31.22
C SER A 744 23.44 11.07 -29.79
N ASN A 745 23.80 12.14 -29.08
CA ASN A 745 23.32 12.35 -27.73
C ASN A 745 21.81 12.50 -27.75
N PRO A 746 21.07 11.83 -26.86
CA PRO A 746 19.61 11.88 -26.91
C PRO A 746 19.00 13.07 -26.18
N PHE A 747 19.81 14.03 -25.74
CA PHE A 747 19.32 15.18 -24.99
C PHE A 747 19.53 16.49 -25.73
N TYR A 748 20.75 16.77 -26.17
CA TYR A 748 21.05 17.99 -26.91
C TYR A 748 22.35 17.77 -27.68
N MET A 749 22.81 18.85 -28.31
CA MET A 749 24.03 18.78 -29.12
C MET A 749 25.25 18.57 -28.23
N ASP A 750 26.20 17.78 -28.72
CA ASP A 750 27.43 17.50 -27.99
C ASP A 750 28.60 17.63 -28.96
N ASP A 751 29.77 17.93 -28.39
CA ASP A 751 30.97 18.17 -29.18
C ASP A 751 31.73 16.89 -29.53
N ARG A 752 31.25 15.73 -29.08
CA ARG A 752 31.94 14.49 -29.36
C ARG A 752 31.67 14.04 -30.80
N ASP A 753 32.59 13.22 -31.31
CA ASP A 753 32.41 12.61 -32.62
C ASP A 753 31.28 11.59 -32.57
N ILE A 754 30.57 11.44 -33.69
CA ILE A 754 29.40 10.56 -33.74
C ILE A 754 29.57 9.49 -34.82
N ASN A 755 30.80 9.07 -35.07
CA ASN A 755 31.05 8.06 -36.09
C ASN A 755 30.57 6.70 -35.61
N PRO A 756 29.63 6.05 -36.29
CA PRO A 756 29.20 4.71 -35.87
C PRO A 756 30.31 3.67 -35.87
N ILE A 757 31.26 3.77 -36.81
CA ILE A 757 32.32 2.79 -36.92
C ILE A 757 33.39 3.11 -35.89
N VAL A 758 33.75 2.11 -35.07
CA VAL A 758 34.78 2.29 -34.06
C VAL A 758 35.85 1.23 -34.26
N LYS A 759 37.10 1.62 -34.09
CA LYS A 759 38.24 0.74 -34.28
C LYS A 759 38.56 0.02 -32.97
N THR A 760 38.59 -1.31 -33.03
CA THR A 760 38.88 -2.16 -31.88
C THR A 760 40.21 -2.87 -32.08
N SER A 761 40.61 -3.64 -31.06
CA SER A 761 41.88 -4.34 -31.06
C SER A 761 41.73 -5.85 -31.02
N LEU A 762 40.53 -6.37 -31.26
CA LEU A 762 40.30 -7.80 -31.27
C LEU A 762 40.90 -8.43 -32.52
N PRO A 763 41.08 -9.75 -32.53
CA PRO A 763 41.62 -10.42 -33.73
C PRO A 763 40.79 -10.11 -34.97
N ILE A 764 41.49 -10.02 -36.10
CA ILE A 764 40.86 -9.63 -37.36
C ILE A 764 39.81 -10.64 -37.78
N ASP A 765 40.11 -11.94 -37.67
CA ASP A 765 39.25 -12.98 -38.21
C ASP A 765 37.90 -13.07 -37.51
N TYR A 766 37.74 -12.48 -36.33
CA TYR A 766 36.48 -12.54 -35.61
C TYR A 766 35.39 -11.80 -36.38
N ARG A 767 34.26 -12.46 -36.58
CA ARG A 767 33.09 -11.85 -37.24
C ARG A 767 31.85 -12.31 -36.47
N PHE A 768 31.43 -11.50 -35.51
CA PHE A 768 30.30 -11.82 -34.65
C PHE A 768 29.23 -10.74 -34.74
N ARG A 769 27.98 -11.18 -34.67
CA ARG A 769 26.82 -10.29 -34.72
C ARG A 769 26.06 -10.42 -33.42
N PHE A 770 25.69 -9.28 -32.83
CA PHE A 770 25.07 -9.25 -31.51
C PHE A 770 23.60 -8.86 -31.62
N ARG A 771 22.84 -9.24 -30.60
CA ARG A 771 21.43 -8.89 -30.51
C ARG A 771 21.12 -8.37 -29.11
N SER A 772 20.01 -7.66 -28.98
CA SER A 772 19.54 -7.17 -27.69
C SER A 772 18.18 -7.79 -27.39
N VAL A 773 18.00 -8.29 -26.17
CA VAL A 773 16.78 -8.99 -25.82
C VAL A 773 16.09 -8.30 -24.64
N TYR A 774 16.78 -8.20 -23.51
CA TYR A 774 16.19 -7.69 -22.29
C TYR A 774 17.00 -6.52 -21.75
N GLY A 775 16.32 -5.61 -21.08
CA GLY A 775 16.97 -4.48 -20.46
C GLY A 775 16.08 -3.71 -19.50
N ASP A 776 16.58 -3.42 -18.31
CA ASP A 776 15.84 -2.68 -17.32
C ASP A 776 16.81 -1.71 -16.63
N THR A 777 16.40 -1.20 -15.46
CA THR A 777 17.18 -0.15 -14.80
C THR A 777 18.57 -0.64 -14.41
N ASP A 778 18.67 -1.83 -13.83
CA ASP A 778 19.91 -2.30 -13.22
C ASP A 778 20.68 -3.30 -14.07
N SER A 779 20.18 -3.66 -15.24
CA SER A 779 20.89 -4.63 -16.07
C SER A 779 20.46 -4.50 -17.52
N VAL A 780 21.31 -4.99 -18.40
CA VAL A 780 20.99 -5.15 -19.82
C VAL A 780 21.57 -6.47 -20.30
N PHE A 781 20.79 -7.20 -21.09
CA PHE A 781 21.17 -8.51 -21.60
C PHE A 781 21.52 -8.37 -23.08
N THR A 782 22.57 -9.06 -23.51
CA THR A 782 22.97 -9.05 -24.91
C THR A 782 23.16 -10.50 -25.36
N GLU A 783 22.88 -10.75 -26.64
CA GLU A 783 22.84 -12.10 -27.18
C GLU A 783 23.97 -12.27 -28.18
N ILE A 784 24.79 -13.31 -27.99
CA ILE A 784 25.85 -13.68 -28.90
C ILE A 784 25.67 -15.13 -29.32
N ASP A 785 25.84 -15.39 -30.62
CA ASP A 785 25.54 -16.69 -31.22
C ASP A 785 26.82 -17.52 -31.29
N SER A 786 27.15 -18.14 -30.18
CA SER A 786 28.31 -19.04 -30.09
C SER A 786 28.19 -19.80 -28.77
N GLN A 787 29.10 -20.75 -28.56
CA GLN A 787 29.14 -21.52 -27.33
C GLN A 787 30.53 -21.57 -26.72
N ASP A 788 31.48 -20.85 -27.28
CA ASP A 788 32.84 -20.78 -26.72
C ASP A 788 32.87 -19.66 -25.70
N VAL A 789 32.97 -20.04 -24.41
CA VAL A 789 32.80 -19.07 -23.34
C VAL A 789 33.98 -18.11 -23.27
N ASP A 790 35.18 -18.58 -23.58
CA ASP A 790 36.36 -17.72 -23.46
C ASP A 790 36.31 -16.56 -24.45
N LYS A 791 35.99 -16.85 -25.71
CA LYS A 791 35.88 -15.79 -26.71
C LYS A 791 34.77 -14.82 -26.35
N SER A 792 33.63 -15.34 -25.89
CA SER A 792 32.54 -14.47 -25.46
C SER A 792 32.97 -13.56 -24.32
N ILE A 793 33.72 -14.09 -23.36
CA ILE A 793 34.15 -13.30 -22.22
C ILE A 793 35.09 -12.18 -22.66
N GLU A 794 36.07 -12.52 -23.51
CA GLU A 794 37.01 -11.49 -23.95
C GLU A 794 36.31 -10.42 -24.78
N ILE A 795 35.38 -10.82 -25.65
CA ILE A 795 34.66 -9.85 -26.45
C ILE A 795 33.77 -8.98 -25.57
N ALA A 796 33.19 -9.57 -24.52
CA ALA A 796 32.38 -8.79 -23.60
C ALA A 796 33.22 -7.75 -22.87
N LYS A 797 34.42 -8.12 -22.44
CA LYS A 797 35.29 -7.15 -21.79
C LYS A 797 35.66 -6.00 -22.73
N GLU A 798 36.03 -6.34 -23.97
CA GLU A 798 36.38 -5.28 -24.92
C GLU A 798 35.18 -4.39 -25.24
N LEU A 799 34.00 -4.99 -25.38
CA LEU A 799 32.80 -4.20 -25.66
C LEU A 799 32.47 -3.28 -24.50
N GLU A 800 32.63 -3.75 -23.26
CA GLU A 800 32.42 -2.88 -22.12
C GLU A 800 33.37 -1.70 -22.14
N ARG A 801 34.65 -1.96 -22.42
CA ARG A 801 35.62 -0.87 -22.46
C ARG A 801 35.25 0.15 -23.55
N LEU A 802 34.89 -0.34 -24.73
CA LEU A 802 34.56 0.55 -25.83
C LEU A 802 33.31 1.37 -25.53
N ILE A 803 32.29 0.75 -24.94
CA ILE A 803 31.06 1.48 -24.61
C ILE A 803 31.34 2.56 -23.58
N ASN A 804 32.11 2.21 -22.54
CA ASN A 804 32.39 3.18 -21.49
C ASN A 804 33.23 4.34 -22.00
N SER A 805 34.24 4.05 -22.83
CA SER A 805 35.14 5.12 -23.26
C SER A 805 34.51 6.01 -24.31
N ARG A 806 33.68 5.46 -25.19
CA ARG A 806 33.29 6.14 -26.42
C ARG A 806 31.79 6.41 -26.51
N VAL A 807 30.95 5.39 -26.31
CA VAL A 807 29.52 5.55 -26.57
C VAL A 807 28.86 6.42 -25.51
N LEU A 808 29.10 6.11 -24.23
CA LEU A 808 28.41 6.81 -23.14
C LEU A 808 29.13 8.13 -22.85
N PHE A 809 28.59 8.88 -21.90
CA PHE A 809 29.04 10.24 -21.63
C PHE A 809 28.78 10.58 -20.18
N ASN A 810 29.50 11.59 -19.69
CA ASN A 810 29.40 12.10 -18.31
C ASN A 810 29.65 10.93 -17.36
N ASN A 811 28.83 10.75 -16.32
CA ASN A 811 29.07 9.72 -15.31
C ASN A 811 28.16 8.50 -15.48
N PHE A 812 27.90 8.08 -16.71
CA PHE A 812 27.16 6.87 -16.99
C PHE A 812 28.13 5.79 -17.44
N LYS A 813 28.16 4.67 -16.72
CA LYS A 813 29.06 3.57 -17.06
C LYS A 813 28.40 2.24 -16.75
N ILE A 814 28.93 1.19 -17.36
CA ILE A 814 28.40 -0.16 -17.22
C ILE A 814 29.54 -1.12 -16.90
N GLU A 815 29.18 -2.27 -16.34
CA GLU A 815 30.13 -3.30 -15.93
C GLU A 815 29.66 -4.66 -16.41
N PHE A 816 30.60 -5.47 -16.87
CA PHE A 816 30.30 -6.82 -17.33
C PHE A 816 30.16 -7.75 -16.13
N GLU A 817 29.02 -8.42 -16.02
CA GLU A 817 28.66 -9.17 -14.83
C GLU A 817 28.92 -10.67 -14.99
N ALA A 818 28.30 -11.31 -15.97
CA ALA A 818 28.38 -12.76 -16.10
C ALA A 818 28.00 -13.17 -17.51
N VAL A 819 28.19 -14.46 -17.79
CA VAL A 819 27.73 -15.08 -19.02
C VAL A 819 26.73 -16.17 -18.64
N TYR A 820 25.56 -16.14 -19.27
CA TYR A 820 24.48 -17.07 -19.00
C TYR A 820 24.33 -18.02 -20.18
N LYS A 821 24.18 -19.31 -19.87
CA LYS A 821 23.93 -20.36 -20.84
C LYS A 821 22.69 -21.12 -20.43
N ASN A 822 21.98 -21.65 -21.43
CA ASN A 822 20.74 -22.39 -21.21
C ASN A 822 19.72 -21.52 -20.46
N LEU A 823 19.40 -20.38 -21.06
CA LEU A 823 18.57 -19.38 -20.42
C LEU A 823 17.10 -19.61 -20.78
N ILE A 824 16.28 -19.85 -19.77
CA ILE A 824 14.82 -19.93 -19.90
C ILE A 824 14.23 -18.96 -18.89
N MET A 825 13.52 -17.94 -19.38
CA MET A 825 13.11 -16.84 -18.52
C MET A 825 11.76 -16.30 -18.95
N GLN A 826 10.86 -16.16 -17.98
CA GLN A 826 9.66 -15.34 -18.12
C GLN A 826 9.91 -13.89 -17.77
N SER A 827 10.54 -13.63 -16.63
CA SER A 827 10.91 -12.29 -16.21
C SER A 827 12.12 -12.43 -15.29
N LYS A 828 12.52 -11.33 -14.66
CA LYS A 828 13.61 -11.41 -13.70
C LYS A 828 13.17 -12.11 -12.42
N LYS A 829 11.87 -12.28 -12.20
CA LYS A 829 11.41 -13.00 -11.02
C LYS A 829 11.62 -14.50 -11.16
N LYS A 830 11.38 -15.06 -12.35
CA LYS A 830 11.45 -16.49 -12.59
C LYS A 830 12.38 -16.76 -13.76
N TYR A 831 13.50 -17.45 -13.50
CA TYR A 831 14.32 -17.95 -14.60
C TYR A 831 15.33 -18.96 -14.07
N THR A 832 15.82 -19.80 -14.98
CA THR A 832 16.82 -20.82 -14.71
C THR A 832 17.89 -20.76 -15.79
N THR A 833 19.15 -20.95 -15.39
CA THR A 833 20.27 -20.92 -16.32
C THR A 833 21.52 -21.41 -15.61
N MET A 834 22.62 -21.46 -16.37
CA MET A 834 23.95 -21.75 -15.85
C MET A 834 24.81 -20.50 -16.00
N LYS A 835 25.51 -20.13 -14.93
CA LYS A 835 26.16 -18.84 -14.82
C LYS A 835 27.67 -19.02 -14.71
N TYR A 836 28.40 -18.27 -15.53
CA TYR A 836 29.85 -18.18 -15.45
C TYR A 836 30.22 -16.76 -15.08
N SER A 837 31.09 -16.63 -14.08
CA SER A 837 31.56 -15.31 -13.66
C SER A 837 32.47 -14.71 -14.73
N ALA A 838 32.70 -13.40 -14.61
CA ALA A 838 33.55 -12.72 -15.58
C ALA A 838 34.96 -13.25 -15.56
N SER A 839 35.51 -13.50 -14.37
CA SER A 839 36.87 -14.00 -14.22
C SER A 839 36.85 -15.52 -14.09
N SER A 840 36.58 -16.18 -15.22
CA SER A 840 36.52 -17.63 -15.28
C SER A 840 36.86 -18.09 -16.69
N ASN A 841 37.26 -19.35 -16.81
CA ASN A 841 37.65 -19.93 -18.08
C ASN A 841 36.68 -21.05 -18.47
N SER A 842 37.00 -21.72 -19.58
CA SER A 842 36.13 -22.80 -20.06
C SER A 842 36.07 -23.94 -19.06
N LYS A 843 37.21 -24.32 -18.48
CA LYS A 843 37.26 -25.38 -17.48
C LYS A 843 36.97 -24.79 -16.10
N SER A 844 35.70 -24.45 -15.90
CA SER A 844 35.25 -23.84 -14.66
C SER A 844 33.94 -24.49 -14.23
N VAL A 845 33.69 -24.46 -12.92
CA VAL A 845 32.47 -25.04 -12.35
C VAL A 845 31.31 -24.07 -12.57
N PRO A 846 30.25 -24.48 -13.26
CA PRO A 846 29.11 -23.59 -13.48
C PRO A 846 28.38 -23.29 -12.19
N GLU A 847 27.64 -22.19 -12.19
CA GLU A 847 26.75 -21.84 -11.09
C GLU A 847 25.31 -22.06 -11.56
N ARG A 848 24.62 -23.01 -10.95
CA ARG A 848 23.26 -23.35 -11.36
C ARG A 848 22.30 -22.32 -10.76
N ILE A 849 21.92 -21.33 -11.55
CA ILE A 849 21.01 -20.30 -11.09
C ILE A 849 19.59 -20.73 -11.41
N ASN A 850 18.70 -20.63 -10.42
CA ASN A 850 17.32 -21.05 -10.60
C ASN A 850 16.49 -20.33 -9.54
N LYS A 851 15.59 -19.46 -9.95
CA LYS A 851 14.75 -18.77 -8.98
C LYS A 851 13.40 -18.47 -9.61
N GLY A 852 12.46 -18.04 -8.76
CA GLY A 852 11.07 -17.95 -9.12
C GLY A 852 10.27 -19.15 -8.69
N THR A 853 10.75 -20.35 -8.98
CA THR A 853 10.12 -21.54 -8.46
C THR A 853 10.51 -21.75 -7.00
N SER A 854 9.53 -22.10 -6.18
CA SER A 854 9.74 -22.25 -4.75
C SER A 854 10.26 -23.64 -4.38
N GLU A 855 9.74 -24.68 -5.03
CA GLU A 855 10.06 -26.07 -4.74
C GLU A 855 9.72 -26.47 -3.31
N THR A 856 9.04 -25.60 -2.56
CA THR A 856 8.63 -25.88 -1.21
C THR A 856 7.12 -25.75 -1.01
N ARG A 857 6.37 -25.44 -2.06
CA ARG A 857 4.91 -25.31 -1.96
C ARG A 857 4.31 -26.68 -1.67
N ARG A 858 3.88 -26.89 -0.43
CA ARG A 858 3.43 -28.20 0.03
C ARG A 858 1.97 -28.48 -0.31
N ASP A 859 1.38 -27.74 -1.24
CA ASP A 859 0.03 -28.05 -1.71
C ASP A 859 0.02 -28.02 -3.24
N VAL A 860 0.97 -28.72 -3.85
CA VAL A 860 0.99 -28.86 -5.30
C VAL A 860 0.87 -30.34 -5.65
N SER A 861 1.89 -31.12 -5.32
CA SER A 861 1.90 -32.57 -5.49
C SER A 861 3.24 -33.14 -5.05
N LYS A 862 3.39 -34.46 -5.12
CA LYS A 862 4.70 -35.09 -5.12
C LYS A 862 5.11 -35.58 -6.50
N PHE A 863 4.16 -35.90 -7.36
CA PHE A 863 4.39 -36.33 -8.74
C PHE A 863 4.65 -35.16 -9.68
N HIS A 864 3.92 -34.06 -9.49
CA HIS A 864 4.08 -32.88 -10.33
C HIS A 864 5.49 -32.31 -10.21
N LYS A 865 6.03 -32.26 -9.00
CA LYS A 865 7.37 -31.74 -8.79
C LYS A 865 8.40 -32.57 -9.54
N ASN A 866 8.30 -33.90 -9.44
CA ASN A 866 9.26 -34.77 -10.11
C ASN A 866 9.16 -34.62 -11.62
N MET A 867 7.95 -34.51 -12.15
CA MET A 867 7.80 -34.31 -13.59
C MET A 867 8.42 -32.99 -14.04
N ILE A 868 8.20 -31.92 -13.27
CA ILE A 868 8.82 -30.63 -13.62
C ILE A 868 10.33 -30.75 -13.64
N LYS A 869 10.90 -31.41 -12.62
CA LYS A 869 12.36 -31.51 -12.56
C LYS A 869 12.91 -32.30 -13.75
N THR A 870 12.29 -33.45 -14.06
CA THR A 870 12.82 -34.26 -15.15
C THR A 870 12.68 -33.55 -16.49
N TYR A 871 11.56 -32.84 -16.70
CA TYR A 871 11.39 -32.16 -17.97
C TYR A 871 12.31 -30.96 -18.09
N LYS A 872 12.56 -30.24 -17.00
CA LYS A 872 13.53 -29.16 -17.04
C LYS A 872 14.93 -29.68 -17.34
N THR A 873 15.30 -30.82 -16.75
CA THR A 873 16.60 -31.40 -17.05
C THR A 873 16.71 -31.79 -18.51
N ARG A 874 15.65 -32.39 -19.06
CA ARG A 874 15.69 -32.77 -20.48
C ARG A 874 15.78 -31.55 -21.37
N LEU A 875 15.07 -30.48 -21.01
CA LEU A 875 15.15 -29.23 -21.77
C LEU A 875 16.57 -28.68 -21.76
N SER A 876 17.19 -28.63 -20.57
CA SER A 876 18.55 -28.12 -20.49
C SER A 876 19.53 -29.01 -21.25
N GLU A 877 19.24 -30.31 -21.30
CA GLU A 877 20.10 -31.23 -22.05
C GLU A 877 20.01 -31.00 -23.54
N MET A 878 18.80 -30.84 -24.08
CA MET A 878 18.67 -30.63 -25.52
C MET A 878 18.92 -29.19 -25.95
N LEU A 879 19.00 -28.25 -25.01
CA LEU A 879 19.24 -26.87 -25.39
C LEU A 879 20.71 -26.58 -25.66
N SER A 880 21.59 -27.56 -25.44
CA SER A 880 23.01 -27.41 -25.70
C SER A 880 23.48 -28.17 -26.93
N GLU A 881 22.56 -28.80 -27.67
CA GLU A 881 22.98 -29.64 -28.80
C GLU A 881 23.58 -28.81 -29.92
N GLY A 882 22.90 -27.74 -30.34
CA GLY A 882 23.41 -26.91 -31.40
C GLY A 882 22.38 -26.58 -32.47
N ARG A 883 21.48 -27.51 -32.75
CA ARG A 883 20.43 -27.31 -33.75
C ARG A 883 19.08 -27.40 -33.03
N MET A 884 18.62 -26.25 -32.52
CA MET A 884 17.40 -26.19 -31.74
C MET A 884 16.35 -25.27 -32.32
N ASN A 885 16.77 -24.21 -33.03
CA ASN A 885 15.90 -23.14 -33.54
C ASN A 885 14.79 -22.79 -32.55
N SER A 886 13.57 -22.61 -33.04
CA SER A 886 12.43 -22.29 -32.19
C SER A 886 11.35 -23.35 -32.24
N ASN A 887 10.88 -23.70 -33.44
CA ASN A 887 9.75 -24.63 -33.57
C ASN A 887 10.20 -26.06 -33.80
N GLN A 888 11.12 -26.57 -33.00
CA GLN A 888 11.26 -28.03 -32.96
C GLN A 888 11.38 -28.54 -31.53
N VAL A 889 11.72 -27.68 -30.58
CA VAL A 889 11.77 -28.09 -29.19
C VAL A 889 10.36 -28.34 -28.66
N CYS A 890 9.41 -27.48 -29.03
CA CYS A 890 8.05 -27.60 -28.52
C CYS A 890 7.42 -28.93 -28.91
N ILE A 891 7.57 -29.33 -30.18
CA ILE A 891 6.95 -30.58 -30.64
C ILE A 891 7.59 -31.77 -29.94
N ASP A 892 8.91 -31.74 -29.75
CA ASP A 892 9.59 -32.84 -29.08
C ASP A 892 9.13 -32.97 -27.63
N ILE A 893 9.04 -31.85 -26.92
CA ILE A 893 8.60 -31.92 -25.53
C ILE A 893 7.14 -32.35 -25.47
N LEU A 894 6.32 -31.93 -26.43
CA LEU A 894 4.93 -32.35 -26.46
C LEU A 894 4.81 -33.85 -26.68
N ARG A 895 5.62 -34.41 -27.58
CA ARG A 895 5.59 -35.86 -27.80
C ARG A 895 6.06 -36.61 -26.56
N SER A 896 7.10 -36.12 -25.89
CA SER A 896 7.54 -36.75 -24.65
C SER A 896 6.44 -36.71 -23.60
N LEU A 897 5.74 -35.59 -23.49
CA LEU A 897 4.66 -35.48 -22.52
C LEU A 897 3.51 -36.43 -22.87
N GLU A 898 3.19 -36.53 -24.16
CA GLU A 898 2.25 -37.54 -24.63
C GLU A 898 2.62 -38.92 -24.11
N THR A 899 3.84 -39.36 -24.40
CA THR A 899 4.25 -40.71 -24.03
C THR A 899 4.15 -40.90 -22.53
N ASP A 900 4.70 -39.97 -21.75
CA ASP A 900 4.73 -40.15 -20.30
C ASP A 900 3.32 -40.16 -19.71
N LEU A 901 2.47 -39.22 -20.13
CA LEU A 901 1.13 -39.13 -19.56
C LEU A 901 0.29 -40.36 -19.91
N ARG A 902 0.33 -40.79 -21.17
CA ARG A 902 -0.45 -41.97 -21.55
C ARG A 902 0.07 -43.22 -20.85
N SER A 903 1.40 -43.36 -20.73
CA SER A 903 1.95 -44.52 -20.04
C SER A 903 1.52 -44.53 -18.58
N GLU A 904 1.56 -43.37 -17.91
CA GLU A 904 1.14 -43.31 -16.52
C GLU A 904 -0.34 -43.63 -16.37
N PHE A 905 -1.17 -43.12 -17.29
CA PHE A 905 -2.61 -43.37 -17.20
C PHE A 905 -2.93 -44.84 -17.42
N ASP A 906 -2.26 -45.48 -18.39
CA ASP A 906 -2.55 -46.87 -18.70
C ASP A 906 -1.83 -47.86 -17.79
N SER A 907 -0.85 -47.41 -17.01
CA SER A 907 -0.10 -48.29 -16.14
C SER A 907 -0.64 -48.35 -14.71
N ARG A 908 -0.98 -47.21 -14.13
CA ARG A 908 -1.48 -47.12 -12.75
C ARG A 908 -0.49 -47.72 -11.77
N SER A 909 0.81 -47.60 -12.07
CA SER A 909 1.85 -48.15 -11.22
C SER A 909 2.34 -47.20 -10.16
N SER A 910 1.94 -45.93 -10.21
CA SER A 910 2.38 -44.97 -9.22
C SER A 910 1.69 -45.24 -7.89
N PRO A 911 2.38 -45.12 -6.76
CA PRO A 911 1.72 -45.30 -5.47
C PRO A 911 0.85 -44.11 -5.11
N LEU A 912 -0.10 -44.36 -4.21
CA LEU A 912 -1.04 -43.31 -3.82
C LEU A 912 -0.36 -42.18 -3.06
N GLU A 913 0.70 -42.50 -2.32
CA GLU A 913 1.36 -41.49 -1.49
C GLU A 913 1.97 -40.36 -2.32
N LEU A 914 2.25 -40.60 -3.60
CA LEU A 914 2.78 -39.55 -4.46
C LEU A 914 1.70 -38.60 -4.97
N PHE A 915 0.42 -38.96 -4.83
CA PHE A 915 -0.67 -38.12 -5.28
C PHE A 915 -1.46 -37.52 -4.13
N MET A 916 -0.86 -37.44 -2.95
CA MET A 916 -1.54 -36.99 -1.75
C MET A 916 -1.21 -35.52 -1.49
N LEU A 917 -2.25 -34.73 -1.27
CA LEU A 917 -2.11 -33.32 -0.92
C LEU A 917 -2.51 -33.11 0.53
N SER A 918 -2.16 -31.95 1.07
CA SER A 918 -2.39 -31.69 2.48
C SER A 918 -3.00 -30.31 2.66
N ARG A 919 -3.69 -30.12 3.78
CA ARG A 919 -4.26 -28.81 4.07
C ARG A 919 -4.43 -28.66 5.57
N MET A 920 -4.23 -27.42 6.04
CA MET A 920 -4.41 -27.00 7.42
C MET A 920 -5.89 -26.78 7.68
N HIS A 921 -6.41 -27.38 8.75
CA HIS A 921 -7.82 -27.27 9.09
C HIS A 921 -8.02 -26.12 10.06
N HIS A 922 -8.93 -25.21 9.71
CA HIS A 922 -9.32 -24.11 10.59
C HIS A 922 -10.67 -23.60 10.15
N SER A 923 -11.62 -23.55 11.08
CA SER A 923 -12.98 -23.17 10.78
C SER A 923 -13.21 -21.67 10.82
N ASN A 924 -12.15 -20.86 10.71
CA ASN A 924 -12.28 -19.42 10.63
C ASN A 924 -12.65 -19.01 9.21
N TYR A 925 -13.76 -19.54 8.70
CA TYR A 925 -14.18 -19.34 7.33
C TYR A 925 -15.41 -18.46 7.27
N LYS A 926 -15.47 -17.60 6.25
CA LYS A 926 -16.65 -16.81 5.96
C LYS A 926 -17.61 -17.65 5.11
N SER A 927 -18.59 -17.00 4.50
CA SER A 927 -19.58 -17.65 3.64
C SER A 927 -20.42 -18.64 4.44
N ALA A 928 -21.14 -19.51 3.73
CA ALA A 928 -22.12 -20.39 4.36
C ALA A 928 -21.61 -21.79 4.62
N ASP A 929 -21.16 -22.50 3.57
CA ASP A 929 -20.84 -23.91 3.69
C ASP A 929 -19.34 -24.19 3.58
N ASN A 930 -18.70 -23.79 2.46
CA ASN A 930 -17.30 -24.10 2.21
C ASN A 930 -17.06 -25.59 2.38
N PRO A 931 -17.44 -26.41 1.38
CA PRO A 931 -17.63 -27.85 1.60
C PRO A 931 -16.51 -28.60 2.33
N ASN A 932 -15.31 -28.00 2.41
CA ASN A 932 -14.23 -28.68 3.13
C ASN A 932 -14.60 -28.89 4.60
N MET A 933 -15.24 -27.89 5.21
CA MET A 933 -15.78 -28.09 6.55
C MET A 933 -16.81 -29.20 6.57
N TYR A 934 -17.66 -29.26 5.56
CA TYR A 934 -18.63 -30.35 5.48
C TYR A 934 -17.94 -31.69 5.35
N LEU A 935 -16.87 -31.75 4.55
CA LEU A 935 -16.16 -33.01 4.35
C LEU A 935 -15.50 -33.48 5.65
N VAL A 936 -14.83 -32.58 6.38
CA VAL A 936 -14.18 -32.99 7.61
C VAL A 936 -15.22 -33.36 8.67
N THR A 937 -16.35 -32.66 8.69
CA THR A 937 -17.42 -33.02 9.63
C THR A 937 -17.98 -34.40 9.32
N GLU A 938 -18.19 -34.70 8.04
CA GLU A 938 -18.69 -36.02 7.65
C GLU A 938 -17.68 -37.10 8.03
N TYR A 939 -16.39 -36.84 7.80
CA TYR A 939 -15.37 -37.82 8.16
C TYR A 939 -15.35 -38.04 9.68
N ASN A 940 -15.49 -36.96 10.45
CA ASN A 940 -15.53 -37.10 11.90
C ASN A 940 -16.74 -37.92 12.34
N LYS A 941 -17.89 -37.69 11.71
CA LYS A 941 -19.09 -38.44 12.06
C LYS A 941 -18.96 -39.91 11.71
N ASN A 942 -18.38 -40.20 10.54
CA ASN A 942 -18.38 -41.57 10.01
C ASN A 942 -17.13 -42.37 10.38
N ASN A 943 -16.21 -41.81 11.16
CA ASN A 943 -15.00 -42.53 11.52
C ASN A 943 -14.72 -42.33 13.01
N PRO A 944 -14.30 -43.38 13.73
CA PRO A 944 -13.97 -43.20 15.15
C PRO A 944 -12.85 -42.20 15.39
N GLU A 945 -11.90 -42.10 14.48
CA GLU A 945 -10.84 -41.09 14.61
C GLU A 945 -11.42 -39.70 14.47
N THR A 946 -10.97 -38.80 15.35
CA THR A 946 -11.49 -37.44 15.41
C THR A 946 -10.39 -36.46 15.00
N ILE A 947 -10.75 -35.47 14.19
CA ILE A 947 -9.84 -34.43 13.74
C ILE A 947 -10.21 -33.14 14.48
N GLU A 948 -9.21 -32.53 15.12
CA GLU A 948 -9.43 -31.29 15.82
C GLU A 948 -9.38 -30.12 14.85
N LEU A 949 -9.33 -28.90 15.40
CA LEU A 949 -9.32 -27.69 14.60
C LEU A 949 -7.91 -27.16 14.35
N GLY A 950 -6.89 -28.01 14.46
CA GLY A 950 -5.53 -27.62 14.14
C GLY A 950 -4.77 -28.72 13.44
N GLU A 951 -5.44 -29.83 13.18
CA GLU A 951 -4.80 -30.98 12.58
C GLU A 951 -4.61 -30.77 11.08
N ARG A 952 -3.43 -31.12 10.61
CA ARG A 952 -3.04 -30.94 9.21
C ARG A 952 -3.36 -32.23 8.45
N TYR A 953 -4.47 -32.21 7.70
CA TYR A 953 -5.01 -33.46 7.18
C TYR A 953 -4.71 -33.62 5.69
N TYR A 954 -4.66 -34.88 5.27
CA TYR A 954 -4.36 -35.24 3.89
C TYR A 954 -5.64 -35.52 3.12
N PHE A 955 -5.61 -35.20 1.83
CA PHE A 955 -6.74 -35.41 0.94
C PHE A 955 -6.22 -35.69 -0.46
N ALA A 956 -7.09 -36.26 -1.28
CA ALA A 956 -6.77 -36.55 -2.67
C ALA A 956 -8.06 -36.60 -3.48
N TYR A 957 -7.93 -36.96 -4.76
CA TYR A 957 -9.07 -37.09 -5.66
C TYR A 957 -9.28 -38.56 -5.98
N ILE A 958 -10.47 -39.08 -5.69
CA ILE A 958 -10.83 -40.46 -6.01
C ILE A 958 -12.20 -40.49 -6.66
N CYS A 959 -12.37 -41.40 -7.62
CA CYS A 959 -13.58 -41.57 -8.41
C CYS A 959 -13.83 -43.04 -8.63
N PRO A 960 -15.05 -43.43 -9.02
CA PRO A 960 -15.26 -44.80 -9.48
C PRO A 960 -14.41 -45.09 -10.72
N ALA A 961 -13.85 -46.29 -10.76
CA ALA A 961 -12.85 -46.62 -11.77
C ALA A 961 -13.44 -46.82 -13.16
N ASN A 962 -14.77 -46.94 -13.28
CA ASN A 962 -15.39 -47.22 -14.57
C ASN A 962 -15.43 -46.02 -15.50
N VAL A 963 -15.28 -44.80 -14.98
CA VAL A 963 -15.38 -43.61 -15.83
C VAL A 963 -14.15 -43.55 -16.73
N PRO A 964 -14.31 -43.25 -18.02
CA PRO A 964 -13.13 -43.11 -18.90
C PRO A 964 -12.51 -41.72 -18.83
N TRP A 965 -11.53 -41.48 -19.69
CA TRP A 965 -10.92 -40.15 -19.79
C TRP A 965 -12.00 -39.10 -20.09
N THR A 966 -11.93 -37.99 -19.37
CA THR A 966 -12.89 -36.90 -19.54
C THR A 966 -12.14 -35.63 -19.90
N LYS A 967 -12.65 -34.92 -20.93
CA LYS A 967 -12.02 -33.68 -21.38
C LYS A 967 -12.59 -32.48 -20.65
N LYS A 968 -13.90 -32.25 -20.77
CA LYS A 968 -14.53 -31.15 -20.05
C LYS A 968 -14.45 -31.38 -18.55
N LEU A 969 -14.21 -30.30 -17.82
CA LEU A 969 -14.06 -30.37 -16.37
C LEU A 969 -15.28 -29.80 -15.69
N VAL A 970 -15.55 -30.31 -14.50
CA VAL A 970 -16.71 -29.93 -13.69
C VAL A 970 -16.18 -29.50 -12.33
N ASN A 971 -17.08 -29.29 -11.37
CA ASN A 971 -16.64 -28.94 -10.03
C ASN A 971 -15.76 -30.04 -9.44
N ILE A 972 -14.79 -29.64 -8.62
CA ILE A 972 -13.79 -30.58 -8.12
C ILE A 972 -13.88 -30.76 -6.62
N LYS A 973 -14.45 -29.80 -5.89
CA LYS A 973 -14.51 -29.89 -4.44
C LYS A 973 -15.25 -31.13 -3.97
N THR A 974 -16.22 -31.62 -4.74
CA THR A 974 -16.99 -32.78 -4.30
C THR A 974 -16.26 -34.09 -4.59
N TYR A 975 -15.14 -34.02 -5.32
CA TYR A 975 -14.32 -35.20 -5.59
C TYR A 975 -13.07 -35.25 -4.71
N GLU A 976 -13.03 -34.48 -3.63
CA GLU A 976 -11.90 -34.51 -2.72
C GLU A 976 -12.27 -35.35 -1.50
N THR A 977 -11.45 -36.35 -1.19
CA THR A 977 -11.69 -37.24 -0.06
C THR A 977 -10.47 -37.25 0.84
N ILE A 978 -10.72 -37.37 2.14
CA ILE A 978 -9.68 -37.29 3.15
C ILE A 978 -9.09 -38.68 3.38
N ILE A 979 -7.77 -38.78 3.28
CA ILE A 979 -7.07 -40.06 3.39
C ILE A 979 -6.32 -40.08 4.71
N ASP A 980 -6.54 -41.13 5.50
CA ASP A 980 -5.88 -41.32 6.77
C ASP A 980 -4.76 -42.35 6.61
N ARG A 981 -4.20 -42.76 7.75
CA ARG A 981 -3.11 -43.73 7.74
C ARG A 981 -3.59 -45.12 7.32
N SER A 982 -4.82 -45.50 7.70
CA SER A 982 -5.31 -46.85 7.50
C SER A 982 -6.08 -47.02 6.20
N PHE A 983 -6.14 -45.99 5.36
CA PHE A 983 -6.94 -46.06 4.13
C PHE A 983 -6.23 -46.92 3.10
N LYS A 984 -6.91 -47.94 2.61
CA LYS A 984 -6.46 -48.76 1.51
C LYS A 984 -7.35 -48.50 0.31
N LEU A 985 -6.74 -48.16 -0.83
CA LEU A 985 -7.50 -47.83 -2.03
C LEU A 985 -8.20 -49.07 -2.56
N GLY A 986 -9.53 -49.06 -2.52
CA GLY A 986 -10.30 -50.19 -3.00
C GLY A 986 -10.28 -50.31 -4.51
N SER A 987 -10.65 -51.50 -4.99
CA SER A 987 -10.65 -51.79 -6.42
C SER A 987 -11.77 -51.07 -7.16
N ASN A 988 -12.76 -50.53 -6.46
CA ASN A 988 -13.88 -49.84 -7.08
C ASN A 988 -13.58 -48.35 -7.26
N GLN A 989 -12.39 -47.90 -6.89
CA GLN A 989 -12.04 -46.50 -7.00
C GLN A 989 -10.63 -46.35 -7.56
N ARG A 990 -10.41 -45.22 -8.22
CA ARG A 990 -9.09 -44.84 -8.70
C ARG A 990 -8.92 -43.35 -8.46
N ILE A 991 -7.79 -42.80 -8.91
CA ILE A 991 -7.47 -41.41 -8.68
C ILE A 991 -7.61 -40.63 -9.99
N PHE A 992 -8.01 -39.36 -9.88
CA PHE A 992 -8.05 -38.46 -11.02
C PHE A 992 -6.65 -38.13 -11.54
N TYR A 993 -6.20 -38.88 -12.54
CA TYR A 993 -4.99 -38.50 -13.25
C TYR A 993 -5.20 -37.24 -14.09
N GLU A 994 -6.43 -37.00 -14.53
CA GLU A 994 -6.71 -35.88 -15.42
C GLU A 994 -6.44 -34.53 -14.76
N VAL A 995 -6.83 -34.36 -13.49
CA VAL A 995 -6.64 -33.08 -12.81
C VAL A 995 -5.16 -32.76 -12.68
N TYR A 996 -4.38 -33.72 -12.18
CA TYR A 996 -2.95 -33.51 -12.01
C TYR A 996 -2.28 -33.29 -13.36
N PHE A 997 -2.71 -34.04 -14.38
CA PHE A 997 -2.13 -33.87 -15.70
C PHE A 997 -2.43 -32.48 -16.26
N LYS A 998 -3.63 -31.97 -16.03
CA LYS A 998 -3.95 -30.62 -16.49
C LYS A 998 -3.08 -29.57 -15.79
N ARG A 999 -2.90 -29.71 -14.48
CA ARG A 999 -2.03 -28.77 -13.78
C ARG A 999 -0.60 -28.85 -14.30
N LEU A 1000 -0.10 -30.06 -14.50
CA LEU A 1000 1.26 -30.25 -15.00
C LEU A 1000 1.44 -29.63 -16.38
N THR A 1001 0.49 -29.87 -17.28
CA THR A 1001 0.63 -29.35 -18.63
C THR A 1001 0.45 -27.85 -18.66
N SER A 1002 -0.34 -27.28 -17.74
CA SER A 1002 -0.42 -25.83 -17.63
C SER A 1002 0.94 -25.25 -17.23
N GLU A 1003 1.57 -25.84 -16.22
CA GLU A 1003 2.88 -25.34 -15.80
C GLU A 1003 3.92 -25.50 -16.90
N ILE A 1004 3.90 -26.62 -17.63
CA ILE A 1004 4.85 -26.82 -18.72
C ILE A 1004 4.61 -25.82 -19.84
N VAL A 1005 3.35 -25.61 -20.22
CA VAL A 1005 3.01 -24.68 -21.28
C VAL A 1005 3.33 -23.23 -20.88
N ASN A 1006 3.43 -22.94 -19.59
CA ASN A 1006 3.90 -21.62 -19.17
C ASN A 1006 5.27 -21.30 -19.75
N LEU A 1007 6.11 -22.31 -19.97
CA LEU A 1007 7.37 -22.13 -20.67
C LEU A 1007 7.15 -22.17 -22.17
N LEU A 1008 8.23 -22.34 -22.94
CA LEU A 1008 8.18 -22.56 -24.39
C LEU A 1008 7.74 -21.32 -25.14
N ASP A 1009 8.18 -21.19 -26.39
CA ASP A 1009 8.01 -19.95 -27.15
C ASP A 1009 6.72 -19.94 -27.96
N ASN A 1010 6.52 -20.92 -28.83
CA ASN A 1010 5.39 -20.88 -29.76
C ASN A 1010 4.07 -20.97 -29.00
N LYS A 1011 3.04 -20.36 -29.57
CA LYS A 1011 1.73 -20.24 -28.94
C LYS A 1011 0.68 -21.14 -29.56
N VAL A 1012 0.57 -21.18 -30.89
CA VAL A 1012 -0.50 -21.91 -31.54
C VAL A 1012 -0.37 -23.40 -31.28
N LEU A 1013 0.84 -23.94 -31.31
CA LEU A 1013 1.03 -25.36 -31.05
C LEU A 1013 0.60 -25.70 -29.61
N CYS A 1014 0.97 -24.86 -28.65
CA CYS A 1014 0.65 -25.14 -27.26
C CYS A 1014 -0.87 -25.11 -27.03
N ILE A 1015 -1.54 -24.09 -27.57
CA ILE A 1015 -2.99 -23.99 -27.36
C ILE A 1015 -3.71 -25.13 -28.09
N SER A 1016 -3.20 -25.51 -29.27
CA SER A 1016 -3.80 -26.64 -29.97
C SER A 1016 -3.67 -27.92 -29.16
N PHE A 1017 -2.49 -28.17 -28.60
CA PHE A 1017 -2.29 -29.33 -27.75
C PHE A 1017 -3.24 -29.31 -26.56
N PHE A 1018 -3.34 -28.16 -25.90
CA PHE A 1018 -4.17 -28.07 -24.70
C PHE A 1018 -5.64 -28.29 -25.04
N GLN A 1019 -6.11 -27.74 -26.16
CA GLN A 1019 -7.49 -27.94 -26.58
C GLN A 1019 -7.75 -29.41 -26.92
N ARG A 1020 -6.79 -30.06 -27.60
CA ARG A 1020 -6.96 -31.47 -27.92
C ARG A 1020 -7.05 -32.32 -26.67
N MET A 1021 -6.25 -32.00 -25.65
CA MET A 1021 -6.15 -32.88 -24.49
C MET A 1021 -7.29 -32.64 -23.51
N PHE A 1022 -7.38 -31.42 -22.97
CA PHE A 1022 -8.32 -31.13 -21.90
C PHE A 1022 -9.47 -30.22 -22.31
N GLY A 1023 -9.48 -29.73 -23.55
CA GLY A 1023 -10.60 -28.93 -24.02
C GLY A 1023 -10.85 -27.66 -23.23
N SER A 1024 -9.80 -26.90 -22.95
CA SER A 1024 -9.93 -25.62 -22.26
C SER A 1024 -8.95 -24.63 -22.87
N ARG A 1025 -9.03 -23.39 -22.41
CA ARG A 1025 -8.12 -22.35 -22.86
C ARG A 1025 -6.98 -22.22 -21.86
N PRO A 1026 -5.72 -22.31 -22.30
CA PRO A 1026 -4.61 -22.15 -21.35
C PRO A 1026 -4.60 -20.76 -20.72
N THR A 1027 -4.25 -20.72 -19.44
CA THR A 1027 -4.14 -19.47 -18.70
C THR A 1027 -2.68 -19.08 -18.65
N PHE A 1028 -2.25 -18.28 -19.62
CA PHE A 1028 -0.86 -17.88 -19.72
C PHE A 1028 -0.51 -16.83 -18.66
N TYR A 1029 0.79 -16.64 -18.47
CA TYR A 1029 1.33 -15.64 -17.54
C TYR A 1029 0.78 -15.85 -16.12
N MET B 1 -31.70 -20.76 21.83
CA MET B 1 -31.71 -21.07 23.26
C MET B 1 -31.54 -22.57 23.48
N ASN B 2 -30.31 -22.98 23.78
CA ASN B 2 -29.98 -24.39 24.02
C ASN B 2 -28.91 -24.45 25.09
N SER B 3 -28.43 -25.66 25.38
CA SER B 3 -27.44 -25.87 26.43
C SER B 3 -26.37 -26.85 25.96
N VAL B 4 -25.17 -26.68 26.49
CA VAL B 4 -24.03 -27.54 26.18
C VAL B 4 -23.32 -27.89 27.48
N THR B 5 -22.58 -28.99 27.47
CA THR B 5 -21.98 -29.56 28.68
C THR B 5 -20.47 -29.47 28.61
N ILE B 6 -19.85 -29.19 29.75
CA ILE B 6 -18.39 -29.09 29.88
C ILE B 6 -17.93 -30.09 30.92
N SER B 7 -16.77 -30.71 30.66
CA SER B 7 -16.19 -31.65 31.62
C SER B 7 -15.87 -30.96 32.94
N HIS B 8 -15.32 -29.76 32.88
CA HIS B 8 -15.05 -28.96 34.07
C HIS B 8 -16.23 -28.02 34.32
N ALA B 9 -16.09 -27.18 35.35
CA ALA B 9 -17.14 -26.23 35.68
C ALA B 9 -17.25 -25.18 34.59
N PRO B 10 -18.42 -24.52 34.46
CA PRO B 10 -19.73 -24.67 35.13
C PRO B 10 -20.44 -26.01 34.88
N TYR B 11 -19.86 -26.86 34.03
CA TYR B 11 -20.44 -28.15 33.64
C TYR B 11 -21.69 -28.00 32.78
N THR B 12 -22.13 -26.75 32.58
CA THR B 12 -23.34 -26.49 31.78
C THR B 12 -23.35 -25.03 31.38
N ILE B 13 -23.44 -24.76 30.09
CA ILE B 13 -23.52 -23.40 29.57
C ILE B 13 -24.77 -23.30 28.70
N THR B 14 -25.60 -22.31 28.99
CA THR B 14 -26.83 -22.06 28.24
C THR B 14 -26.59 -20.86 27.33
N TYR B 15 -26.99 -20.99 26.06
CA TYR B 15 -26.67 -19.98 25.06
C TYR B 15 -27.87 -19.71 24.19
N HIS B 16 -27.85 -18.54 23.54
CA HIS B 16 -28.91 -18.12 22.63
C HIS B 16 -28.60 -18.56 21.20
N ASP B 17 -29.62 -18.50 20.35
CA ASP B 17 -29.50 -19.00 18.99
C ASP B 17 -28.47 -18.22 18.18
N ASP B 18 -28.44 -16.89 18.35
CA ASP B 18 -27.50 -16.06 17.59
C ASP B 18 -26.05 -16.45 17.85
N TRP B 19 -25.72 -16.86 19.07
CA TRP B 19 -24.37 -17.26 19.42
C TRP B 19 -24.05 -18.69 18.99
N GLU B 20 -25.01 -19.37 18.37
CA GLU B 20 -24.82 -20.79 18.03
C GLU B 20 -23.65 -21.08 17.10
N PRO B 21 -23.46 -20.40 15.96
CA PRO B 21 -22.63 -20.97 14.90
C PRO B 21 -21.14 -20.96 15.17
N VAL B 22 -20.69 -20.44 16.31
CA VAL B 22 -19.27 -20.44 16.60
C VAL B 22 -19.05 -20.95 18.03
N MET B 23 -20.16 -21.05 18.79
CA MET B 23 -20.07 -21.46 20.19
C MET B 23 -19.37 -22.80 20.33
N SER B 24 -19.51 -23.69 19.36
CA SER B 24 -18.85 -24.99 19.41
C SER B 24 -17.34 -24.81 19.57
N GLN B 25 -16.75 -23.93 18.75
CA GLN B 25 -15.32 -23.66 18.87
C GLN B 25 -14.95 -23.31 20.30
N LEU B 26 -15.81 -22.55 20.97
CA LEU B 26 -15.56 -22.13 22.34
C LEU B 26 -15.21 -23.32 23.22
N VAL B 27 -16.01 -24.39 23.16
CA VAL B 27 -15.78 -25.49 24.08
C VAL B 27 -14.44 -26.15 23.77
N GLU B 28 -14.08 -26.23 22.49
CA GLU B 28 -12.76 -26.75 22.13
C GLU B 28 -11.64 -25.90 22.71
N PHE B 29 -11.84 -24.59 22.79
CA PHE B 29 -10.82 -23.74 23.38
C PHE B 29 -10.97 -23.64 24.89
N TYR B 30 -12.02 -24.25 25.45
CA TYR B 30 -12.24 -24.10 26.88
C TYR B 30 -11.66 -25.25 27.69
N ASN B 31 -11.66 -26.47 27.15
CA ASN B 31 -11.17 -27.61 27.93
C ASN B 31 -9.66 -27.56 28.13
N GLU B 32 -8.97 -26.69 27.40
CA GLU B 32 -7.54 -26.50 27.57
C GLU B 32 -7.21 -25.25 28.39
N VAL B 33 -8.23 -24.57 28.93
CA VAL B 33 -8.03 -23.36 29.71
C VAL B 33 -8.69 -23.55 31.07
N ALA B 34 -9.69 -24.42 31.12
CA ALA B 34 -10.51 -24.55 32.32
C ALA B 34 -9.71 -25.04 33.52
N SER B 35 -8.81 -26.00 33.32
CA SER B 35 -8.12 -26.61 34.45
C SER B 35 -7.27 -25.59 35.20
N TRP B 36 -6.58 -24.72 34.47
CA TRP B 36 -5.69 -23.75 35.10
C TRP B 36 -6.44 -22.60 35.78
N LEU B 37 -7.59 -22.19 35.26
CA LEU B 37 -8.31 -21.06 35.84
C LEU B 37 -8.77 -21.37 37.26
N LEU B 38 -9.28 -22.57 37.50
CA LEU B 38 -9.92 -22.88 38.78
C LEU B 38 -8.93 -23.03 39.93
N ARG B 39 -7.62 -22.99 39.66
CA ARG B 39 -6.64 -23.12 40.73
C ARG B 39 -6.76 -21.98 41.73
N ASP B 40 -6.98 -20.77 41.25
CA ASP B 40 -7.11 -19.59 42.10
C ASP B 40 -8.55 -19.10 42.05
N GLU B 41 -9.05 -18.65 43.20
CA GLU B 41 -10.41 -18.13 43.27
C GLU B 41 -10.53 -16.89 42.40
N THR B 42 -11.64 -16.78 41.67
CA THR B 42 -11.84 -15.69 40.72
C THR B 42 -13.18 -15.04 40.99
N SER B 43 -13.30 -13.79 40.56
CA SER B 43 -14.52 -13.02 40.71
C SER B 43 -15.10 -12.70 39.34
N PRO B 44 -16.36 -13.05 39.07
CA PRO B 44 -17.26 -13.71 40.02
C PRO B 44 -17.10 -15.23 40.03
N ILE B 45 -18.11 -15.92 40.53
CA ILE B 45 -18.10 -17.39 40.58
C ILE B 45 -18.17 -17.92 39.15
N PRO B 46 -17.67 -19.13 38.89
CA PRO B 46 -17.71 -19.64 37.51
C PRO B 46 -19.11 -19.80 36.95
N ASP B 47 -20.12 -19.91 37.80
CA ASP B 47 -21.49 -20.13 37.33
C ASP B 47 -22.02 -18.94 36.53
N LYS B 48 -21.47 -17.75 36.72
CA LYS B 48 -21.90 -16.56 36.01
C LYS B 48 -20.94 -16.17 34.89
N PHE B 49 -20.06 -17.08 34.48
CA PHE B 49 -19.06 -16.75 33.47
C PHE B 49 -19.68 -16.45 32.11
N PHE B 50 -20.70 -17.22 31.72
CA PHE B 50 -21.26 -17.07 30.38
C PHE B 50 -22.74 -16.72 30.42
N ILE B 51 -23.12 -15.77 31.27
CA ILE B 51 -24.50 -15.29 31.28
C ILE B 51 -24.74 -14.19 30.26
N GLN B 52 -23.69 -13.57 29.73
CA GLN B 52 -23.84 -12.54 28.71
C GLN B 52 -24.20 -13.10 27.34
N LEU B 53 -24.20 -14.43 27.19
CA LEU B 53 -24.63 -15.05 25.95
C LEU B 53 -26.13 -14.93 25.75
N LYS B 54 -26.88 -14.47 26.75
CA LYS B 54 -28.33 -14.46 26.69
C LYS B 54 -28.89 -13.36 25.80
N GLN B 55 -28.29 -12.19 25.78
CA GLN B 55 -28.82 -11.08 25.00
C GLN B 55 -28.65 -11.36 23.52
N PRO B 56 -29.73 -11.43 22.75
CA PRO B 56 -29.60 -11.69 21.31
C PRO B 56 -28.88 -10.56 20.59
N LEU B 57 -28.19 -10.91 19.52
CA LEU B 57 -27.39 -9.96 18.76
C LEU B 57 -28.15 -9.31 17.61
N ARG B 58 -29.41 -9.70 17.39
CA ARG B 58 -30.17 -9.15 16.29
C ARG B 58 -30.65 -7.73 16.59
N ASN B 59 -31.03 -7.47 17.84
CA ASN B 59 -31.65 -6.21 18.23
C ASN B 59 -30.67 -5.26 18.91
N LYS B 60 -29.40 -5.32 18.55
CA LYS B 60 -28.38 -4.47 19.15
C LYS B 60 -27.64 -3.72 18.06
N ARG B 61 -27.19 -2.51 18.38
CA ARG B 61 -26.53 -1.68 17.38
C ARG B 61 -25.18 -1.13 17.83
N VAL B 62 -25.04 -0.80 19.12
CA VAL B 62 -23.80 -0.24 19.65
C VAL B 62 -23.25 -1.21 20.68
N CYS B 63 -21.92 -1.26 20.80
CA CYS B 63 -21.25 -2.16 21.74
C CYS B 63 -20.33 -1.34 22.64
N VAL B 64 -20.42 -1.58 23.94
CA VAL B 64 -19.52 -0.99 24.93
C VAL B 64 -18.70 -2.11 25.55
N CYS B 65 -17.39 -1.89 25.65
CA CYS B 65 -16.47 -2.94 26.03
C CYS B 65 -15.62 -2.52 27.21
N GLY B 66 -15.22 -3.49 28.00
CA GLY B 66 -14.32 -3.26 29.12
C GLY B 66 -13.22 -4.30 29.14
N ILE B 67 -12.02 -3.85 29.51
CA ILE B 67 -10.86 -4.72 29.45
C ILE B 67 -10.95 -5.82 30.50
N ASP B 68 -11.46 -5.51 31.69
CA ASP B 68 -11.51 -6.46 32.78
C ASP B 68 -12.83 -6.33 33.53
N PRO B 69 -13.27 -7.40 34.19
CA PRO B 69 -14.44 -7.31 35.06
C PRO B 69 -14.05 -6.64 36.38
N TYR B 70 -15.05 -6.48 37.24
CA TYR B 70 -14.82 -5.86 38.55
C TYR B 70 -14.02 -6.80 39.44
N PRO B 71 -12.88 -6.37 39.99
CA PRO B 71 -12.07 -7.30 40.79
C PRO B 71 -12.77 -7.83 42.02
N LYS B 72 -13.70 -7.06 42.61
CA LYS B 72 -14.37 -7.46 43.84
C LYS B 72 -15.87 -7.43 43.64
N ASP B 73 -16.54 -8.38 44.30
CA ASP B 73 -18.01 -8.45 44.31
C ASP B 73 -18.58 -8.52 42.90
N GLY B 74 -17.92 -9.28 42.03
CA GLY B 74 -18.40 -9.43 40.67
C GLY B 74 -19.73 -10.16 40.63
N THR B 75 -20.58 -9.77 39.68
CA THR B 75 -21.89 -10.37 39.51
C THR B 75 -22.09 -11.03 38.14
N GLY B 76 -21.28 -10.69 37.15
CA GLY B 76 -21.41 -11.30 35.84
C GLY B 76 -21.76 -10.30 34.76
N VAL B 77 -22.68 -9.39 35.05
CA VAL B 77 -23.10 -8.38 34.08
C VAL B 77 -22.05 -7.27 34.05
N PRO B 78 -21.44 -7.00 32.89
CA PRO B 78 -20.39 -5.99 32.84
C PRO B 78 -20.93 -4.60 33.12
N PHE B 79 -20.09 -3.78 33.75
CA PHE B 79 -20.41 -2.38 34.07
C PHE B 79 -21.71 -2.28 34.86
N GLU B 80 -21.91 -3.19 35.81
CA GLU B 80 -23.07 -3.17 36.69
C GLU B 80 -22.61 -3.01 38.13
N SER B 81 -23.22 -2.06 38.83
CA SER B 81 -22.92 -1.82 40.25
C SER B 81 -24.23 -1.44 40.95
N PRO B 82 -24.92 -2.40 41.54
CA PRO B 82 -26.19 -2.08 42.23
C PRO B 82 -26.03 -1.06 43.35
N ASN B 83 -24.94 -1.10 44.10
CA ASN B 83 -24.69 -0.14 45.15
C ASN B 83 -24.09 1.17 44.64
N PHE B 84 -23.69 1.21 43.37
CA PHE B 84 -23.13 2.41 42.74
C PHE B 84 -21.93 2.92 43.54
N THR B 85 -20.87 2.10 43.59
CA THR B 85 -19.67 2.44 44.32
C THR B 85 -18.40 2.40 43.47
N LYS B 86 -18.40 1.70 42.34
CA LYS B 86 -17.23 1.64 41.49
C LYS B 86 -16.98 2.99 40.83
N LYS B 87 -15.70 3.33 40.68
CA LYS B 87 -15.34 4.63 40.11
C LYS B 87 -15.78 4.74 38.64
N SER B 88 -15.63 3.67 37.88
CA SER B 88 -15.95 3.71 36.46
C SER B 88 -17.45 3.94 36.25
N ILE B 89 -18.29 3.21 36.96
CA ILE B 89 -19.74 3.38 36.81
C ILE B 89 -20.17 4.75 37.33
N LYS B 90 -19.49 5.25 38.38
CA LYS B 90 -19.79 6.60 38.86
C LYS B 90 -19.49 7.64 37.79
N GLU B 91 -18.33 7.52 37.13
CA GLU B 91 -17.99 8.45 36.06
C GLU B 91 -18.97 8.34 34.90
N ILE B 92 -19.35 7.12 34.54
CA ILE B 92 -20.30 6.93 33.44
C ILE B 92 -21.64 7.57 33.78
N ALA B 93 -22.14 7.35 34.99
CA ALA B 93 -23.41 7.93 35.40
C ALA B 93 -23.34 9.45 35.43
N SER B 94 -22.24 10.01 35.93
CA SER B 94 -22.09 11.46 35.97
C SER B 94 -22.06 12.04 34.56
N SER B 95 -21.33 11.39 33.65
CA SER B 95 -21.27 11.88 32.27
C SER B 95 -22.63 11.79 31.59
N ILE B 96 -23.36 10.70 31.82
CA ILE B 96 -24.68 10.56 31.22
C ILE B 96 -25.63 11.61 31.76
N SER B 97 -25.58 11.87 33.08
CA SER B 97 -26.42 12.91 33.66
C SER B 97 -26.08 14.28 33.10
N ARG B 98 -24.80 14.57 32.92
CA ARG B 98 -24.39 15.84 32.34
C ARG B 98 -24.88 15.97 30.90
N LEU B 99 -24.75 14.90 30.12
CA LEU B 99 -25.14 14.97 28.71
C LEU B 99 -26.65 15.08 28.54
N THR B 100 -27.41 14.33 29.33
CA THR B 100 -28.86 14.34 29.21
C THR B 100 -29.51 15.48 29.97
N GLY B 101 -28.75 16.22 30.78
CA GLY B 101 -29.29 17.32 31.53
C GLY B 101 -30.05 16.95 32.78
N VAL B 102 -30.12 15.66 33.13
CA VAL B 102 -30.85 15.22 34.31
C VAL B 102 -29.97 15.45 35.54
N ILE B 103 -30.52 16.16 36.53
CA ILE B 103 -29.77 16.48 37.73
C ILE B 103 -29.95 15.42 38.80
N ASP B 104 -31.17 14.95 39.01
CA ASP B 104 -31.48 13.96 40.04
C ASP B 104 -31.37 12.56 39.43
N TYR B 105 -30.48 11.74 39.99
CA TYR B 105 -30.31 10.38 39.51
C TYR B 105 -29.85 9.51 40.67
N LYS B 106 -30.10 8.20 40.55
CA LYS B 106 -29.75 7.24 41.58
C LYS B 106 -28.92 6.07 41.09
N GLY B 107 -29.15 5.59 39.87
CA GLY B 107 -28.41 4.44 39.37
C GLY B 107 -28.59 4.30 37.87
N TYR B 108 -27.73 3.46 37.30
CA TYR B 108 -27.71 3.25 35.85
C TYR B 108 -27.39 1.79 35.56
N ASN B 109 -28.17 1.17 34.68
CA ASN B 109 -27.92 -0.19 34.22
C ASN B 109 -27.89 -0.18 32.70
N LEU B 110 -26.77 -0.62 32.13
CA LEU B 110 -26.59 -0.56 30.69
C LEU B 110 -27.29 -1.70 29.96
N ASN B 111 -27.71 -2.73 30.67
CA ASN B 111 -28.38 -3.86 30.05
C ASN B 111 -29.85 -3.60 29.76
N ILE B 112 -30.44 -2.58 30.39
CA ILE B 112 -31.86 -2.28 30.17
C ILE B 112 -32.08 -1.70 28.78
N ILE B 113 -31.18 -0.81 28.34
CA ILE B 113 -31.34 -0.16 27.05
C ILE B 113 -31.26 -1.19 25.94
N ASP B 114 -32.16 -1.08 24.96
CA ASP B 114 -32.19 -1.99 23.82
C ASP B 114 -31.35 -1.40 22.70
N GLY B 115 -30.32 -2.12 22.28
CA GLY B 115 -29.45 -1.66 21.23
C GLY B 115 -27.98 -1.70 21.63
N VAL B 116 -27.72 -1.62 22.93
CA VAL B 116 -26.37 -1.64 23.47
C VAL B 116 -26.18 -2.92 24.27
N ILE B 117 -24.96 -3.46 24.24
CA ILE B 117 -24.62 -4.70 24.93
C ILE B 117 -23.48 -4.44 25.91
N PRO B 118 -23.64 -4.74 27.19
CA PRO B 118 -22.50 -4.62 28.11
C PRO B 118 -21.58 -5.82 28.01
N TRP B 119 -20.34 -5.59 27.57
CA TRP B 119 -19.41 -6.65 27.26
C TRP B 119 -18.08 -6.42 27.96
N ASN B 120 -17.45 -7.51 28.37
CA ASN B 120 -16.10 -7.49 28.91
C ASN B 120 -15.19 -8.34 28.05
N TYR B 121 -13.98 -7.84 27.79
CA TYR B 121 -13.10 -8.51 26.84
C TYR B 121 -12.46 -9.73 27.49
N TYR B 122 -12.09 -9.62 28.75
CA TYR B 122 -11.72 -10.78 29.58
C TYR B 122 -12.90 -11.12 30.47
N LEU B 123 -13.33 -12.39 30.43
CA LEU B 123 -14.53 -12.81 31.12
C LEU B 123 -14.28 -13.24 32.56
N SER B 124 -13.04 -13.21 33.04
CA SER B 124 -12.75 -13.59 34.40
C SER B 124 -11.51 -12.84 34.87
N CYS B 125 -11.37 -12.73 36.20
CA CYS B 125 -10.26 -12.01 36.80
C CYS B 125 -10.12 -12.44 38.25
N LYS B 126 -8.89 -12.39 38.75
CA LYS B 126 -8.63 -12.72 40.14
C LYS B 126 -8.72 -11.48 41.01
N LEU B 127 -9.33 -11.63 42.19
CA LEU B 127 -9.48 -10.51 43.09
C LEU B 127 -8.11 -9.98 43.52
N GLY B 128 -7.93 -8.67 43.41
CA GLY B 128 -6.67 -8.05 43.74
C GLY B 128 -5.61 -8.13 42.68
N GLU B 129 -5.91 -8.74 41.53
CA GLU B 129 -4.95 -8.87 40.43
C GLU B 129 -5.67 -8.49 39.14
N THR B 130 -5.62 -7.21 38.79
CA THR B 130 -6.28 -6.73 37.59
C THR B 130 -5.59 -7.25 36.34
N LYS B 131 -6.38 -7.76 35.40
CA LYS B 131 -5.88 -8.25 34.12
C LYS B 131 -4.84 -9.35 34.31
N SER B 132 -5.16 -10.32 35.17
CA SER B 132 -4.27 -11.43 35.47
C SER B 132 -4.68 -12.71 34.75
N HIS B 133 -5.47 -12.59 33.68
CA HIS B 133 -5.93 -13.77 32.95
C HIS B 133 -5.98 -13.52 31.44
N ALA B 134 -5.12 -12.65 30.94
CA ALA B 134 -5.12 -12.36 29.50
C ALA B 134 -4.77 -13.58 28.68
N ILE B 135 -3.74 -14.32 29.10
CA ILE B 135 -3.30 -15.50 28.35
C ILE B 135 -4.37 -16.58 28.39
N TYR B 136 -5.10 -16.68 29.50
CA TYR B 136 -6.14 -17.69 29.61
C TYR B 136 -7.27 -17.45 28.62
N TRP B 137 -7.66 -16.19 28.42
CA TRP B 137 -8.87 -15.88 27.66
C TRP B 137 -8.62 -15.42 26.24
N ASP B 138 -7.37 -15.11 25.87
CA ASP B 138 -7.07 -14.46 24.59
C ASP B 138 -7.88 -14.97 23.40
N LYS B 139 -7.81 -16.29 23.16
CA LYS B 139 -8.49 -16.85 21.99
C LYS B 139 -10.01 -16.72 22.09
N ILE B 140 -10.57 -16.98 23.28
CA ILE B 140 -12.00 -16.88 23.46
C ILE B 140 -12.46 -15.45 23.25
N SER B 141 -11.68 -14.49 23.75
CA SER B 141 -12.00 -13.08 23.57
C SER B 141 -12.00 -12.70 22.10
N LYS B 142 -10.98 -13.14 21.35
CA LYS B 142 -10.95 -12.85 19.92
C LYS B 142 -12.15 -13.45 19.21
N LEU B 143 -12.48 -14.69 19.52
CA LEU B 143 -13.63 -15.35 18.88
C LEU B 143 -14.93 -14.60 19.15
N LEU B 144 -15.20 -14.30 20.42
CA LEU B 144 -16.45 -13.65 20.78
C LEU B 144 -16.51 -12.23 20.22
N LEU B 145 -15.38 -11.51 20.21
CA LEU B 145 -15.38 -10.16 19.66
C LEU B 145 -15.61 -10.17 18.15
N GLN B 146 -14.99 -11.12 17.44
CA GLN B 146 -15.25 -11.23 16.01
C GLN B 146 -16.69 -11.60 15.71
N HIS B 147 -17.33 -12.40 16.58
CA HIS B 147 -18.74 -12.69 16.37
C HIS B 147 -19.62 -11.46 16.63
N ILE B 148 -19.39 -10.78 17.75
CA ILE B 148 -20.24 -9.64 18.11
C ILE B 148 -20.04 -8.50 17.11
N THR B 149 -18.85 -8.41 16.52
CA THR B 149 -18.58 -7.36 15.56
C THR B 149 -19.40 -7.52 14.29
N LYS B 150 -19.86 -8.74 14.00
CA LYS B 150 -20.66 -8.99 12.80
C LYS B 150 -22.11 -8.59 12.97
N HIS B 151 -22.52 -8.16 14.16
CA HIS B 151 -23.90 -7.75 14.40
C HIS B 151 -24.04 -6.30 14.86
N VAL B 152 -23.09 -5.77 15.62
CA VAL B 152 -23.16 -4.39 16.07
C VAL B 152 -22.79 -3.46 14.93
N SER B 153 -23.16 -2.19 15.04
CA SER B 153 -22.92 -1.22 14.00
C SER B 153 -21.64 -0.41 14.26
N VAL B 154 -21.55 0.24 15.41
CA VAL B 154 -20.38 1.00 15.81
C VAL B 154 -19.86 0.43 17.11
N LEU B 155 -18.54 0.31 17.23
CA LEU B 155 -17.90 -0.27 18.40
C LEU B 155 -17.13 0.82 19.13
N TYR B 156 -17.50 1.04 20.39
CA TYR B 156 -16.89 2.07 21.23
C TYR B 156 -16.00 1.41 22.27
N CYS B 157 -14.70 1.68 22.18
CA CYS B 157 -13.70 1.07 23.05
C CYS B 157 -13.51 1.89 24.31
N LEU B 158 -13.05 1.24 25.37
CA LEU B 158 -12.68 1.89 26.62
C LEU B 158 -11.22 1.59 26.91
N GLY B 159 -10.43 2.64 27.14
CA GLY B 159 -9.02 2.46 27.42
C GLY B 159 -8.16 2.67 26.19
N LYS B 160 -7.40 3.77 26.16
CA LYS B 160 -6.55 4.07 25.03
C LYS B 160 -5.46 3.02 24.86
N THR B 161 -4.79 2.67 25.96
CA THR B 161 -3.65 1.76 25.87
C THR B 161 -4.09 0.32 25.68
N ASP B 162 -5.19 -0.06 26.33
CA ASP B 162 -5.60 -1.47 26.32
C ASP B 162 -5.97 -1.94 24.91
N PHE B 163 -6.67 -1.11 24.16
CA PHE B 163 -7.17 -1.45 22.83
C PHE B 163 -6.48 -0.63 21.75
N SER B 164 -5.19 -0.36 21.94
CA SER B 164 -4.49 0.59 21.07
C SER B 164 -4.43 0.09 19.63
N ASN B 165 -4.18 -1.19 19.44
CA ASN B 165 -4.05 -1.79 18.11
C ASN B 165 -5.21 -2.74 17.84
N ILE B 166 -6.42 -2.34 18.25
CA ILE B 166 -7.59 -3.17 18.08
C ILE B 166 -7.91 -3.41 16.61
N ARG B 167 -7.46 -2.53 15.72
CA ARG B 167 -7.72 -2.71 14.30
C ARG B 167 -7.09 -3.98 13.77
N ALA B 168 -5.87 -4.29 14.21
CA ALA B 168 -5.20 -5.51 13.76
C ALA B 168 -5.84 -6.76 14.36
N LYS B 169 -6.44 -6.66 15.54
CA LYS B 169 -7.03 -7.84 16.18
C LYS B 169 -8.25 -8.36 15.42
N LEU B 170 -9.04 -7.46 14.84
CA LEU B 170 -10.24 -7.83 14.09
C LEU B 170 -9.92 -7.77 12.60
N GLU B 171 -10.15 -8.88 11.90
CA GLU B 171 -9.89 -8.92 10.46
C GLU B 171 -10.91 -8.11 9.68
N SER B 172 -12.18 -8.16 10.08
CA SER B 172 -13.22 -7.46 9.35
C SER B 172 -13.20 -5.98 9.71
N PRO B 173 -13.05 -5.08 8.74
CA PRO B 173 -13.10 -3.63 9.04
C PRO B 173 -14.51 -3.19 9.40
N VAL B 174 -14.68 -2.63 10.60
CA VAL B 174 -15.99 -2.17 11.08
C VAL B 174 -15.79 -0.82 11.76
N THR B 175 -16.76 0.08 11.57
CA THR B 175 -16.74 1.39 12.19
C THR B 175 -16.44 1.27 13.68
N THR B 176 -15.31 1.85 14.09
CA THR B 176 -14.84 1.74 15.46
C THR B 176 -14.30 3.08 15.93
N ILE B 177 -14.63 3.44 17.16
CA ILE B 177 -14.08 4.60 17.83
C ILE B 177 -13.50 4.16 19.16
N VAL B 178 -12.37 4.76 19.54
CA VAL B 178 -11.68 4.40 20.78
C VAL B 178 -11.92 5.51 21.80
N GLY B 179 -12.25 5.11 23.02
CA GLY B 179 -12.48 6.03 24.11
C GLY B 179 -11.28 6.15 25.03
N TYR B 180 -11.33 7.16 25.89
CA TYR B 180 -10.24 7.44 26.79
C TYR B 180 -10.41 6.66 28.09
N HIS B 181 -9.40 6.76 28.95
CA HIS B 181 -9.41 6.01 30.20
C HIS B 181 -10.53 6.53 31.10
N PRO B 182 -11.39 5.65 31.60
CA PRO B 182 -12.54 6.13 32.40
C PRO B 182 -12.14 6.90 33.64
N ALA B 183 -11.01 6.59 34.24
CA ALA B 183 -10.52 7.27 35.45
C ALA B 183 -9.20 7.98 35.16
N ALA B 184 -9.11 8.61 34.00
CA ALA B 184 -7.88 9.29 33.61
C ALA B 184 -7.65 10.54 34.45
N ARG B 185 -6.38 10.82 34.73
CA ARG B 185 -6.03 12.00 35.50
C ARG B 185 -6.23 13.26 34.64
N ASP B 186 -6.36 14.39 35.33
CA ASP B 186 -6.58 15.70 34.71
C ASP B 186 -7.96 15.84 34.08
N HIS B 187 -8.93 15.02 34.51
CA HIS B 187 -10.30 15.07 34.00
C HIS B 187 -10.34 14.92 32.48
N GLN B 188 -9.49 14.03 31.96
CA GLN B 188 -9.45 13.81 30.51
C GLN B 188 -10.76 13.22 30.00
N PHE B 189 -11.35 12.30 30.76
CA PHE B 189 -12.60 11.67 30.35
C PHE B 189 -13.77 12.65 30.34
N GLU B 190 -13.67 13.76 31.06
CA GLU B 190 -14.76 14.73 31.09
C GLU B 190 -15.01 15.36 29.73
N LYS B 191 -13.95 15.66 28.99
CA LYS B 191 -14.07 16.32 27.69
C LYS B 191 -14.39 15.34 26.56
N ASP B 192 -14.49 14.06 26.84
CA ASP B 192 -14.79 13.07 25.81
C ASP B 192 -16.20 13.31 25.25
N ARG B 193 -16.34 13.14 23.94
CA ARG B 193 -17.60 13.35 23.23
C ARG B 193 -17.97 12.12 22.42
N SER B 194 -17.87 10.95 23.03
CA SER B 194 -18.12 9.71 22.30
C SER B 194 -19.61 9.45 22.09
N PHE B 195 -20.45 9.82 23.06
CA PHE B 195 -21.88 9.54 22.94
C PHE B 195 -22.53 10.28 21.79
N GLU B 196 -22.07 11.49 21.49
CA GLU B 196 -22.59 12.23 20.36
C GLU B 196 -22.17 11.63 19.03
N ILE B 197 -20.89 11.29 18.87
CA ILE B 197 -20.44 10.71 17.60
C ILE B 197 -21.08 9.34 17.41
N ILE B 198 -21.34 8.62 18.50
CA ILE B 198 -21.95 7.29 18.39
C ILE B 198 -23.32 7.38 17.72
N ASN B 199 -24.18 8.27 18.22
CA ASN B 199 -25.51 8.35 17.63
C ASN B 199 -25.51 9.13 16.32
N VAL B 200 -24.52 9.99 16.09
CA VAL B 200 -24.38 10.61 14.76
C VAL B 200 -24.12 9.54 13.71
N LEU B 201 -23.17 8.64 13.97
CA LEU B 201 -22.94 7.54 13.04
C LEU B 201 -24.11 6.57 12.99
N LEU B 202 -24.77 6.35 14.12
CA LEU B 202 -25.91 5.43 14.14
C LEU B 202 -27.03 5.94 13.25
N GLU B 203 -27.30 7.25 13.31
CA GLU B 203 -28.22 7.85 12.34
C GLU B 203 -27.66 7.75 10.93
N LEU B 204 -26.34 7.96 10.79
CA LEU B 204 -25.72 7.83 9.47
C LEU B 204 -25.78 6.40 8.97
N ASP B 205 -25.89 5.43 9.88
CA ASP B 205 -26.09 4.04 9.52
C ASP B 205 -27.56 3.68 9.33
N ASN B 206 -28.43 4.68 9.16
CA ASN B 206 -29.86 4.47 8.95
C ASN B 206 -30.48 3.68 10.11
N LYS B 207 -30.13 4.05 11.33
CA LYS B 207 -30.61 3.37 12.52
C LYS B 207 -31.13 4.40 13.53
N THR B 208 -32.12 3.98 14.30
CA THR B 208 -32.75 4.89 15.25
C THR B 208 -31.78 5.24 16.38
N PRO B 209 -31.87 6.44 16.95
CA PRO B 209 -31.02 6.79 18.09
C PRO B 209 -31.30 5.89 19.29
N ILE B 210 -30.46 6.05 20.32
CA ILE B 210 -30.52 5.24 21.52
C ILE B 210 -30.84 6.13 22.70
N ASN B 211 -31.91 5.79 23.43
CA ASN B 211 -32.37 6.57 24.57
C ASN B 211 -31.56 6.15 25.80
N TRP B 212 -30.52 6.93 26.09
CA TRP B 212 -29.67 6.63 27.24
C TRP B 212 -30.43 6.69 28.55
N ALA B 213 -31.40 7.59 28.65
CA ALA B 213 -32.16 7.74 29.89
C ALA B 213 -32.88 6.46 30.29
N GLN B 214 -33.12 5.55 29.34
CA GLN B 214 -33.73 4.28 29.67
C GLN B 214 -32.91 3.49 30.69
N GLY B 215 -31.58 3.66 30.68
CA GLY B 215 -30.74 2.95 31.63
C GLY B 215 -30.75 3.50 33.03
N PHE B 216 -31.33 4.67 33.24
CA PHE B 216 -31.34 5.28 34.56
C PHE B 216 -32.21 4.48 35.53
N ILE B 217 -31.81 4.49 36.80
CA ILE B 217 -32.54 3.82 37.87
C ILE B 217 -32.97 4.86 38.87
N TYR B 218 -34.26 4.87 39.19
CA TYR B 218 -34.81 5.83 40.16
C TYR B 218 -35.47 5.10 41.33
N MET C 1 -10.57 10.18 19.38
CA MET C 1 -10.91 11.57 19.09
C MET C 1 -11.52 12.27 20.31
N THR C 2 -11.25 13.56 20.44
CA THR C 2 -11.75 14.36 21.55
C THR C 2 -12.44 15.64 21.11
N SER C 3 -11.93 16.32 20.10
CA SER C 3 -12.50 17.59 19.68
C SER C 3 -13.85 17.39 19.00
N SER C 4 -14.67 18.44 19.04
CA SER C 4 -15.97 18.40 18.39
C SER C 4 -15.91 18.81 16.92
N ALA C 5 -14.72 19.14 16.42
CA ALA C 5 -14.59 19.45 14.99
C ALA C 5 -14.94 18.24 14.14
N ASP C 6 -14.54 17.05 14.59
CA ASP C 6 -14.85 15.84 13.85
C ASP C 6 -16.36 15.60 13.78
N LEU C 7 -17.07 15.81 14.89
CA LEU C 7 -18.52 15.61 14.87
C LEU C 7 -19.23 16.72 14.09
N THR C 8 -18.67 17.93 14.10
CA THR C 8 -19.21 18.98 13.22
C THR C 8 -19.06 18.59 11.75
N ASN C 9 -17.89 18.06 11.39
CA ASN C 9 -17.68 17.58 10.03
C ASN C 9 -18.62 16.44 9.70
N LEU C 10 -18.88 15.57 10.68
CA LEU C 10 -19.79 14.45 10.47
C LEU C 10 -21.22 14.93 10.22
N LYS C 11 -21.70 15.90 10.98
CA LYS C 11 -23.04 16.41 10.69
C LYS C 11 -23.05 17.20 9.38
N GLU C 12 -21.92 17.78 8.99
CA GLU C 12 -21.84 18.39 7.67
C GLU C 12 -22.04 17.34 6.57
N LEU C 13 -21.37 16.19 6.72
CA LEU C 13 -21.60 15.09 5.77
C LEU C 13 -23.04 14.62 5.79
N LEU C 14 -23.64 14.53 6.98
CA LEU C 14 -25.04 14.09 7.07
C LEU C 14 -25.96 15.06 6.35
N SER C 15 -25.74 16.36 6.54
CA SER C 15 -26.54 17.36 5.84
C SER C 15 -26.34 17.30 4.34
N LEU C 16 -25.09 17.11 3.90
CA LEU C 16 -24.82 16.99 2.47
C LEU C 16 -25.51 15.77 1.88
N TYR C 17 -25.51 14.65 2.60
CA TYR C 17 -26.21 13.46 2.15
C TYR C 17 -27.72 13.71 2.11
N LYS C 18 -28.24 14.47 3.07
CA LYS C 18 -29.66 14.82 3.06
C LYS C 18 -30.03 15.66 1.85
N SER C 19 -29.07 16.41 1.30
CA SER C 19 -29.32 17.24 0.13
C SER C 19 -28.38 16.85 -1.01
N LEU C 20 -28.24 15.54 -1.25
CA LEU C 20 -27.30 15.06 -2.26
C LEU C 20 -27.72 15.52 -3.65
N ARG C 21 -26.73 15.92 -4.45
CA ARG C 21 -26.95 16.36 -5.83
C ARG C 21 -25.73 15.94 -6.64
N PHE C 22 -25.87 14.90 -7.45
CA PHE C 22 -24.75 14.36 -8.22
C PHE C 22 -24.30 15.28 -9.35
N SER C 23 -25.12 16.26 -9.73
CA SER C 23 -24.77 17.12 -10.85
C SER C 23 -23.56 18.00 -10.54
N ASP C 24 -23.49 18.54 -9.33
CA ASP C 24 -22.43 19.48 -8.97
C ASP C 24 -21.11 18.72 -8.85
N SER C 25 -20.19 18.98 -9.78
CA SER C 25 -18.91 18.27 -9.78
C SER C 25 -18.08 18.61 -8.55
N VAL C 26 -18.02 19.88 -8.17
CA VAL C 26 -17.22 20.29 -7.02
C VAL C 26 -17.78 19.68 -5.74
N ALA C 27 -19.10 19.73 -5.57
CA ALA C 27 -19.72 19.16 -4.38
C ALA C 27 -19.49 17.64 -4.32
N ILE C 28 -19.62 16.97 -5.46
CA ILE C 28 -19.40 15.52 -5.49
C ILE C 28 -17.94 15.19 -5.15
N GLU C 29 -17.00 15.97 -5.69
CA GLU C 29 -15.59 15.73 -5.39
C GLU C 29 -15.30 15.93 -3.90
N LYS C 30 -15.85 17.00 -3.32
CA LYS C 30 -15.65 17.25 -1.90
C LYS C 30 -16.28 16.14 -1.05
N TYR C 31 -17.48 15.70 -1.42
CA TYR C 31 -18.13 14.61 -0.69
C TYR C 31 -17.33 13.33 -0.78
N ASN C 32 -16.77 13.02 -1.97
CA ASN C 32 -15.95 11.83 -2.12
C ASN C 32 -14.68 11.92 -1.29
N SER C 33 -14.04 13.09 -1.27
CA SER C 33 -12.84 13.26 -0.45
C SER C 33 -13.16 13.09 1.04
N LEU C 34 -14.29 13.66 1.49
CA LEU C 34 -14.68 13.52 2.90
C LEU C 34 -15.04 12.09 3.23
N VAL C 35 -15.69 11.38 2.30
CA VAL C 35 -16.00 9.96 2.51
C VAL C 35 -14.72 9.15 2.62
N GLU C 36 -13.74 9.43 1.76
CA GLU C 36 -12.45 8.75 1.84
C GLU C 36 -11.77 9.03 3.17
N TRP C 37 -11.80 10.28 3.63
CA TRP C 37 -11.21 10.62 4.92
C TRP C 37 -11.91 9.86 6.04
N GLY C 38 -13.23 9.79 6.01
CA GLY C 38 -13.97 9.09 7.06
C GLY C 38 -13.70 7.60 7.07
N THR C 39 -13.64 6.98 5.90
CA THR C 39 -13.40 5.54 5.83
C THR C 39 -11.93 5.19 6.05
N SER C 40 -11.02 6.16 5.97
CA SER C 40 -9.63 5.91 6.29
C SER C 40 -9.33 6.15 7.76
N THR C 41 -9.91 7.19 8.36
CA THR C 41 -9.66 7.49 9.77
C THR C 41 -10.41 6.51 10.67
N TYR C 42 -11.65 6.22 10.35
CA TYR C 42 -12.49 5.34 11.17
C TYR C 42 -12.53 3.90 10.65
N TRP C 43 -11.79 3.60 9.59
CA TRP C 43 -11.64 2.26 9.03
C TRP C 43 -12.92 1.81 8.32
N LYS C 44 -13.99 2.57 8.47
CA LYS C 44 -15.27 2.27 7.83
C LYS C 44 -16.28 3.39 8.12
N ILE C 45 -17.26 3.55 7.22
CA ILE C 45 -18.39 4.45 7.43
C ILE C 45 -19.63 3.81 6.82
N GLY C 46 -20.80 4.30 7.26
CA GLY C 46 -22.05 3.75 6.77
C GLY C 46 -22.48 4.27 5.41
N VAL C 47 -21.75 5.22 4.84
CA VAL C 47 -22.09 5.77 3.54
C VAL C 47 -20.93 5.62 2.58
N ILE C 57 -34.87 15.39 -9.10
CA ILE C 57 -35.99 15.88 -8.30
C ILE C 57 -37.27 15.14 -8.67
N SER C 58 -37.11 14.01 -9.38
CA SER C 58 -38.27 13.25 -9.83
C SER C 58 -39.08 12.71 -8.66
N ASP C 59 -38.40 12.23 -7.61
CA ASP C 59 -39.10 11.71 -6.44
C ASP C 59 -39.89 12.78 -5.71
N TYR C 60 -39.52 14.05 -5.86
CA TYR C 60 -40.25 15.13 -5.22
C TYR C 60 -41.60 15.41 -5.87
N TYR C 61 -41.87 14.83 -7.05
CA TYR C 61 -43.12 15.05 -7.76
C TYR C 61 -43.89 13.73 -7.83
N ASP C 62 -45.18 13.79 -7.53
CA ASP C 62 -46.04 12.61 -7.56
C ASP C 62 -46.54 12.39 -8.99
N GLU C 63 -47.44 11.41 -9.14
CA GLU C 63 -47.96 11.08 -10.46
C GLU C 63 -48.82 12.22 -10.99
N VAL C 64 -48.57 12.61 -12.24
CA VAL C 64 -49.25 13.76 -12.83
C VAL C 64 -50.71 13.41 -13.10
N LYS C 65 -51.59 14.35 -12.79
CA LYS C 65 -53.02 14.18 -12.99
C LYS C 65 -53.40 14.67 -14.38
N ASN C 66 -54.20 13.87 -15.08
CA ASN C 66 -54.52 14.10 -16.48
C ASN C 66 -56.02 14.04 -16.75
N LYS C 67 -56.83 13.72 -15.75
CA LYS C 67 -58.27 13.61 -15.90
C LYS C 67 -58.96 14.39 -14.79
N PRO C 68 -60.18 14.89 -15.04
CA PRO C 68 -60.91 15.59 -13.98
C PRO C 68 -61.18 14.68 -12.79
N PHE C 69 -61.11 15.26 -11.60
CA PHE C 69 -61.31 14.50 -10.37
C PHE C 69 -61.75 15.43 -9.26
N ASN C 70 -62.47 14.88 -8.30
CA ASN C 70 -62.92 15.64 -7.14
C ASN C 70 -61.72 16.02 -6.27
N ILE C 71 -61.74 17.25 -5.77
CA ILE C 71 -60.65 17.76 -4.96
C ILE C 71 -61.10 17.88 -3.51
N ASP C 72 -60.15 17.75 -2.61
CA ASP C 72 -60.43 17.85 -1.18
C ASP C 72 -60.59 19.32 -0.79
N PRO C 73 -61.67 19.69 -0.11
CA PRO C 73 -61.84 21.09 0.31
C PRO C 73 -60.73 21.51 1.25
N GLY C 74 -60.31 22.77 1.12
CA GLY C 74 -59.27 23.31 1.97
C GLY C 74 -58.64 24.54 1.34
N TYR C 75 -57.51 24.93 1.91
CA TYR C 75 -56.75 26.09 1.46
C TYR C 75 -55.61 25.63 0.57
N TYR C 76 -55.56 26.17 -0.65
CA TYR C 76 -54.59 25.75 -1.65
C TYR C 76 -53.93 26.97 -2.30
N ILE C 77 -52.72 26.75 -2.78
CA ILE C 77 -51.96 27.77 -3.51
C ILE C 77 -51.70 27.23 -4.91
N PHE C 78 -52.12 27.99 -5.92
CA PHE C 78 -51.97 27.63 -7.33
C PHE C 78 -50.90 28.48 -7.97
N LEU C 79 -50.01 27.83 -8.72
CA LEU C 79 -48.93 28.46 -9.46
C LEU C 79 -48.79 27.80 -10.82
N PRO C 80 -48.84 28.58 -11.90
CA PRO C 80 -48.63 28.00 -13.23
C PRO C 80 -47.23 27.45 -13.41
N VAL C 81 -47.12 26.29 -14.04
CA VAL C 81 -45.83 25.77 -14.52
C VAL C 81 -45.71 26.17 -15.98
N TYR C 82 -44.61 26.82 -16.34
CA TYR C 82 -44.39 27.41 -17.65
C TYR C 82 -43.68 26.43 -18.57
N PHE C 83 -43.74 26.73 -19.86
CA PHE C 83 -43.04 25.96 -20.88
C PHE C 83 -41.67 26.56 -21.10
N GLY C 84 -40.62 25.77 -20.83
CA GLY C 84 -39.27 26.24 -21.04
C GLY C 84 -38.29 25.40 -20.25
N SER C 85 -37.02 25.76 -20.37
CA SER C 85 -35.97 25.06 -19.63
C SER C 85 -36.05 25.41 -18.15
N VAL C 86 -35.82 24.40 -17.30
CA VAL C 86 -35.94 24.54 -15.86
C VAL C 86 -34.56 24.45 -15.22
N PHE C 87 -34.31 25.30 -14.23
CA PHE C 87 -33.08 25.31 -13.46
C PHE C 87 -33.42 25.23 -11.99
N ILE C 88 -32.50 24.68 -11.20
CA ILE C 88 -32.64 24.61 -9.74
C ILE C 88 -31.36 25.13 -9.13
N TYR C 89 -31.48 26.03 -8.15
CA TYR C 89 -30.32 26.56 -7.45
C TYR C 89 -30.48 26.38 -5.94
N SER C 90 -29.54 25.66 -5.33
CA SER C 90 -29.56 25.40 -3.90
C SER C 90 -28.35 26.05 -3.25
N LYS C 91 -28.47 26.34 -1.96
CA LYS C 91 -27.39 26.95 -1.22
C LYS C 91 -26.22 25.98 -1.09
N GLY C 92 -25.01 26.49 -1.27
CA GLY C 92 -23.81 25.68 -1.21
C GLY C 92 -23.45 24.97 -2.50
N LYS C 93 -24.28 25.05 -3.53
CA LYS C 93 -24.02 24.43 -4.82
C LYS C 93 -24.33 25.44 -5.92
N ASN C 94 -23.81 25.16 -7.11
CA ASN C 94 -24.07 26.02 -8.26
C ASN C 94 -25.41 25.68 -8.88
N MET C 95 -25.79 26.44 -9.92
CA MET C 95 -27.05 26.17 -10.59
C MET C 95 -27.00 24.83 -11.31
N VAL C 96 -28.17 24.19 -11.45
CA VAL C 96 -28.26 22.85 -12.00
C VAL C 96 -29.38 22.84 -13.04
N GLU C 97 -29.11 22.22 -14.19
CA GLU C 97 -30.11 22.00 -15.22
C GLU C 97 -30.36 20.50 -15.36
N LEU C 98 -31.64 20.13 -15.50
CA LEU C 98 -32.03 18.74 -15.43
C LEU C 98 -31.45 17.93 -16.58
N GLY C 99 -31.25 16.64 -16.36
CA GLY C 99 -30.72 15.74 -17.37
C GLY C 99 -29.21 15.56 -17.31
N SER C 100 -28.46 16.61 -17.66
CA SER C 100 -27.01 16.49 -17.69
C SER C 100 -26.36 17.16 -16.49
N GLY C 101 -26.96 18.24 -16.00
CA GLY C 101 -26.42 18.95 -14.85
C GLY C 101 -25.21 19.81 -15.14
N ASN C 102 -25.10 20.38 -16.33
CA ASN C 102 -23.97 21.24 -16.68
C ASN C 102 -24.15 22.61 -16.03
N SER C 103 -23.19 23.49 -16.27
CA SER C 103 -23.16 24.83 -15.67
C SER C 103 -23.40 25.88 -16.75
N PHE C 104 -23.61 27.12 -16.30
CA PHE C 104 -23.84 28.25 -17.18
C PHE C 104 -23.42 29.53 -16.46
N GLN C 105 -23.23 30.60 -17.23
CA GLN C 105 -22.77 31.87 -16.70
C GLN C 105 -23.94 32.84 -16.60
N ILE C 106 -24.15 33.39 -15.39
CA ILE C 106 -25.23 34.33 -15.15
C ILE C 106 -24.67 35.50 -14.33
N PRO C 107 -25.31 36.67 -14.42
CA PRO C 107 -24.74 37.87 -13.75
C PRO C 107 -24.63 37.69 -12.25
N ASP C 108 -23.64 38.38 -11.66
CA ASP C 108 -23.36 38.24 -10.24
C ASP C 108 -24.42 38.95 -9.38
N GLU C 109 -25.12 39.93 -9.94
CA GLU C 109 -26.14 40.63 -9.15
C GLU C 109 -27.26 39.69 -8.74
N ILE C 110 -27.75 38.89 -9.68
CA ILE C 110 -28.79 37.91 -9.34
C ILE C 110 -28.22 36.83 -8.44
N ARG C 111 -26.92 36.54 -8.58
CA ARG C 111 -26.27 35.63 -7.64
C ARG C 111 -26.39 36.14 -6.21
N SER C 112 -26.05 37.41 -6.00
CA SER C 112 -26.12 38.00 -4.67
C SER C 112 -27.56 38.06 -4.17
N ALA C 113 -28.49 38.42 -5.05
CA ALA C 113 -29.89 38.45 -4.65
C ALA C 113 -30.39 37.08 -4.21
N CYS C 114 -30.04 36.03 -4.98
CA CYS C 114 -30.45 34.69 -4.63
C CYS C 114 -29.80 34.23 -3.33
N ASN C 115 -28.53 34.60 -3.11
CA ASN C 115 -27.87 34.25 -1.85
C ASN C 115 -28.55 34.93 -0.68
N LYS C 116 -28.92 36.20 -0.83
CA LYS C 116 -29.62 36.91 0.24
C LYS C 116 -30.99 36.32 0.49
N VAL C 117 -31.66 35.85 -0.57
CA VAL C 117 -32.95 35.19 -0.38
C VAL C 117 -32.78 33.86 0.36
N LEU C 118 -31.78 33.07 -0.02
CA LEU C 118 -31.63 31.73 0.52
C LEU C 118 -31.16 31.75 1.96
N ASP C 119 -30.15 32.57 2.27
CA ASP C 119 -29.58 32.54 3.62
C ASP C 119 -30.52 33.14 4.67
N SER C 120 -31.58 33.83 4.25
CA SER C 120 -32.55 34.36 5.21
C SER C 120 -33.28 33.25 5.94
N ASP C 121 -33.69 32.21 5.20
CA ASP C 121 -34.41 31.07 5.78
C ASP C 121 -33.71 29.79 5.37
N ASN C 122 -33.26 29.01 6.35
CA ASN C 122 -32.56 27.76 6.08
C ASN C 122 -33.48 26.66 5.56
N GLY C 123 -34.80 26.85 5.62
CA GLY C 123 -35.72 25.83 5.17
C GLY C 123 -35.93 25.75 3.68
N ILE C 124 -35.46 26.74 2.93
CA ILE C 124 -35.61 26.75 1.48
C ILE C 124 -34.53 25.86 0.88
N ASP C 125 -34.93 24.70 0.36
CA ASP C 125 -33.95 23.76 -0.19
C ASP C 125 -33.30 24.32 -1.45
N PHE C 126 -34.11 24.78 -2.40
CA PHE C 126 -33.59 25.36 -3.64
C PHE C 126 -34.69 26.16 -4.31
N LEU C 127 -34.30 26.97 -5.28
CA LEU C 127 -35.20 27.84 -6.01
C LEU C 127 -35.26 27.39 -7.47
N ARG C 128 -36.44 27.60 -8.08
CA ARG C 128 -36.72 27.12 -9.43
C ARG C 128 -36.70 28.29 -10.40
N PHE C 129 -35.96 28.12 -11.51
CA PHE C 129 -35.79 29.14 -12.53
C PHE C 129 -36.36 28.62 -13.83
N VAL C 130 -36.95 29.52 -14.63
CA VAL C 130 -37.48 29.18 -15.94
C VAL C 130 -36.81 30.06 -16.97
N LEU C 131 -36.20 29.45 -17.98
CA LEU C 131 -35.48 30.14 -19.04
C LEU C 131 -36.05 29.74 -20.38
N LEU C 132 -36.33 30.73 -21.23
CA LEU C 132 -36.81 30.48 -22.58
C LEU C 132 -36.46 31.69 -23.43
N ASN C 133 -35.48 31.54 -24.32
CA ASN C 133 -35.02 32.62 -25.20
C ASN C 133 -34.53 33.83 -24.37
N ASN C 134 -33.46 33.58 -23.61
CA ASN C 134 -32.81 34.57 -22.74
C ASN C 134 -33.83 35.37 -21.93
N ARG C 135 -34.75 34.63 -21.30
CA ARG C 135 -35.75 35.24 -20.44
C ARG C 135 -35.81 34.41 -19.16
N TRP C 136 -35.50 35.04 -18.02
CA TRP C 136 -35.47 34.35 -16.75
C TRP C 136 -36.66 34.77 -15.90
N ILE C 137 -37.44 33.79 -15.45
CA ILE C 137 -38.62 34.04 -14.62
C ILE C 137 -38.69 32.98 -13.52
N MET C 138 -39.60 33.20 -12.57
CA MET C 138 -39.79 32.30 -11.45
C MET C 138 -41.00 31.41 -11.70
N GLU C 139 -40.93 30.17 -11.22
CA GLU C 139 -42.05 29.25 -11.34
C GLU C 139 -42.60 28.81 -9.98
N ASP C 140 -41.73 28.31 -9.09
CA ASP C 140 -42.18 27.82 -7.79
C ASP C 140 -41.01 27.86 -6.83
N ALA C 141 -41.29 27.56 -5.57
CA ALA C 141 -40.28 27.52 -4.53
C ALA C 141 -40.44 26.23 -3.73
N ILE C 142 -39.33 25.75 -3.17
CA ILE C 142 -39.30 24.51 -2.42
C ILE C 142 -38.74 24.80 -1.04
N SER C 143 -39.60 24.77 -0.03
CA SER C 143 -39.20 24.99 1.35
C SER C 143 -40.06 24.14 2.27
N LYS C 144 -39.42 23.54 3.28
CA LYS C 144 -40.13 22.66 4.20
C LYS C 144 -40.68 23.39 5.41
N TYR C 145 -40.39 24.67 5.59
CA TYR C 145 -40.83 25.42 6.75
C TYR C 145 -41.64 26.66 6.41
N GLN C 146 -41.30 27.35 5.32
CA GLN C 146 -41.95 28.60 4.94
C GLN C 146 -42.69 28.42 3.62
N SER C 147 -43.96 28.81 3.60
CA SER C 147 -44.72 28.80 2.36
C SER C 147 -44.16 29.84 1.40
N PRO C 148 -44.22 29.57 0.09
CA PRO C 148 -43.65 30.54 -0.88
C PRO C 148 -44.34 31.89 -0.88
N VAL C 149 -45.57 31.96 -0.36
CA VAL C 149 -46.37 33.18 -0.45
C VAL C 149 -45.64 34.35 0.20
N ASN C 150 -45.03 34.13 1.36
CA ASN C 150 -44.33 35.21 2.04
C ASN C 150 -43.10 35.65 1.26
N ILE C 151 -42.40 34.70 0.61
CA ILE C 151 -41.16 35.06 -0.07
C ILE C 151 -41.37 35.58 -1.48
N PHE C 152 -42.58 35.49 -2.03
CA PHE C 152 -42.83 36.26 -3.25
C PHE C 152 -42.61 37.75 -3.00
N LYS C 153 -43.05 38.24 -1.84
CA LYS C 153 -42.83 39.64 -1.50
C LYS C 153 -41.35 39.95 -1.42
N LEU C 154 -40.57 39.07 -0.80
CA LEU C 154 -39.13 39.30 -0.68
C LEU C 154 -38.46 39.30 -2.05
N ALA C 155 -38.86 38.37 -2.92
CA ALA C 155 -38.28 38.32 -4.27
C ALA C 155 -38.64 39.57 -5.06
N SER C 156 -39.88 40.05 -4.93
CA SER C 156 -40.28 41.28 -5.62
C SER C 156 -39.59 42.50 -5.05
N GLU C 157 -39.21 42.46 -3.76
CA GLU C 157 -38.54 43.59 -3.15
C GLU C 157 -37.19 43.85 -3.81
N TYR C 158 -36.44 42.80 -4.14
CA TYR C 158 -35.16 42.96 -4.80
C TYR C 158 -35.30 43.39 -6.26
N GLY C 159 -36.53 43.40 -6.80
CA GLY C 159 -36.77 43.71 -8.19
C GLY C 159 -36.87 42.50 -9.09
N LEU C 160 -36.49 41.33 -8.60
CA LEU C 160 -36.56 40.11 -9.40
C LEU C 160 -38.02 39.74 -9.65
N ASN C 161 -38.31 39.29 -10.86
CA ASN C 161 -39.68 39.06 -11.30
C ASN C 161 -40.30 37.89 -10.53
N ILE C 162 -41.60 38.00 -10.28
CA ILE C 162 -42.34 36.97 -9.56
C ILE C 162 -43.54 36.52 -10.39
N PRO C 163 -43.98 35.28 -10.25
CA PRO C 163 -45.12 34.79 -11.03
C PRO C 163 -46.45 35.16 -10.38
N ASN C 164 -47.52 34.65 -10.98
CA ASN C 164 -48.88 34.87 -10.49
C ASN C 164 -49.30 33.66 -9.66
N TYR C 165 -49.51 33.87 -8.36
CA TYR C 165 -49.95 32.84 -7.44
C TYR C 165 -51.36 33.19 -6.95
N LEU C 166 -52.19 32.17 -6.77
CA LEU C 166 -53.55 32.37 -6.26
C LEU C 166 -53.78 31.50 -5.03
N GLU C 167 -54.17 32.14 -3.93
CA GLU C 167 -54.49 31.45 -2.68
C GLU C 167 -56.00 31.36 -2.56
N ILE C 168 -56.54 30.14 -2.66
CA ILE C 168 -57.98 29.92 -2.71
C ILE C 168 -58.37 28.92 -1.63
N GLU C 169 -59.42 29.24 -0.88
CA GLU C 169 -59.94 28.37 0.15
C GLU C 169 -61.15 27.62 -0.39
N ILE C 170 -61.13 26.30 -0.32
CA ILE C 170 -62.19 25.45 -0.83
C ILE C 170 -63.01 24.93 0.34
N GLU C 171 -64.32 25.12 0.27
CA GLU C 171 -65.24 24.72 1.34
C GLU C 171 -65.93 23.39 1.06
N GLU C 172 -66.46 23.22 -0.15
CA GLU C 172 -67.17 22.01 -0.54
C GLU C 172 -66.35 21.24 -1.58
N ASP C 173 -66.87 20.08 -1.96
CA ASP C 173 -66.20 19.26 -2.97
C ASP C 173 -66.24 19.95 -4.32
N THR C 174 -65.11 19.94 -5.02
CA THR C 174 -64.99 20.62 -6.31
C THR C 174 -64.36 19.67 -7.32
N LEU C 175 -64.88 19.70 -8.54
CA LEU C 175 -64.39 18.85 -9.62
C LEU C 175 -63.41 19.63 -10.48
N PHE C 176 -62.21 19.08 -10.66
CA PHE C 176 -61.17 19.74 -11.46
C PHE C 176 -61.37 19.43 -12.93
N ASP C 177 -62.50 19.91 -13.46
CA ASP C 177 -62.86 19.70 -14.85
C ASP C 177 -62.09 20.68 -15.72
N ASP C 178 -62.14 20.48 -17.05
CA ASP C 178 -61.43 21.37 -17.96
C ASP C 178 -61.96 22.80 -17.85
N GLU C 179 -63.25 22.96 -17.57
CA GLU C 179 -63.81 24.29 -17.40
C GLU C 179 -63.18 25.01 -16.21
N LEU C 180 -62.93 24.27 -15.12
CA LEU C 180 -62.25 24.86 -13.97
C LEU C 180 -60.83 25.28 -14.34
N TYR C 181 -60.14 24.46 -15.13
CA TYR C 181 -58.81 24.82 -15.59
C TYR C 181 -58.84 26.10 -16.42
N SER C 182 -59.83 26.23 -17.30
CA SER C 182 -59.96 27.43 -18.11
C SER C 182 -60.25 28.66 -17.24
N ILE C 183 -61.12 28.50 -16.24
CA ILE C 183 -61.43 29.61 -15.34
C ILE C 183 -60.18 30.02 -14.57
N MET C 184 -59.41 29.05 -14.09
CA MET C 184 -58.18 29.36 -13.38
C MET C 184 -57.19 30.09 -14.27
N GLU C 185 -57.04 29.62 -15.52
CA GLU C 185 -56.11 30.26 -16.44
C GLU C 185 -56.54 31.69 -16.74
N ARG C 186 -57.85 31.92 -16.93
CA ARG C 186 -58.33 33.28 -17.14
C ARG C 186 -58.10 34.14 -15.91
N SER C 187 -58.23 33.54 -14.71
CA SER C 187 -57.95 34.26 -13.47
C SER C 187 -56.50 34.70 -13.40
N PHE C 188 -55.58 33.82 -13.83
CA PHE C 188 -54.16 34.20 -13.86
C PHE C 188 -53.92 35.32 -14.86
N ASP C 189 -54.41 35.15 -16.09
CA ASP C 189 -54.25 36.14 -17.17
C ASP C 189 -52.79 36.48 -17.40
N ASP C 190 -52.02 35.47 -17.81
CA ASP C 190 -50.60 35.61 -18.06
C ASP C 190 -50.32 35.42 -19.55
N THR C 191 -49.51 36.31 -20.12
CA THR C 191 -49.20 36.22 -21.53
C THR C 191 -48.32 35.02 -21.86
N PHE C 192 -47.44 34.65 -20.94
CA PHE C 192 -46.55 33.52 -21.17
C PHE C 192 -47.33 32.22 -21.24
N PRO C 193 -46.84 31.23 -21.98
CA PRO C 193 -47.60 29.99 -22.16
C PRO C 193 -47.75 29.22 -20.85
N LYS C 194 -48.89 28.54 -20.72
CA LYS C 194 -49.23 27.76 -19.54
C LYS C 194 -49.05 26.29 -19.91
N ILE C 195 -47.98 25.67 -19.41
CA ILE C 195 -47.77 24.26 -19.74
C ILE C 195 -48.47 23.35 -18.73
N SER C 196 -48.60 23.78 -17.48
CA SER C 196 -49.28 22.96 -16.48
C SER C 196 -49.66 23.84 -15.30
N ILE C 197 -50.30 23.25 -14.29
CA ILE C 197 -50.67 23.98 -13.09
C ILE C 197 -50.30 23.19 -11.85
N SER C 198 -49.43 23.75 -11.00
CA SER C 198 -49.04 23.11 -9.76
C SER C 198 -49.75 23.76 -8.60
N TYR C 199 -50.48 22.98 -7.82
CA TYR C 199 -51.18 23.53 -6.66
C TYR C 199 -50.91 22.69 -5.43
N ILE C 200 -50.80 23.38 -4.29
CA ILE C 200 -50.28 22.80 -3.07
C ILE C 200 -51.30 23.04 -1.95
N LYS C 201 -51.37 22.09 -1.03
CA LYS C 201 -52.22 22.24 0.15
C LYS C 201 -51.40 22.75 1.33
N LEU C 202 -52.03 23.59 2.15
CA LEU C 202 -51.34 24.15 3.31
C LEU C 202 -51.01 23.06 4.32
N GLY C 203 -49.80 23.13 4.88
CA GLY C 203 -49.36 22.16 5.87
C GLY C 203 -48.90 20.83 5.32
N GLU C 204 -48.81 20.68 4.01
CA GLU C 204 -48.38 19.44 3.38
C GLU C 204 -47.06 19.68 2.65
N LEU C 205 -46.07 18.83 2.95
CA LEU C 205 -44.76 18.95 2.31
C LEU C 205 -44.76 18.43 0.88
N LYS C 206 -45.76 17.64 0.51
CA LYS C 206 -45.85 17.13 -0.86
C LYS C 206 -46.54 18.15 -1.76
N ARG C 207 -45.86 18.56 -2.82
CA ARG C 207 -46.41 19.48 -3.80
C ARG C 207 -46.64 18.77 -5.12
N GLN C 208 -47.79 19.04 -5.74
CA GLN C 208 -48.31 18.25 -6.83
C GLN C 208 -48.85 19.13 -7.95
N VAL C 209 -48.87 18.57 -9.16
CA VAL C 209 -49.11 19.31 -10.41
C VAL C 209 -50.16 18.58 -11.23
N VAL C 210 -50.84 19.33 -12.09
CA VAL C 210 -51.89 18.83 -12.96
C VAL C 210 -51.59 19.24 -14.39
N ASP C 211 -51.75 18.28 -15.32
CA ASP C 211 -51.45 18.49 -16.74
C ASP C 211 -52.39 17.58 -17.54
N PHE C 212 -53.36 18.20 -18.23
CA PHE C 212 -54.23 17.44 -19.14
C PHE C 212 -53.55 17.28 -20.49
N PHE C 213 -53.68 16.09 -21.08
CA PHE C 213 -52.96 15.80 -22.30
C PHE C 213 -53.92 15.44 -23.42
N LYS C 214 -53.51 15.76 -24.65
CA LYS C 214 -54.23 15.35 -25.85
C LYS C 214 -53.29 15.39 -27.03
N PHE C 215 -53.46 14.43 -27.94
CA PHE C 215 -52.53 14.19 -29.04
C PHE C 215 -53.29 13.98 -30.34
N SER C 216 -52.66 14.33 -31.45
CA SER C 216 -53.21 14.02 -32.77
C SER C 216 -52.11 14.08 -33.81
N PHE C 217 -52.49 14.12 -35.09
CA PHE C 217 -51.56 14.15 -36.20
C PHE C 217 -51.77 15.41 -37.03
N MET C 218 -50.67 15.99 -37.53
CA MET C 218 -50.75 17.21 -38.32
C MET C 218 -49.52 17.30 -39.21
N TYR C 219 -49.62 18.15 -40.24
CA TYR C 219 -48.59 18.30 -41.26
C TYR C 219 -47.85 19.62 -41.09
N ILE C 220 -46.53 19.54 -41.04
CA ILE C 220 -45.65 20.71 -40.93
C ILE C 220 -45.06 21.00 -42.30
N GLU C 221 -45.08 22.26 -42.71
CA GLU C 221 -44.57 22.63 -44.04
C GLU C 221 -43.05 22.56 -44.07
N SER C 222 -42.39 23.13 -43.08
CA SER C 222 -40.94 23.18 -43.03
C SER C 222 -40.52 23.63 -41.63
N ILE C 223 -39.21 23.58 -41.39
CA ILE C 223 -38.61 24.02 -40.13
C ILE C 223 -37.60 25.10 -40.43
N LYS C 224 -37.79 26.27 -39.85
CA LYS C 224 -36.92 27.43 -40.02
C LYS C 224 -36.23 27.76 -38.70
N VAL C 225 -35.50 28.87 -38.71
CA VAL C 225 -34.79 29.36 -37.52
C VAL C 225 -34.87 30.88 -37.51
N ASP C 226 -34.91 31.46 -36.32
CA ASP C 226 -35.07 32.90 -36.16
C ASP C 226 -33.97 33.46 -35.26
N ARG C 227 -33.61 34.71 -35.51
CA ARG C 227 -32.58 35.39 -34.73
C ARG C 227 -33.12 35.76 -33.36
N ILE C 228 -32.32 35.50 -32.32
CA ILE C 228 -32.74 35.77 -30.95
C ILE C 228 -31.83 36.82 -30.33
N GLY C 229 -30.57 36.87 -30.78
CA GLY C 229 -29.64 37.84 -30.24
C GLY C 229 -28.21 37.63 -30.68
N ASP C 230 -27.28 37.73 -29.73
CA ASP C 230 -25.84 37.63 -30.02
C ASP C 230 -25.49 36.17 -30.25
N ASN C 231 -25.55 35.75 -31.52
CA ASN C 231 -25.15 34.41 -31.94
C ASN C 231 -25.95 33.33 -31.21
N ILE C 232 -27.22 33.61 -30.94
CA ILE C 232 -28.13 32.66 -30.31
C ILE C 232 -29.35 32.50 -31.22
N PHE C 233 -29.67 31.26 -31.58
CA PHE C 233 -30.76 30.96 -32.50
C PHE C 233 -31.55 29.78 -31.96
N ILE C 234 -32.83 29.73 -32.31
CA ILE C 234 -33.69 28.61 -31.94
C ILE C 234 -34.51 28.20 -33.16
N PRO C 235 -34.60 26.91 -33.46
CA PRO C 235 -35.38 26.48 -34.63
C PRO C 235 -36.85 26.83 -34.48
N SER C 236 -37.48 27.14 -35.61
CA SER C 236 -38.89 27.48 -35.67
C SER C 236 -39.57 26.61 -36.71
N VAL C 237 -40.70 26.02 -36.35
CA VAL C 237 -41.44 25.12 -37.23
C VAL C 237 -42.74 25.80 -37.65
N ILE C 238 -43.08 25.70 -38.93
CA ILE C 238 -44.28 26.30 -39.49
C ILE C 238 -45.14 25.21 -40.10
N THR C 239 -46.46 25.42 -40.07
CA THR C 239 -47.42 24.45 -40.56
C THR C 239 -48.23 25.05 -41.71
N LYS C 240 -49.17 24.25 -42.21
CA LYS C 240 -50.06 24.72 -43.27
C LYS C 240 -50.95 25.85 -42.78
N SER C 241 -51.48 25.73 -41.56
CA SER C 241 -52.36 26.75 -41.00
C SER C 241 -51.61 27.98 -40.51
N GLY C 242 -50.29 27.92 -40.40
CA GLY C 242 -49.50 29.06 -39.97
C GLY C 242 -49.35 29.22 -38.48
N LYS C 243 -49.96 28.35 -37.67
CA LYS C 243 -49.81 28.44 -36.23
C LYS C 243 -48.40 28.08 -35.82
N LYS C 244 -47.91 28.73 -34.77
CA LYS C 244 -46.54 28.55 -34.32
C LYS C 244 -46.49 27.51 -33.20
N ILE C 245 -45.58 26.55 -33.33
CA ILE C 245 -45.38 25.51 -32.33
C ILE C 245 -44.04 25.78 -31.64
N LEU C 246 -44.08 25.96 -30.33
CA LEU C 246 -42.86 26.19 -29.56
C LEU C 246 -42.06 24.90 -29.45
N VAL C 247 -40.73 25.04 -29.51
CA VAL C 247 -39.81 23.92 -29.42
C VAL C 247 -38.94 24.10 -28.19
N LYS C 248 -38.80 23.04 -27.40
CA LYS C 248 -38.00 23.10 -26.18
C LYS C 248 -36.56 23.47 -26.50
N ASP C 249 -35.92 22.71 -27.38
CA ASP C 249 -34.50 22.89 -27.69
C ASP C 249 -34.16 22.06 -28.92
N VAL C 250 -32.88 22.09 -29.31
CA VAL C 250 -32.42 21.23 -30.40
C VAL C 250 -32.46 19.77 -29.97
N ASP C 251 -32.19 19.51 -28.69
CA ASP C 251 -32.22 18.14 -28.19
C ASP C 251 -33.60 17.52 -28.34
N HIS C 252 -34.66 18.28 -28.02
CA HIS C 252 -36.01 17.75 -28.20
C HIS C 252 -36.30 17.49 -29.68
N LEU C 253 -35.82 18.36 -30.57
CA LEU C 253 -36.04 18.16 -31.99
C LEU C 253 -35.38 16.88 -32.48
N ILE C 254 -34.12 16.65 -32.08
CA ILE C 254 -33.40 15.49 -32.57
C ILE C 254 -33.92 14.21 -31.93
N ARG C 255 -34.32 14.27 -30.66
CA ARG C 255 -34.82 13.08 -29.97
C ARG C 255 -36.28 12.81 -30.27
N SER C 256 -36.99 13.75 -30.88
CA SER C 256 -38.37 13.53 -31.30
C SER C 256 -38.47 12.91 -32.68
N LYS C 257 -37.35 12.84 -33.41
CA LYS C 257 -37.29 12.20 -34.72
C LYS C 257 -38.27 12.84 -35.71
N VAL C 258 -38.12 14.15 -35.87
CA VAL C 258 -38.96 14.88 -36.81
C VAL C 258 -38.45 14.64 -38.23
N ARG C 259 -39.38 14.63 -39.19
CA ARG C 259 -39.04 14.40 -40.59
C ARG C 259 -39.70 15.47 -41.44
N GLU C 260 -38.97 15.95 -42.44
CA GLU C 260 -39.40 17.09 -43.24
C GLU C 260 -40.45 16.68 -44.27
N HIS C 261 -41.46 17.53 -44.44
CA HIS C 261 -42.60 17.26 -45.32
C HIS C 261 -43.28 15.92 -45.01
N THR C 262 -43.51 15.66 -43.73
CA THR C 262 -44.22 14.47 -43.30
C THR C 262 -45.19 14.81 -42.18
N PHE C 263 -46.25 14.00 -42.08
CA PHE C 263 -47.20 14.12 -40.98
C PHE C 263 -46.54 13.64 -39.69
N VAL C 264 -46.70 14.42 -38.62
CA VAL C 264 -46.14 14.09 -37.32
C VAL C 264 -47.22 14.22 -36.26
N LYS C 265 -47.05 13.48 -35.17
CA LYS C 265 -47.99 13.53 -34.05
C LYS C 265 -47.57 14.64 -33.09
N VAL C 266 -48.56 15.38 -32.60
CA VAL C 266 -48.34 16.62 -31.86
C VAL C 266 -49.25 16.65 -30.64
N LYS C 267 -48.72 17.19 -29.54
CA LYS C 267 -49.42 17.45 -28.30
C LYS C 267 -50.12 18.80 -28.38
N LYS C 268 -51.33 18.89 -27.84
CA LYS C 268 -52.07 20.13 -27.80
C LYS C 268 -52.48 20.50 -26.38
N LYS C 269 -52.52 21.81 -26.13
CA LYS C 269 -53.14 22.43 -24.97
C LYS C 269 -54.25 23.35 -25.46
N ASN C 270 -54.92 24.01 -24.53
CA ASN C 270 -56.02 24.89 -24.90
C ASN C 270 -55.57 26.12 -25.67
N THR C 271 -54.29 26.45 -25.65
CA THR C 271 -53.83 27.70 -26.25
C THR C 271 -52.67 27.49 -27.23
N PHE C 272 -51.90 26.42 -27.08
CA PHE C 272 -50.74 26.20 -27.94
C PHE C 272 -50.46 24.72 -28.09
N SER C 273 -49.69 24.38 -29.12
CA SER C 273 -49.36 23.00 -29.47
C SER C 273 -47.85 22.82 -29.50
N ILE C 274 -47.38 21.68 -29.02
CA ILE C 274 -45.95 21.37 -28.94
C ILE C 274 -45.70 19.99 -29.52
N LEU C 275 -44.56 19.83 -30.18
CA LEU C 275 -44.12 18.52 -30.63
C LEU C 275 -43.71 17.67 -29.42
N TYR C 276 -43.77 16.35 -29.58
CA TYR C 276 -43.46 15.42 -28.51
C TYR C 276 -42.50 14.33 -28.97
N ASP C 277 -42.04 13.55 -27.99
CA ASP C 277 -41.04 12.52 -28.24
C ASP C 277 -41.58 11.39 -29.08
N TYR C 278 -40.69 10.78 -29.86
CA TYR C 278 -41.00 9.58 -30.63
C TYR C 278 -40.68 8.35 -29.79
N ASP C 279 -41.70 7.57 -29.45
CA ASP C 279 -41.53 6.40 -28.61
C ASP C 279 -41.50 5.09 -29.39
N GLY C 280 -41.36 5.16 -30.71
CA GLY C 280 -41.35 3.95 -31.51
C GLY C 280 -40.05 3.17 -31.39
N ASN C 281 -40.07 1.98 -31.98
CA ASN C 281 -38.92 1.08 -31.95
C ASN C 281 -38.12 1.11 -33.24
N GLY C 282 -37.99 2.28 -33.86
CA GLY C 282 -37.26 2.39 -35.10
C GLY C 282 -35.77 2.22 -34.91
N THR C 283 -35.08 1.96 -36.02
CA THR C 283 -33.64 1.76 -36.04
C THR C 283 -32.88 2.99 -36.51
N GLU C 284 -33.51 4.16 -36.51
CA GLU C 284 -32.85 5.37 -36.96
C GLU C 284 -31.69 5.73 -36.02
N THR C 285 -30.60 6.20 -36.62
CA THR C 285 -29.40 6.55 -35.88
C THR C 285 -29.27 8.06 -35.75
N ARG C 286 -28.86 8.51 -34.56
CA ARG C 286 -28.77 9.94 -34.29
C ARG C 286 -27.74 10.62 -35.18
N GLY C 287 -26.67 9.90 -35.54
CA GLY C 287 -25.60 10.51 -36.31
C GLY C 287 -26.06 11.02 -37.67
N GLU C 288 -26.85 10.20 -38.38
CA GLU C 288 -27.35 10.64 -39.67
C GLU C 288 -28.49 11.64 -39.53
N VAL C 289 -29.26 11.56 -38.44
CA VAL C 289 -30.32 12.54 -38.21
C VAL C 289 -29.72 13.93 -38.03
N ILE C 290 -28.61 14.02 -37.30
CA ILE C 290 -27.98 15.32 -37.08
C ILE C 290 -27.59 15.97 -38.40
N LYS C 291 -26.94 15.19 -39.28
CA LYS C 291 -26.51 15.75 -40.56
C LYS C 291 -27.70 16.05 -41.47
N ARG C 292 -28.76 15.24 -41.40
CA ARG C 292 -29.95 15.52 -42.19
C ARG C 292 -30.60 16.83 -41.76
N ILE C 293 -30.70 17.04 -40.44
CA ILE C 293 -31.27 18.29 -39.95
C ILE C 293 -30.38 19.47 -40.32
N ILE C 294 -29.06 19.29 -40.24
CA ILE C 294 -28.14 20.37 -40.62
C ILE C 294 -28.32 20.71 -42.10
N ASP C 295 -28.40 19.69 -42.96
CA ASP C 295 -28.57 19.93 -44.39
C ASP C 295 -29.89 20.63 -44.68
N THR C 296 -30.96 20.23 -43.99
CA THR C 296 -32.25 20.89 -44.18
C THR C 296 -32.18 22.35 -43.72
N ILE C 297 -31.49 22.61 -42.61
CA ILE C 297 -31.41 23.97 -42.10
C ILE C 297 -30.25 24.76 -42.69
N GLY C 298 -29.29 24.10 -43.34
CA GLY C 298 -28.18 24.79 -43.95
C GLY C 298 -26.84 24.42 -43.34
N ARG C 299 -25.78 24.44 -44.16
CA ARG C 299 -24.45 24.06 -43.71
C ARG C 299 -23.73 25.19 -42.98
N ASP C 300 -24.32 26.39 -42.92
CA ASP C 300 -23.70 27.53 -42.25
C ASP C 300 -23.97 27.54 -40.75
N TYR C 301 -24.39 26.42 -40.17
CA TYR C 301 -24.79 26.34 -38.78
C TYR C 301 -23.99 25.27 -38.05
N TYR C 302 -23.65 25.54 -36.79
CA TYR C 302 -23.03 24.58 -35.91
C TYR C 302 -23.67 24.68 -34.53
N VAL C 303 -23.90 23.53 -33.91
CA VAL C 303 -24.69 23.46 -32.68
C VAL C 303 -23.79 23.71 -31.48
N ASN C 304 -24.17 24.68 -30.65
CA ASN C 304 -23.52 24.88 -29.36
C ASN C 304 -24.27 24.15 -28.25
N GLY C 305 -24.58 22.88 -28.46
CA GLY C 305 -25.33 22.18 -27.44
C GLY C 305 -26.82 22.43 -27.60
N LYS C 306 -27.32 23.44 -26.88
CA LYS C 306 -28.74 23.73 -26.78
C LYS C 306 -29.25 24.68 -27.86
N TYR C 307 -28.37 25.24 -28.69
CA TYR C 307 -28.80 26.26 -29.64
C TYR C 307 -28.12 26.08 -31.00
N PHE C 308 -28.19 27.12 -31.83
CA PHE C 308 -27.46 27.20 -33.09
C PHE C 308 -26.72 28.54 -33.15
N SER C 309 -25.70 28.59 -33.99
CA SER C 309 -24.86 29.78 -34.10
C SER C 309 -24.53 30.07 -35.55
N LYS C 310 -24.07 31.30 -35.79
CA LYS C 310 -23.66 31.74 -37.11
C LYS C 310 -22.28 31.19 -37.45
N VAL C 311 -21.87 31.41 -38.69
CA VAL C 311 -20.52 31.06 -39.14
C VAL C 311 -19.96 32.29 -39.85
N GLY C 312 -20.59 33.44 -39.64
CA GLY C 312 -20.22 34.63 -40.38
C GLY C 312 -18.78 35.03 -40.16
N ILE C 313 -18.16 35.54 -41.22
CA ILE C 313 -16.74 35.88 -41.21
C ILE C 313 -16.50 37.11 -40.34
N ALA C 314 -17.03 38.26 -40.78
CA ALA C 314 -16.86 39.54 -40.09
C ALA C 314 -15.41 39.76 -39.67
N GLY C 315 -14.99 39.07 -38.60
CA GLY C 315 -13.61 39.09 -38.16
C GLY C 315 -13.29 40.11 -37.08
N LEU C 316 -13.41 41.40 -37.39
CA LEU C 316 -13.01 42.44 -36.46
C LEU C 316 -14.16 42.95 -35.60
N LYS C 317 -15.40 42.85 -36.08
CA LYS C 317 -16.56 43.27 -35.29
C LYS C 317 -17.00 42.18 -34.30
N GLN C 318 -16.04 41.66 -33.57
CA GLN C 318 -16.32 40.70 -32.49
C GLN C 318 -15.62 41.07 -31.20
N LEU C 319 -14.38 41.56 -31.26
CA LEU C 319 -13.68 41.92 -30.03
C LEU C 319 -14.29 43.15 -29.39
N THR C 320 -14.77 44.09 -30.20
CA THR C 320 -15.41 45.28 -29.65
C THR C 320 -16.65 44.92 -28.85
N ASN C 321 -17.43 43.96 -29.34
CA ASN C 321 -18.66 43.58 -28.66
C ASN C 321 -18.38 42.98 -27.29
N LYS C 322 -17.44 42.02 -27.23
CA LYS C 322 -17.12 41.39 -25.96
C LYS C 322 -16.43 42.36 -25.01
N LEU C 323 -15.53 43.19 -25.54
CA LEU C 323 -14.84 44.17 -24.73
C LEU C 323 -15.73 45.31 -24.28
N ASP C 324 -16.94 45.43 -24.85
CA ASP C 324 -17.88 46.50 -24.52
C ASP C 324 -17.24 47.87 -24.73
N ILE C 325 -16.54 48.01 -25.86
CA ILE C 325 -15.86 49.23 -26.24
C ILE C 325 -16.50 49.74 -27.54
N ASN C 326 -16.03 50.90 -27.99
CA ASN C 326 -16.57 51.52 -29.18
C ASN C 326 -16.12 50.76 -30.44
N GLU C 327 -16.68 51.15 -31.57
CA GLU C 327 -16.32 50.54 -32.85
C GLU C 327 -14.87 50.86 -33.21
N CYS C 328 -14.24 49.95 -33.94
CA CYS C 328 -12.85 50.08 -34.33
C CYS C 328 -12.71 50.02 -35.84
N ALA C 329 -11.80 50.82 -36.37
CA ALA C 329 -11.56 50.89 -37.81
C ALA C 329 -10.18 50.38 -38.21
N THR C 330 -9.11 50.91 -37.62
CA THR C 330 -7.75 50.51 -37.95
C THR C 330 -7.04 50.02 -36.69
N VAL C 331 -5.82 49.52 -36.89
CA VAL C 331 -5.10 48.89 -35.79
C VAL C 331 -4.65 49.93 -34.76
N ASP C 332 -4.12 51.06 -35.23
CA ASP C 332 -3.58 52.05 -34.29
C ASP C 332 -4.66 52.63 -33.39
N GLU C 333 -5.80 53.02 -33.98
CA GLU C 333 -6.90 53.53 -33.16
C GLU C 333 -7.47 52.43 -32.28
N LEU C 334 -7.46 51.18 -32.73
CA LEU C 334 -7.89 50.07 -31.88
C LEU C 334 -7.00 49.97 -30.65
N VAL C 335 -5.68 50.05 -30.84
CA VAL C 335 -4.76 50.00 -29.71
C VAL C 335 -4.98 51.18 -28.78
N ASP C 336 -5.18 52.38 -29.36
CA ASP C 336 -5.41 53.56 -28.53
C ASP C 336 -6.68 53.43 -27.70
N GLU C 337 -7.77 52.94 -28.31
CA GLU C 337 -9.02 52.79 -27.59
C GLU C 337 -8.90 51.70 -26.52
N ILE C 338 -8.15 50.64 -26.81
CA ILE C 338 -7.91 49.61 -25.81
C ILE C 338 -7.13 50.18 -24.63
N ASN C 339 -6.12 51.00 -24.91
CA ASN C 339 -5.31 51.58 -23.84
C ASN C 339 -6.14 52.56 -23.01
N LYS C 340 -7.01 53.32 -23.66
CA LYS C 340 -7.76 54.37 -22.95
C LYS C 340 -8.71 53.80 -21.90
N SER C 341 -9.10 52.54 -22.01
CA SER C 341 -9.93 51.93 -20.98
C SER C 341 -9.06 51.43 -19.83
N GLY C 342 -9.59 51.51 -18.61
CA GLY C 342 -8.81 51.15 -17.44
C GLY C 342 -9.43 50.08 -16.57
N THR C 343 -10.75 49.89 -16.69
CA THR C 343 -11.48 48.94 -15.86
C THR C 343 -11.46 47.53 -16.41
N VAL C 344 -11.63 47.37 -17.73
CA VAL C 344 -11.70 46.04 -18.32
C VAL C 344 -10.32 45.38 -18.35
N LYS C 345 -9.25 46.15 -18.11
CA LYS C 345 -7.89 45.68 -18.31
C LYS C 345 -7.61 44.35 -17.62
N ARG C 346 -8.10 44.18 -16.39
CA ARG C 346 -7.78 42.96 -15.65
C ARG C 346 -8.27 41.71 -16.37
N LYS C 347 -9.43 41.79 -17.02
CA LYS C 347 -9.90 40.64 -17.79
C LYS C 347 -8.91 40.28 -18.89
N ILE C 348 -8.30 41.28 -19.54
CA ILE C 348 -7.24 41.00 -20.49
C ILE C 348 -6.00 40.47 -19.76
N LYS C 349 -5.72 41.01 -18.58
CA LYS C 349 -4.47 40.71 -17.88
C LYS C 349 -4.55 39.47 -17.00
N ASN C 350 -5.73 38.86 -16.86
CA ASN C 350 -5.89 37.68 -16.02
C ASN C 350 -6.43 36.47 -16.77
N GLN C 351 -6.53 36.53 -18.09
CA GLN C 351 -7.12 35.46 -18.88
C GLN C 351 -6.28 35.26 -20.13
N SER C 352 -6.27 34.02 -20.62
CA SER C 352 -5.36 33.63 -21.69
C SER C 352 -5.84 34.19 -23.04
N VAL C 353 -5.17 33.75 -24.11
CA VAL C 353 -5.48 34.22 -25.45
C VAL C 353 -6.38 33.24 -26.20
N PHE C 354 -6.10 31.94 -26.07
CA PHE C 354 -6.89 30.93 -26.77
C PHE C 354 -8.34 30.96 -26.32
N ASP C 355 -8.58 30.96 -25.02
CA ASP C 355 -9.94 30.99 -24.51
C ASP C 355 -10.60 32.34 -24.79
N LEU C 356 -9.81 33.42 -24.81
CA LEU C 356 -10.36 34.72 -25.15
C LEU C 356 -10.86 34.74 -26.58
N SER C 357 -10.08 34.19 -27.52
CA SER C 357 -10.54 34.09 -28.90
C SER C 357 -11.75 33.20 -29.02
N ARG C 358 -11.77 32.08 -28.27
CA ARG C 358 -12.91 31.18 -28.30
C ARG C 358 -14.18 31.89 -27.85
N GLU C 359 -14.10 32.67 -26.77
CA GLU C 359 -15.26 33.43 -26.32
C GLU C 359 -15.63 34.51 -27.31
N CYS C 360 -14.63 35.16 -27.92
CA CYS C 360 -14.91 36.22 -28.88
C CYS C 360 -15.70 35.70 -30.07
N LEU C 361 -15.33 34.53 -30.58
CA LEU C 361 -16.08 33.90 -31.65
C LEU C 361 -17.09 32.88 -31.15
N GLY C 362 -17.24 32.75 -29.84
CA GLY C 362 -18.29 31.91 -29.28
C GLY C 362 -18.18 30.44 -29.60
N TYR C 363 -16.97 29.90 -29.70
CA TYR C 363 -16.79 28.50 -30.02
C TYR C 363 -17.11 27.64 -28.80
N PRO C 364 -17.58 26.41 -29.00
CA PRO C 364 -17.77 25.50 -27.88
C PRO C 364 -16.43 25.12 -27.27
N GLU C 365 -16.46 24.76 -25.99
CA GLU C 365 -15.24 24.36 -25.30
C GLU C 365 -14.77 22.98 -25.77
N ALA C 366 -15.61 21.96 -25.54
CA ALA C 366 -15.20 20.59 -25.84
C ALA C 366 -14.95 20.39 -27.33
N ASP C 367 -15.83 20.94 -28.17
CA ASP C 367 -15.70 20.72 -29.61
C ASP C 367 -14.39 21.27 -30.14
N PHE C 368 -14.11 22.54 -29.86
CA PHE C 368 -12.88 23.15 -30.37
C PHE C 368 -11.64 22.53 -29.74
N ILE C 369 -11.70 22.21 -28.44
CA ILE C 369 -10.56 21.58 -27.78
C ILE C 369 -10.24 20.24 -28.43
N THR C 370 -11.28 19.45 -28.73
CA THR C 370 -11.06 18.18 -29.41
C THR C 370 -10.52 18.39 -30.81
N LEU C 371 -11.03 19.38 -31.53
CA LEU C 371 -10.57 19.60 -32.90
C LEU C 371 -9.10 19.98 -32.95
N VAL C 372 -8.69 20.93 -32.10
CA VAL C 372 -7.35 21.48 -32.21
C VAL C 372 -6.25 20.52 -31.80
N ASN C 373 -6.61 19.34 -31.27
CA ASN C 373 -5.63 18.34 -30.85
C ASN C 373 -5.38 17.28 -31.92
N ASN C 374 -5.94 17.44 -33.13
CA ASN C 374 -5.86 16.41 -34.14
C ASN C 374 -5.35 16.92 -35.47
N MET C 375 -4.89 18.16 -35.55
CA MET C 375 -4.42 18.75 -36.80
C MET C 375 -3.34 19.78 -36.51
N ARG C 376 -2.28 19.74 -37.32
CA ARG C 376 -1.01 20.37 -37.01
C ARG C 376 -0.93 21.80 -37.52
N PHE C 377 0.00 22.55 -36.93
CA PHE C 377 0.23 23.96 -37.21
C PHE C 377 1.67 24.20 -37.64
N LYS C 378 1.96 25.47 -37.90
CA LYS C 378 3.32 25.94 -38.18
C LYS C 378 3.41 27.34 -37.57
N ILE C 379 4.34 27.53 -36.64
CA ILE C 379 4.48 28.79 -35.90
C ILE C 379 5.79 29.45 -36.33
N GLU C 380 5.71 30.75 -36.62
CA GLU C 380 6.89 31.54 -36.96
C GLU C 380 6.78 32.90 -36.28
N ASN C 381 7.86 33.32 -35.63
CA ASN C 381 7.92 34.60 -34.92
C ASN C 381 6.78 34.72 -33.90
N CYS C 382 6.55 33.63 -33.18
CA CYS C 382 5.50 33.53 -32.18
C CYS C 382 4.12 33.85 -32.75
N LYS C 383 3.90 33.52 -34.02
CA LYS C 383 2.64 33.79 -34.69
C LYS C 383 2.24 32.56 -35.50
N VAL C 384 0.94 32.40 -35.71
CA VAL C 384 0.40 31.32 -36.53
C VAL C 384 0.40 31.79 -37.98
N VAL C 385 0.95 30.95 -38.87
CA VAL C 385 1.06 31.28 -40.28
C VAL C 385 0.39 30.23 -41.16
N ASN C 386 0.60 28.95 -40.87
CA ASN C 386 0.09 27.87 -41.70
C ASN C 386 -0.47 26.75 -40.83
N PHE C 387 -1.41 26.00 -41.37
CA PHE C 387 -1.98 24.87 -40.66
C PHE C 387 -2.43 23.82 -41.67
N ASN C 388 -2.51 22.58 -41.21
CA ASN C 388 -2.92 21.48 -42.06
C ASN C 388 -3.43 20.34 -41.20
N ILE C 389 -4.46 19.67 -41.69
CA ILE C 389 -5.07 18.57 -40.96
C ILE C 389 -4.20 17.34 -41.10
N GLU C 390 -4.10 16.58 -40.01
CA GLU C 390 -3.30 15.36 -39.95
C GLU C 390 -4.14 14.10 -40.09
N ASN C 391 -5.22 14.00 -39.32
CA ASN C 391 -6.14 12.88 -39.41
C ASN C 391 -7.51 13.40 -39.79
N THR C 392 -8.09 12.81 -40.84
CA THR C 392 -9.34 13.31 -41.41
C THR C 392 -10.58 12.63 -40.84
N ASN C 393 -10.42 11.66 -39.94
CA ASN C 393 -11.59 10.99 -39.36
C ASN C 393 -12.44 11.97 -38.55
N CYS C 394 -11.80 12.87 -37.81
CA CYS C 394 -12.53 13.79 -36.95
C CYS C 394 -13.48 14.70 -37.74
N LEU C 395 -13.26 14.84 -39.04
CA LEU C 395 -14.13 15.63 -39.90
C LEU C 395 -15.49 14.97 -40.14
N ASN C 396 -15.67 13.72 -39.68
CA ASN C 396 -16.92 13.02 -39.94
C ASN C 396 -18.12 13.78 -39.39
N ASN C 397 -17.97 14.41 -38.24
CA ASN C 397 -19.04 15.23 -37.67
C ASN C 397 -19.17 16.51 -38.50
N PRO C 398 -20.35 16.83 -39.01
CA PRO C 398 -20.49 18.07 -39.80
C PRO C 398 -20.15 19.33 -39.02
N SER C 399 -20.36 19.34 -37.71
CA SER C 399 -19.94 20.49 -36.91
C SER C 399 -18.44 20.69 -36.99
N ILE C 400 -17.68 19.60 -37.03
CA ILE C 400 -16.24 19.71 -37.24
C ILE C 400 -15.94 20.38 -38.57
N GLU C 401 -16.67 20.00 -39.62
CA GLU C 401 -16.44 20.61 -40.93
C GLU C 401 -16.75 22.09 -40.91
N THR C 402 -17.86 22.49 -40.27
CA THR C 402 -18.20 23.90 -40.19
C THR C 402 -17.14 24.68 -39.43
N ILE C 403 -16.67 24.13 -38.30
CA ILE C 403 -15.64 24.80 -37.52
C ILE C 403 -14.35 24.91 -38.33
N TYR C 404 -14.02 23.87 -39.09
CA TYR C 404 -12.83 23.90 -39.92
C TYR C 404 -12.94 24.98 -40.99
N GLY C 405 -14.14 25.12 -41.57
CA GLY C 405 -14.35 26.19 -42.54
C GLY C 405 -14.21 27.57 -41.92
N ASN C 406 -14.69 27.73 -40.69
CA ASN C 406 -14.58 29.02 -40.01
C ASN C 406 -13.20 29.27 -39.43
N PHE C 407 -12.35 28.24 -39.36
CA PHE C 407 -11.02 28.35 -38.75
C PHE C 407 -10.13 29.37 -39.45
N ASN C 408 -10.38 29.65 -40.72
CA ASN C 408 -9.59 30.64 -41.47
C ASN C 408 -9.75 32.04 -40.92
N GLN C 409 -10.88 32.36 -40.28
CA GLN C 409 -11.04 33.63 -39.59
C GLN C 409 -10.57 33.58 -38.16
N PHE C 410 -10.64 32.40 -37.52
CA PHE C 410 -10.11 32.25 -36.18
C PHE C 410 -8.61 32.50 -36.16
N VAL C 411 -7.89 32.01 -37.18
CA VAL C 411 -6.45 32.25 -37.22
C VAL C 411 -6.15 33.74 -37.35
N SER C 412 -6.92 34.46 -38.17
CA SER C 412 -6.67 35.88 -38.37
C SER C 412 -6.97 36.68 -37.11
N ILE C 413 -8.09 36.39 -36.45
CA ILE C 413 -8.41 37.09 -35.21
C ILE C 413 -7.39 36.75 -34.13
N PHE C 414 -6.89 35.50 -34.13
CA PHE C 414 -5.84 35.13 -33.19
C PHE C 414 -4.58 35.93 -33.43
N ASN C 415 -4.19 36.09 -34.70
CA ASN C 415 -3.02 36.90 -35.02
C ASN C 415 -3.20 38.34 -34.57
N THR C 416 -4.39 38.92 -34.81
CA THR C 416 -4.63 40.30 -34.41
C THR C 416 -4.59 40.45 -32.88
N VAL C 417 -5.16 39.48 -32.16
CA VAL C 417 -5.13 39.53 -30.70
C VAL C 417 -3.70 39.44 -30.19
N THR C 418 -2.90 38.55 -30.78
CA THR C 418 -1.49 38.48 -30.38
C THR C 418 -0.76 39.78 -30.69
N ASP C 419 -1.04 40.38 -31.83
CA ASP C 419 -0.41 41.65 -32.18
C ASP C 419 -0.73 42.72 -31.16
N VAL C 420 -2.01 42.87 -30.80
CA VAL C 420 -2.39 43.91 -29.85
C VAL C 420 -1.86 43.58 -28.46
N LYS C 421 -1.78 42.28 -28.11
CA LYS C 421 -1.23 41.91 -26.81
C LYS C 421 0.25 42.27 -26.72
N LYS C 422 1.00 42.03 -27.79
CA LYS C 422 2.40 42.46 -27.80
C LYS C 422 2.52 43.96 -27.77
N ARG C 423 1.62 44.67 -28.46
CA ARG C 423 1.67 46.13 -28.50
C ARG C 423 1.42 46.72 -27.11
N LEU C 424 0.42 46.21 -26.39
CA LEU C 424 0.14 46.74 -25.06
C LEU C 424 1.25 46.35 -24.08
N PHE C 425 1.74 45.11 -24.17
CA PHE C 425 2.81 44.64 -23.30
C PHE C 425 3.60 43.53 -23.97
#